data_4IXX
#
_entry.id   4IXX
#
_cell.length_a   73.064
_cell.length_b   132.432
_cell.length_c   75.028
_cell.angle_alpha   90.000
_cell.angle_beta   95.720
_cell.angle_gamma   90.000
#
_symmetry.space_group_name_H-M   'P 1 21 1'
#
loop_
_entity.id
_entity.type
_entity.pdbx_description
1 polymer '3-deoxy-D-arabino-heptulosonate 7-phosphate synthase'
2 non-polymer 'MANGANESE (II) ION'
3 non-polymer 'SULFATE ION'
4 water water
#
_entity_poly.entity_id   1
_entity_poly.type   'polypeptide(L)'
_entity_poly.pdbx_seq_one_letter_code
;MTHHYPTDDIKIKEVKELLPPIAHLYELPISKEASGLVHRTRQEISDLVHGRDKRLLVIIGPCSIHDPKAALEYAERLLK
LRKQYENELLIVMRVYFEKPRTTVGWKGLINDPHLDGTFDINFGLRQARSLLLSLNNMGMPASTEFLDMITPQYYADLIS
WGAIGARTTESQVHRELASGLSCPVGFKNGTDGNLKIAIDAIGAASHSHHFLGVTKAGHSAIVHTGGNPDCHVILRGGKE
PNYDAEHVSEAAEQLRAAGVTDKLMIDCSHANSRKDYTRQMEVAQDIAAQLEQDGGNIMGVMVESHLVEGRQDKPEVYGK
SITDACIGWGATEELLALLAGANKKRMARAS
;
_entity_poly.pdbx_strand_id   A,B,C,D
#
loop_
_chem_comp.id
_chem_comp.type
_chem_comp.name
_chem_comp.formula
MN non-polymer 'MANGANESE (II) ION' 'Mn 2'
SO4 non-polymer 'SULFATE ION' 'O4 S -2'
#
# COMPACT_ATOMS: atom_id res chain seq x y z
N LYS A 11 22.98 -1.00 -6.83
CA LYS A 11 23.32 0.42 -6.47
C LYS A 11 22.25 1.15 -5.63
N ILE A 12 21.50 0.40 -4.82
CA ILE A 12 20.57 0.95 -3.81
C ILE A 12 21.04 0.40 -2.45
N LYS A 13 21.36 1.30 -1.52
CA LYS A 13 21.82 0.91 -0.17
C LYS A 13 20.66 0.42 0.70
N GLU A 14 19.58 1.19 0.71
CA GLU A 14 18.44 0.94 1.58
C GLU A 14 17.08 1.50 1.12
N VAL A 15 16.02 0.95 1.72
CA VAL A 15 14.64 1.44 1.56
C VAL A 15 13.99 1.53 2.95
N LYS A 16 13.53 2.71 3.34
CA LYS A 16 13.02 2.93 4.72
C LYS A 16 11.54 3.34 4.86
N GLU A 17 11.05 3.26 6.10
CA GLU A 17 9.62 3.35 6.38
C GLU A 17 9.19 4.76 6.11
N LEU A 18 8.18 4.97 5.29
CA LEU A 18 7.65 6.30 5.11
C LEU A 18 6.19 6.41 5.50
N LEU A 19 5.83 7.38 6.34
CA LEU A 19 4.44 7.58 6.68
C LEU A 19 3.71 8.28 5.55
N PRO A 20 2.46 7.87 5.28
CA PRO A 20 1.72 8.46 4.20
C PRO A 20 1.09 9.79 4.60
N PRO A 21 0.71 10.60 3.62
CA PRO A 21 0.19 11.90 3.93
C PRO A 21 -0.98 11.85 4.88
N ILE A 22 -1.84 10.85 4.75
CA ILE A 22 -2.98 10.76 5.67
C ILE A 22 -2.62 10.75 7.16
N ALA A 23 -1.48 10.18 7.51
CA ALA A 23 -0.98 10.25 8.89
C ALA A 23 -0.79 11.69 9.39
N HIS A 24 -0.13 12.51 8.58
CA HIS A 24 0.14 13.87 8.93
C HIS A 24 -1.15 14.67 8.86
N LEU A 25 -1.99 14.39 7.86
CA LEU A 25 -3.29 15.06 7.73
C LEU A 25 -4.22 14.77 8.91
N TYR A 26 -4.05 13.63 9.55
CA TYR A 26 -4.81 13.29 10.74
C TYR A 26 -4.36 14.09 11.96
N GLU A 27 -3.05 14.26 12.12
CA GLU A 27 -2.51 14.96 13.33
C GLU A 27 -2.68 16.44 13.23
N LEU A 28 -2.65 16.92 12.00
CA LEU A 28 -2.57 18.33 11.72
C LEU A 28 -3.56 18.67 10.62
N PRO A 29 -4.84 18.47 10.88
CA PRO A 29 -5.82 18.74 9.84
C PRO A 29 -5.88 20.21 9.61
N ILE A 30 -6.15 20.59 8.38
CA ILE A 30 -6.30 21.98 8.06
C ILE A 30 -7.48 22.60 8.83
N SER A 31 -7.24 23.73 9.48
CA SER A 31 -8.29 24.42 10.21
C SER A 31 -9.16 25.23 9.23
N LYS A 32 -10.38 25.55 9.66
CA LYS A 32 -11.29 26.39 8.88
C LYS A 32 -10.63 27.71 8.47
N GLU A 33 -9.88 28.30 9.40
CA GLU A 33 -9.33 29.63 9.19
C GLU A 33 -8.19 29.53 8.15
N ALA A 34 -7.38 28.48 8.26
CA ALA A 34 -6.34 28.21 7.25
C ALA A 34 -6.93 27.91 5.88
N SER A 35 -7.92 27.06 5.85
CA SER A 35 -8.59 26.70 4.63
C SER A 35 -9.14 27.95 3.91
N GLY A 36 -9.78 28.83 4.67
CA GLY A 36 -10.32 30.07 4.12
C GLY A 36 -9.26 31.01 3.56
N LEU A 37 -8.15 31.14 4.28
CA LEU A 37 -7.05 31.97 3.84
C LEU A 37 -6.45 31.43 2.53
N VAL A 38 -6.23 30.11 2.48
CA VAL A 38 -5.63 29.51 1.29
C VAL A 38 -6.49 29.74 0.07
N HIS A 39 -7.75 29.31 0.20
CA HIS A 39 -8.73 29.42 -0.87
C HIS A 39 -8.82 30.87 -1.38
N ARG A 40 -8.83 31.78 -0.44
CA ARG A 40 -8.93 33.21 -0.73
C ARG A 40 -7.71 33.78 -1.47
N THR A 41 -6.54 33.44 -0.96
CA THR A 41 -5.29 33.95 -1.49
C THR A 41 -5.05 33.39 -2.90
N ARG A 42 -5.50 32.18 -3.10
CA ARG A 42 -5.39 31.58 -4.43
C ARG A 42 -6.20 32.34 -5.44
N GLN A 43 -7.45 32.66 -5.08
CA GLN A 43 -8.30 33.51 -5.93
C GLN A 43 -7.65 34.87 -6.17
N GLU A 44 -7.20 35.50 -5.09
CA GLU A 44 -6.62 36.84 -5.21
C GLU A 44 -5.44 36.83 -6.20
N ILE A 45 -4.63 35.77 -6.12
CA ILE A 45 -3.48 35.67 -6.99
C ILE A 45 -3.89 35.37 -8.44
N SER A 46 -4.81 34.44 -8.60
CA SER A 46 -5.40 34.17 -9.91
C SER A 46 -5.85 35.48 -10.57
N ASP A 47 -6.51 36.34 -9.80
CA ASP A 47 -6.92 37.66 -10.30
C ASP A 47 -5.73 38.49 -10.82
N LEU A 48 -4.60 38.41 -10.11
CA LEU A 48 -3.41 39.15 -10.54
C LEU A 48 -2.83 38.55 -11.81
N VAL A 49 -2.80 37.23 -11.86
CA VAL A 49 -2.27 36.52 -13.03
C VAL A 49 -3.01 36.86 -14.31
N HIS A 50 -4.34 36.99 -14.20
CA HIS A 50 -5.18 37.25 -15.37
C HIS A 50 -5.57 38.75 -15.58
N GLY A 51 -4.93 39.67 -14.86
CA GLY A 51 -5.16 41.12 -15.03
C GLY A 51 -6.47 41.70 -14.50
N ARG A 52 -7.11 41.03 -13.55
CA ARG A 52 -8.38 41.47 -12.98
C ARG A 52 -8.19 42.36 -11.76
N ASP A 53 -7.00 42.36 -11.20
CA ASP A 53 -6.64 43.22 -10.06
C ASP A 53 -5.18 43.65 -10.29
N LYS A 54 -4.86 44.87 -9.88
CA LYS A 54 -3.58 45.50 -10.23
C LYS A 54 -2.65 45.56 -9.05
N ARG A 55 -3.07 45.01 -7.93
CA ARG A 55 -2.14 44.86 -6.83
C ARG A 55 -0.93 44.06 -7.31
N LEU A 56 0.14 44.18 -6.56
CA LEU A 56 1.37 43.51 -6.88
C LEU A 56 1.61 42.32 -5.92
N LEU A 57 1.71 41.12 -6.47
CA LEU A 57 2.04 39.94 -5.66
C LEU A 57 3.52 40.03 -5.21
N VAL A 58 3.76 39.82 -3.93
CA VAL A 58 5.11 39.84 -3.39
C VAL A 58 5.40 38.54 -2.66
N ILE A 59 6.16 37.68 -3.31
CA ILE A 59 6.60 36.44 -2.70
C ILE A 59 7.91 36.74 -2.02
N ILE A 60 7.94 36.68 -0.70
CA ILE A 60 9.10 37.20 0.04
C ILE A 60 9.34 36.44 1.32
N GLY A 61 10.61 36.20 1.58
CA GLY A 61 11.04 35.56 2.78
C GLY A 61 12.32 34.79 2.49
N PRO A 62 12.69 33.88 3.39
CA PRO A 62 13.95 33.17 3.27
C PRO A 62 14.12 32.36 2.02
N CYS A 63 15.37 32.25 1.60
CA CYS A 63 15.73 31.36 0.49
C CYS A 63 15.28 29.93 0.86
N SER A 64 15.51 29.54 2.11
CA SER A 64 15.08 28.23 2.58
C SER A 64 14.77 28.31 4.04
N ILE A 65 13.82 27.49 4.48
CA ILE A 65 13.51 27.38 5.90
C ILE A 65 14.41 26.32 6.50
N HIS A 66 15.21 26.72 7.48
CA HIS A 66 15.95 25.73 8.28
C HIS A 66 15.59 25.74 9.75
N ASP A 67 14.74 26.66 10.15
CA ASP A 67 14.39 26.85 11.58
C ASP A 67 13.00 27.44 11.73
N PRO A 68 12.02 26.59 12.01
CA PRO A 68 10.65 27.03 12.19
C PRO A 68 10.44 28.21 13.12
N LYS A 69 11.19 28.29 14.19
CA LYS A 69 10.97 29.38 15.18
C LYS A 69 11.29 30.72 14.53
N ALA A 70 12.47 30.80 13.91
CA ALA A 70 12.82 31.97 13.13
C ALA A 70 11.77 32.26 12.07
N ALA A 71 11.29 31.23 11.41
CA ALA A 71 10.29 31.44 10.37
C ALA A 71 9.01 32.04 10.95
N LEU A 72 8.60 31.59 12.13
CA LEU A 72 7.42 32.14 12.78
C LEU A 72 7.60 33.58 13.19
N GLU A 73 8.76 33.92 13.75
CA GLU A 73 9.03 35.30 14.12
C GLU A 73 9.04 36.22 12.89
N TYR A 74 9.70 35.74 11.82
CA TYR A 74 9.74 36.46 10.55
C TYR A 74 8.30 36.72 10.11
N ALA A 75 7.50 35.67 10.13
CA ALA A 75 6.09 35.76 9.71
C ALA A 75 5.29 36.83 10.46
N GLU A 76 5.52 36.92 11.76
CA GLU A 76 4.78 37.83 12.58
C GLU A 76 5.12 39.26 12.19
N ARG A 77 6.40 39.53 11.90
CA ARG A 77 6.76 40.85 11.44
C ARG A 77 6.15 41.13 10.07
N LEU A 78 6.26 40.16 9.17
CA LEU A 78 5.83 40.36 7.80
C LEU A 78 4.32 40.59 7.80
N LEU A 79 3.61 39.93 8.70
CA LEU A 79 2.18 40.06 8.76
C LEU A 79 1.71 41.50 8.94
N LYS A 80 2.35 42.25 9.83
CA LYS A 80 1.98 43.66 9.99
C LYS A 80 2.04 44.41 8.66
N LEU A 81 3.07 44.12 7.87
CA LEU A 81 3.30 44.80 6.59
C LEU A 81 2.36 44.28 5.53
N ARG A 82 2.07 43.00 5.57
CA ARG A 82 1.02 42.44 4.71
C ARG A 82 -0.29 43.23 4.87
N LYS A 83 -0.65 43.49 6.12
CA LYS A 83 -1.89 44.19 6.45
C LYS A 83 -1.78 45.70 6.06
N GLN A 84 -0.70 46.33 6.49
CA GLN A 84 -0.45 47.72 6.17
C GLN A 84 -0.53 48.01 4.68
N TYR A 85 0.04 47.13 3.86
CA TYR A 85 0.12 47.41 2.40
C TYR A 85 -0.92 46.66 1.58
N GLU A 86 -1.97 46.16 2.24
CA GLU A 86 -2.89 45.21 1.60
C GLU A 86 -3.64 45.78 0.37
N ASN A 87 -3.73 47.11 0.26
CA ASN A 87 -4.45 47.73 -0.88
C ASN A 87 -3.60 47.92 -2.14
N GLU A 88 -2.28 47.90 -1.96
CA GLU A 88 -1.28 47.96 -3.03
C GLU A 88 -0.56 46.61 -3.31
N LEU A 89 -0.24 45.87 -2.25
CA LEU A 89 0.53 44.66 -2.35
C LEU A 89 -0.19 43.46 -1.78
N LEU A 90 0.01 42.30 -2.42
CA LEU A 90 -0.45 41.04 -1.86
C LEU A 90 0.79 40.29 -1.38
N ILE A 91 1.06 40.36 -0.09
CA ILE A 91 2.27 39.75 0.46
C ILE A 91 2.04 38.33 0.93
N VAL A 92 2.87 37.42 0.41
CA VAL A 92 2.83 35.97 0.73
C VAL A 92 4.23 35.51 1.10
N MET A 93 4.38 34.76 2.18
CA MET A 93 5.69 34.37 2.65
C MET A 93 6.31 33.21 1.87
N ARG A 94 7.62 33.33 1.63
CA ARG A 94 8.41 32.25 1.05
C ARG A 94 8.64 31.25 2.13
N VAL A 95 8.15 30.05 1.93
CA VAL A 95 8.31 29.00 2.89
C VAL A 95 8.82 27.79 2.14
N TYR A 96 10.09 27.88 1.76
CA TYR A 96 10.68 26.85 0.88
C TYR A 96 11.34 25.72 1.68
N PHE A 97 10.83 24.51 1.46
CA PHE A 97 11.31 23.32 2.12
C PHE A 97 12.20 22.41 1.27
N GLU A 98 12.26 22.65 -0.04
CA GLU A 98 13.07 21.81 -0.98
C GLU A 98 13.95 22.70 -1.89
N LYS A 99 15.26 22.43 -1.87
CA LYS A 99 16.25 23.23 -2.59
C LYS A 99 17.02 22.41 -3.60
N PRO A 100 16.96 22.83 -4.87
CA PRO A 100 17.76 22.17 -5.90
C PRO A 100 19.18 22.69 -5.85
N ARG A 101 20.11 21.77 -5.69
CA ARG A 101 21.49 22.09 -5.68
C ARG A 101 22.09 21.95 -7.08
N THR A 102 23.11 22.78 -7.35
CA THR A 102 23.84 22.78 -8.62
C THR A 102 24.53 21.42 -8.78
N THR A 103 25.04 20.89 -7.67
CA THR A 103 25.58 19.52 -7.68
C THR A 103 24.97 18.78 -6.53
N VAL A 104 25.62 18.85 -5.38
CA VAL A 104 25.11 18.27 -4.13
C VAL A 104 25.12 19.33 -3.03
N GLY A 105 24.43 18.99 -1.94
CA GLY A 105 24.35 19.83 -0.74
C GLY A 105 23.07 19.52 0.04
N TRP A 106 22.86 20.28 1.11
CA TRP A 106 21.63 20.15 1.88
C TRP A 106 20.41 20.49 0.99
N LYS A 107 19.43 19.59 0.93
CA LYS A 107 18.32 19.77 0.01
C LYS A 107 17.11 20.45 0.61
N GLY A 108 17.23 20.79 1.90
CA GLY A 108 16.16 21.42 2.63
C GLY A 108 15.71 20.71 3.87
N LEU A 109 14.75 21.34 4.51
CA LEU A 109 14.29 20.89 5.84
C LEU A 109 13.57 19.53 5.77
N ILE A 110 12.84 19.28 4.69
CA ILE A 110 12.10 18.02 4.53
C ILE A 110 13.08 16.87 4.43
N ASN A 111 14.09 17.03 3.59
CA ASN A 111 15.04 15.98 3.28
C ASN A 111 15.95 15.65 4.45
N ASP A 112 16.19 16.62 5.30
CA ASP A 112 17.19 16.48 6.38
C ASP A 112 17.01 17.55 7.43
N PRO A 113 15.93 17.46 8.19
CA PRO A 113 15.55 18.53 9.13
C PRO A 113 16.47 18.79 10.30
N HIS A 114 17.32 17.83 10.67
CA HIS A 114 18.28 18.03 11.78
C HIS A 114 19.59 18.62 11.29
N LEU A 115 19.70 18.83 9.99
CA LEU A 115 20.81 19.55 9.39
C LEU A 115 22.13 18.88 9.62
N ASP A 116 22.09 17.57 9.80
CA ASP A 116 23.26 16.78 10.10
C ASP A 116 23.50 15.55 9.26
N GLY A 117 22.88 15.41 8.12
CA GLY A 117 22.93 14.18 7.38
C GLY A 117 22.21 12.96 7.88
N THR A 118 21.12 13.13 8.57
CA THR A 118 20.36 12.00 9.10
C THR A 118 19.15 11.68 8.25
N PHE A 119 18.81 12.58 7.36
CA PHE A 119 17.70 12.35 6.44
C PHE A 119 16.43 11.85 7.14
N ASP A 120 16.03 12.49 8.21
CA ASP A 120 14.81 12.11 8.96
C ASP A 120 13.58 12.70 8.28
N ILE A 121 13.20 12.12 7.15
CA ILE A 121 12.17 12.68 6.31
C ILE A 121 10.78 12.68 6.93
N ASN A 122 10.44 11.65 7.71
CA ASN A 122 9.19 11.62 8.38
C ASN A 122 9.00 12.86 9.25
N PHE A 123 10.07 13.22 9.94
CA PHE A 123 10.08 14.34 10.85
C PHE A 123 10.05 15.65 10.11
N GLY A 124 10.89 15.76 9.07
CA GLY A 124 10.88 16.90 8.19
C GLY A 124 9.50 17.21 7.64
N LEU A 125 8.82 16.19 7.13
CA LEU A 125 7.48 16.38 6.55
C LEU A 125 6.51 16.83 7.63
N ARG A 126 6.65 16.27 8.83
CA ARG A 126 5.81 16.71 9.94
C ARG A 126 6.07 18.15 10.30
N GLN A 127 7.34 18.51 10.41
CA GLN A 127 7.69 19.88 10.73
C GLN A 127 7.18 20.88 9.68
N ALA A 128 7.28 20.51 8.41
CA ALA A 128 6.86 21.37 7.34
C ALA A 128 5.35 21.58 7.37
N ARG A 129 4.60 20.50 7.51
CA ARG A 129 3.17 20.68 7.65
C ARG A 129 2.82 21.58 8.86
N SER A 130 3.48 21.33 9.98
CA SER A 130 3.17 22.07 11.22
C SER A 130 3.42 23.54 11.10
N LEU A 131 4.57 23.86 10.52
CA LEU A 131 4.93 25.23 10.27
C LEU A 131 3.88 25.87 9.35
N LEU A 132 3.55 25.19 8.27
CA LEU A 132 2.62 25.76 7.31
C LEU A 132 1.27 26.00 7.96
N LEU A 133 0.83 25.05 8.80
CA LEU A 133 -0.46 25.21 9.45
C LEU A 133 -0.46 26.42 10.39
N SER A 134 0.63 26.60 11.14
CA SER A 134 0.72 27.70 12.09
C SER A 134 0.76 29.04 11.34
N LEU A 135 1.40 29.05 10.18
CA LEU A 135 1.51 30.30 9.40
C LEU A 135 0.15 30.75 8.90
N ASN A 136 -0.56 29.81 8.30
CA ASN A 136 -1.87 30.09 7.79
C ASN A 136 -2.79 30.43 8.94
N ASN A 137 -2.62 29.75 10.07
CA ASN A 137 -3.49 30.06 11.23
C ASN A 137 -3.33 31.49 11.72
N MET A 138 -2.11 32.01 11.66
CA MET A 138 -1.82 33.36 12.15
C MET A 138 -2.18 34.42 11.11
N GLY A 139 -2.56 34.00 9.91
CA GLY A 139 -3.03 34.94 8.87
C GLY A 139 -2.01 35.21 7.75
N MET A 140 -0.89 34.50 7.80
CA MET A 140 0.14 34.60 6.77
C MET A 140 0.10 33.45 5.75
N PRO A 141 -0.29 33.75 4.51
CA PRO A 141 -0.24 32.74 3.48
C PRO A 141 1.20 32.37 3.11
N ALA A 142 1.32 31.18 2.51
CA ALA A 142 2.58 30.58 2.26
C ALA A 142 2.78 30.14 0.82
N SER A 143 4.05 30.17 0.40
CA SER A 143 4.48 29.74 -0.91
C SER A 143 5.68 28.79 -0.81
N THR A 144 5.87 27.96 -1.83
CA THR A 144 6.99 27.03 -1.85
C THR A 144 7.33 26.60 -3.26
N GLU A 145 8.53 26.07 -3.42
CA GLU A 145 8.96 25.45 -4.67
C GLU A 145 8.61 23.97 -4.59
N PHE A 146 7.89 23.50 -5.62
CA PHE A 146 7.50 22.10 -5.67
C PHE A 146 8.55 21.42 -6.50
N LEU A 147 9.42 20.70 -5.84
CA LEU A 147 10.54 20.07 -6.47
C LEU A 147 10.35 18.55 -6.58
N ASP A 148 10.00 17.91 -5.48
CA ASP A 148 9.71 16.42 -5.45
C ASP A 148 8.30 16.14 -5.99
N MET A 149 8.06 14.95 -6.52
CA MET A 149 6.72 14.55 -7.03
C MET A 149 5.75 14.04 -5.99
N ILE A 150 6.30 13.61 -4.88
CA ILE A 150 5.56 12.94 -3.85
C ILE A 150 5.31 13.81 -2.62
N THR A 151 6.28 14.57 -2.18
CA THR A 151 6.08 15.40 -1.01
C THR A 151 4.86 16.35 -1.04
N PRO A 152 4.49 16.87 -2.19
CA PRO A 152 3.39 17.86 -2.14
C PRO A 152 2.08 17.36 -1.57
N GLN A 153 1.83 16.09 -1.69
CA GLN A 153 0.64 15.52 -1.05
C GLN A 153 0.57 15.77 0.45
N TYR A 154 1.71 16.04 1.06
CA TYR A 154 1.81 16.21 2.51
C TYR A 154 1.43 17.63 2.99
N TYR A 155 1.49 18.63 2.13
CA TYR A 155 1.18 19.98 2.58
C TYR A 155 0.67 20.96 1.49
N ALA A 156 0.36 20.47 0.31
CA ALA A 156 -0.06 21.37 -0.78
C ALA A 156 -1.36 22.10 -0.45
N ASP A 157 -2.16 21.48 0.38
CA ASP A 157 -3.36 22.10 0.85
C ASP A 157 -3.09 23.38 1.65
N LEU A 158 -1.87 23.56 2.13
CA LEU A 158 -1.56 24.77 2.92
C LEU A 158 -0.84 25.84 2.13
N ILE A 159 -0.73 25.63 0.84
CA ILE A 159 0.09 26.45 -0.03
C ILE A 159 -0.78 27.27 -0.96
N SER A 160 -0.49 28.57 -0.99
CA SER A 160 -1.30 29.53 -1.80
C SER A 160 -0.70 29.84 -3.16
N TRP A 161 0.58 29.60 -3.30
CA TRP A 161 1.28 29.84 -4.55
C TRP A 161 2.51 29.00 -4.58
N GLY A 162 2.78 28.48 -5.76
CA GLY A 162 3.83 27.51 -5.97
C GLY A 162 4.77 27.95 -7.08
N ALA A 163 6.03 27.54 -6.92
CA ALA A 163 7.06 27.75 -7.92
C ALA A 163 7.60 26.45 -8.47
N ILE A 164 7.83 26.44 -9.77
CA ILE A 164 8.66 25.41 -10.40
C ILE A 164 9.98 26.07 -10.77
N GLY A 165 11.06 25.51 -10.25
CA GLY A 165 12.38 26.12 -10.35
C GLY A 165 12.97 26.15 -11.76
N ALA A 166 13.95 27.04 -11.94
CA ALA A 166 14.68 27.20 -13.21
C ALA A 166 15.21 25.89 -13.76
N ARG A 167 15.57 24.99 -12.85
CA ARG A 167 16.20 23.72 -13.25
C ARG A 167 15.24 22.63 -13.64
N THR A 168 13.95 22.89 -13.47
CA THR A 168 12.91 21.90 -13.68
C THR A 168 11.74 22.39 -14.46
N THR A 169 11.75 23.67 -14.82
CA THR A 169 10.67 24.22 -15.67
C THR A 169 10.52 23.43 -16.98
N GLU A 170 11.63 22.95 -17.53
CA GLU A 170 11.60 22.22 -18.80
C GLU A 170 11.14 20.78 -18.63
N SER A 171 11.05 20.33 -17.37
CA SER A 171 10.80 18.94 -17.10
C SER A 171 9.31 18.63 -17.21
N GLN A 172 9.01 17.59 -17.98
CA GLN A 172 7.65 17.18 -18.20
C GLN A 172 6.95 16.74 -16.94
N VAL A 173 7.65 16.05 -16.04
CA VAL A 173 7.00 15.56 -14.78
C VAL A 173 6.65 16.72 -13.86
N HIS A 174 7.43 17.80 -13.94
CA HIS A 174 7.10 19.02 -13.17
C HIS A 174 5.96 19.79 -13.80
N ARG A 175 5.87 19.75 -15.10
CA ARG A 175 4.73 20.35 -15.73
C ARG A 175 3.46 19.55 -15.42
N GLU A 176 3.58 18.23 -15.48
CA GLU A 176 2.50 17.36 -15.07
C GLU A 176 2.05 17.74 -13.65
N LEU A 177 3.00 17.77 -12.73
CA LEU A 177 2.68 18.10 -11.35
C LEU A 177 1.92 19.40 -11.25
N ALA A 178 2.41 20.42 -11.94
CA ALA A 178 1.79 21.74 -11.86
C ALA A 178 0.35 21.68 -12.37
N SER A 179 0.14 20.89 -13.40
CA SER A 179 -1.20 20.71 -13.98
C SER A 179 -2.27 20.22 -13.00
N GLY A 180 -1.85 19.59 -11.91
CA GLY A 180 -2.78 19.09 -10.90
C GLY A 180 -2.82 19.87 -9.60
N LEU A 181 -1.97 20.87 -9.44
CA LEU A 181 -1.94 21.69 -8.21
C LEU A 181 -3.14 22.64 -8.16
N SER A 182 -3.67 22.90 -6.97
CA SER A 182 -4.88 23.74 -6.88
C SER A 182 -4.52 25.21 -6.68
N CYS A 183 -3.23 25.48 -6.59
CA CYS A 183 -2.76 26.85 -6.42
C CYS A 183 -2.18 27.37 -7.72
N PRO A 184 -2.10 28.69 -7.86
CA PRO A 184 -1.36 29.24 -9.00
C PRO A 184 0.08 28.87 -8.97
N VAL A 185 0.70 28.85 -10.12
CA VAL A 185 2.06 28.37 -10.24
C VAL A 185 2.90 29.27 -11.15
N GLY A 186 4.13 29.55 -10.71
CA GLY A 186 5.08 30.32 -11.47
C GLY A 186 6.19 29.43 -11.98
N PHE A 187 6.52 29.59 -13.25
CA PHE A 187 7.60 28.86 -13.85
C PHE A 187 8.75 29.77 -14.11
N LYS A 188 9.90 29.44 -13.56
CA LYS A 188 11.11 30.25 -13.85
C LYS A 188 11.75 30.01 -15.19
N ASN A 189 12.26 31.07 -15.79
CA ASN A 189 13.06 30.87 -16.98
C ASN A 189 14.30 30.03 -16.62
N GLY A 190 14.97 29.48 -17.60
CA GLY A 190 16.06 28.55 -17.39
C GLY A 190 17.34 29.22 -16.91
N THR A 191 18.26 28.42 -16.43
CA THR A 191 19.44 28.96 -15.75
C THR A 191 20.30 29.85 -16.63
N ASP A 192 20.24 29.66 -17.94
CA ASP A 192 20.97 30.52 -18.84
C ASP A 192 20.10 31.59 -19.50
N GLY A 193 18.84 31.69 -19.10
CA GLY A 193 17.97 32.79 -19.54
C GLY A 193 16.86 32.44 -20.50
N ASN A 194 16.73 31.16 -20.82
CA ASN A 194 15.77 30.70 -21.80
C ASN A 194 14.37 30.86 -21.25
N LEU A 195 13.61 31.74 -21.88
CA LEU A 195 12.25 32.05 -21.47
C LEU A 195 11.25 31.11 -22.10
N LYS A 196 11.51 30.70 -23.33
CA LYS A 196 10.60 29.84 -24.05
C LYS A 196 10.18 28.63 -23.23
N ILE A 197 11.13 28.01 -22.54
CA ILE A 197 10.77 26.81 -21.77
C ILE A 197 9.72 27.10 -20.75
N ALA A 198 9.69 28.33 -20.22
CA ALA A 198 8.67 28.68 -19.24
C ALA A 198 7.31 28.93 -19.90
N ILE A 199 7.37 29.56 -21.06
CA ILE A 199 6.15 29.78 -21.83
C ILE A 199 5.53 28.46 -22.24
N ASP A 200 6.37 27.58 -22.76
CA ASP A 200 5.95 26.20 -23.06
C ASP A 200 5.34 25.52 -21.84
N ALA A 201 5.90 25.75 -20.66
CA ALA A 201 5.45 25.08 -19.47
C ALA A 201 4.08 25.51 -19.07
N ILE A 202 3.78 26.77 -19.24
CA ILE A 202 2.42 27.24 -18.97
C ILE A 202 1.43 26.55 -19.88
N GLY A 203 1.82 26.44 -21.15
CA GLY A 203 1.00 25.81 -22.15
C GLY A 203 0.70 24.39 -21.74
N ALA A 204 1.75 23.69 -21.35
CA ALA A 204 1.62 22.30 -20.96
C ALA A 204 0.82 22.16 -19.68
N ALA A 205 1.16 22.94 -18.67
CA ALA A 205 0.54 22.78 -17.37
C ALA A 205 -0.92 23.15 -17.38
N SER A 206 -1.35 23.95 -18.37
CA SER A 206 -2.74 24.35 -18.44
C SER A 206 -3.63 23.23 -18.99
N HIS A 207 -3.03 22.20 -19.55
CA HIS A 207 -3.78 21.10 -20.13
C HIS A 207 -3.91 19.95 -19.13
N SER A 208 -4.75 19.01 -19.51
CA SER A 208 -4.99 17.82 -18.74
C SER A 208 -3.86 16.84 -18.98
N HIS A 209 -3.43 16.13 -17.96
CA HIS A 209 -2.39 15.08 -18.12
C HIS A 209 -2.76 13.82 -17.41
N HIS A 210 -2.18 12.71 -17.88
CA HIS A 210 -2.24 11.43 -17.18
C HIS A 210 -0.83 11.01 -16.85
N PHE A 211 -0.60 10.70 -15.57
CA PHE A 211 0.68 10.22 -15.16
C PHE A 211 0.60 9.44 -13.87
N LEU A 212 1.73 8.82 -13.52
CA LEU A 212 1.81 8.03 -12.29
C LEU A 212 2.12 8.97 -11.15
N GLY A 213 1.33 8.86 -10.10
CA GLY A 213 1.55 9.60 -8.87
C GLY A 213 1.31 8.69 -7.68
N VAL A 214 1.35 9.29 -6.51
CA VAL A 214 1.16 8.62 -5.23
C VAL A 214 -0.04 9.25 -4.51
N THR A 215 -0.98 8.42 -4.06
CA THR A 215 -2.15 8.90 -3.33
C THR A 215 -1.78 9.40 -1.90
N LYS A 216 -2.77 10.00 -1.23
CA LYS A 216 -2.63 10.48 0.12
C LYS A 216 -2.43 9.31 1.08
N ALA A 217 -2.72 8.09 0.61
CA ALA A 217 -2.48 6.91 1.41
C ALA A 217 -1.12 6.26 1.14
N GLY A 218 -0.29 6.88 0.30
CA GLY A 218 1.11 6.40 0.03
C GLY A 218 1.17 5.20 -0.92
N HIS A 219 0.16 5.06 -1.79
CA HIS A 219 0.17 4.05 -2.86
C HIS A 219 0.25 4.68 -4.27
N SER A 220 0.89 4.00 -5.21
CA SER A 220 0.96 4.55 -6.54
C SER A 220 -0.35 4.39 -7.23
N ALA A 221 -0.63 5.30 -8.14
CA ALA A 221 -1.85 5.35 -8.87
C ALA A 221 -1.72 6.17 -10.14
N ILE A 222 -2.68 6.02 -11.02
CA ILE A 222 -2.73 6.82 -12.21
C ILE A 222 -3.48 8.09 -11.85
N VAL A 223 -2.87 9.25 -12.04
CA VAL A 223 -3.60 10.48 -11.77
C VAL A 223 -3.95 11.19 -13.08
N HIS A 224 -5.16 11.72 -13.12
CA HIS A 224 -5.68 12.41 -14.29
C HIS A 224 -5.97 13.85 -13.87
N THR A 225 -5.18 14.80 -14.35
CA THR A 225 -5.33 16.17 -13.88
C THR A 225 -6.22 16.96 -14.83
N GLY A 226 -6.76 18.07 -14.34
CA GLY A 226 -7.66 18.92 -15.12
C GLY A 226 -7.04 20.15 -15.76
N GLY A 227 -5.77 20.41 -15.46
CA GLY A 227 -5.06 21.55 -15.99
C GLY A 227 -5.06 22.68 -14.97
N ASN A 228 -3.97 23.42 -14.91
CA ASN A 228 -3.91 24.57 -14.03
C ASN A 228 -3.99 25.86 -14.85
N PRO A 229 -5.08 26.63 -14.71
CA PRO A 229 -5.27 27.79 -15.60
C PRO A 229 -4.61 29.05 -15.06
N ASP A 230 -3.93 28.92 -13.94
CA ASP A 230 -3.34 30.07 -13.27
C ASP A 230 -1.81 30.02 -13.21
N CYS A 231 -1.21 29.61 -14.32
CA CYS A 231 0.24 29.61 -14.44
C CYS A 231 0.79 30.89 -15.06
N HIS A 232 2.02 31.26 -14.68
CA HIS A 232 2.69 32.39 -15.20
C HIS A 232 4.19 32.21 -15.08
N VAL A 233 4.87 33.13 -15.74
CA VAL A 233 6.26 33.09 -15.96
C VAL A 233 6.92 33.91 -14.87
N ILE A 234 8.15 33.52 -14.50
CA ILE A 234 8.97 34.31 -13.57
C ILE A 234 10.31 34.62 -14.19
N LEU A 235 10.66 35.89 -14.26
CA LEU A 235 11.93 36.32 -14.85
C LEU A 235 12.94 36.34 -13.74
N ARG A 236 13.97 35.49 -13.87
CA ARG A 236 14.93 35.34 -12.79
C ARG A 236 16.37 35.50 -13.23
N GLY A 237 16.55 36.08 -14.39
CA GLY A 237 17.90 36.32 -14.89
C GLY A 237 18.49 35.10 -15.55
N GLY A 238 19.58 35.33 -16.31
CA GLY A 238 20.31 34.25 -16.90
C GLY A 238 21.80 34.57 -16.93
N LYS A 239 22.43 34.39 -18.08
CA LYS A 239 23.80 34.86 -18.30
C LYS A 239 23.81 36.38 -18.06
N GLU A 240 22.69 37.02 -18.32
CA GLU A 240 22.49 38.42 -17.95
C GLU A 240 21.14 38.59 -17.26
N PRO A 241 21.00 39.66 -16.50
CA PRO A 241 19.70 39.98 -15.90
C PRO A 241 18.59 40.24 -16.92
N ASN A 242 17.36 39.93 -16.52
CA ASN A 242 16.17 40.13 -17.37
C ASN A 242 15.03 40.80 -16.67
N TYR A 243 15.32 41.74 -15.77
CA TYR A 243 14.28 42.41 -15.01
C TYR A 243 13.84 43.73 -15.60
N ASP A 244 14.63 44.31 -16.50
CA ASP A 244 14.30 45.67 -16.94
C ASP A 244 13.14 45.72 -17.94
N ALA A 245 12.68 46.93 -18.19
CA ALA A 245 11.52 47.22 -19.05
C ALA A 245 11.58 46.52 -20.42
N GLU A 246 12.78 46.51 -20.99
CA GLU A 246 13.00 45.95 -22.31
C GLU A 246 12.79 44.46 -22.26
N HIS A 247 13.40 43.82 -21.28
CA HIS A 247 13.26 42.38 -21.13
C HIS A 247 11.81 41.97 -20.82
N VAL A 248 11.14 42.81 -20.05
CA VAL A 248 9.73 42.64 -19.74
C VAL A 248 8.85 42.79 -20.97
N SER A 249 9.12 43.82 -21.77
CA SER A 249 8.36 44.03 -23.02
C SER A 249 8.55 42.89 -24.02
N GLU A 250 9.79 42.42 -24.15
CA GLU A 250 10.08 41.26 -25.03
C GLU A 250 9.41 39.97 -24.50
N ALA A 251 9.43 39.77 -23.19
CA ALA A 251 8.77 38.62 -22.58
C ALA A 251 7.28 38.62 -22.85
N ALA A 252 6.68 39.77 -22.59
CA ALA A 252 5.27 39.98 -22.83
C ALA A 252 4.84 39.67 -24.28
N GLU A 253 5.64 40.08 -25.24
CA GLU A 253 5.26 39.87 -26.66
C GLU A 253 5.25 38.37 -26.91
N GLN A 254 6.25 37.68 -26.39
CA GLN A 254 6.38 36.23 -26.60
C GLN A 254 5.23 35.48 -25.94
N LEU A 255 4.80 35.97 -24.79
CA LEU A 255 3.66 35.39 -24.07
C LEU A 255 2.34 35.57 -24.87
N ARG A 256 2.08 36.78 -25.33
CA ARG A 256 0.90 37.03 -26.15
C ARG A 256 0.91 36.12 -27.39
N ALA A 257 2.10 35.97 -27.97
CA ALA A 257 2.28 35.15 -29.18
C ALA A 257 1.86 33.69 -28.98
N ALA A 258 2.17 33.14 -27.80
CA ALA A 258 1.79 31.76 -27.50
C ALA A 258 0.40 31.67 -26.86
N GLY A 259 -0.30 32.80 -26.78
CA GLY A 259 -1.69 32.82 -26.29
C GLY A 259 -1.86 32.54 -24.80
N VAL A 260 -0.88 32.94 -24.01
CA VAL A 260 -0.97 32.79 -22.57
C VAL A 260 -0.82 34.13 -21.89
N THR A 261 -1.07 34.17 -20.59
CA THR A 261 -1.09 35.45 -19.86
C THR A 261 0.23 36.20 -19.98
N ASP A 262 0.12 37.49 -20.32
CA ASP A 262 1.30 38.36 -20.50
C ASP A 262 1.61 39.12 -19.21
N LYS A 263 1.12 38.59 -18.09
CA LYS A 263 1.40 39.14 -16.78
C LYS A 263 2.43 38.22 -16.13
N LEU A 264 3.50 38.82 -15.64
CA LEU A 264 4.63 38.05 -15.16
C LEU A 264 5.17 38.53 -13.85
N MET A 265 6.00 37.70 -13.26
CA MET A 265 6.66 37.96 -11.99
C MET A 265 8.16 38.18 -12.26
N ILE A 266 8.78 39.08 -11.49
CA ILE A 266 10.21 39.31 -11.60
C ILE A 266 10.90 38.97 -10.29
N ASP A 267 11.87 38.07 -10.35
CA ASP A 267 12.62 37.71 -9.17
C ASP A 267 13.70 38.77 -9.00
N CYS A 268 13.71 39.44 -7.85
CA CYS A 268 14.76 40.39 -7.51
C CYS A 268 16.10 39.75 -7.15
N SER A 269 16.11 38.46 -6.88
CA SER A 269 17.33 37.75 -6.40
C SER A 269 17.91 36.83 -7.48
N HIS A 270 18.59 35.77 -7.03
CA HIS A 270 19.23 34.82 -7.91
C HIS A 270 20.02 35.50 -9.04
N ALA A 271 19.81 35.12 -10.30
CA ALA A 271 20.62 35.61 -11.41
C ALA A 271 20.28 37.04 -11.76
N ASN A 272 19.22 37.61 -11.21
CA ASN A 272 18.95 39.04 -11.41
C ASN A 272 19.75 39.98 -10.50
N SER A 273 20.13 39.49 -9.35
CA SER A 273 20.98 40.23 -8.42
C SER A 273 22.38 39.69 -8.45
N ARG A 274 22.59 38.63 -9.24
CA ARG A 274 23.85 37.98 -9.38
C ARG A 274 24.34 37.51 -8.07
N LYS A 275 23.37 37.11 -7.32
CA LYS A 275 23.60 36.44 -6.03
C LYS A 275 24.21 37.37 -4.98
N ASP A 276 24.03 38.66 -5.21
CA ASP A 276 24.50 39.72 -4.29
C ASP A 276 23.26 40.29 -3.68
N TYR A 277 23.01 39.91 -2.44
CA TYR A 277 21.78 40.32 -1.81
C TYR A 277 21.63 41.83 -1.76
N THR A 278 22.73 42.58 -1.75
CA THR A 278 22.64 44.05 -1.78
C THR A 278 22.13 44.67 -3.10
N ARG A 279 22.05 43.86 -4.15
CA ARG A 279 21.44 44.30 -5.40
C ARG A 279 19.92 44.09 -5.51
N GLN A 280 19.34 43.32 -4.62
CA GLN A 280 17.90 43.10 -4.69
C GLN A 280 17.23 44.46 -4.66
N MET A 281 17.74 45.37 -3.85
CA MET A 281 17.12 46.69 -3.75
C MET A 281 17.18 47.43 -5.09
N GLU A 282 18.32 47.33 -5.78
CA GLU A 282 18.47 47.95 -7.12
C GLU A 282 17.42 47.43 -8.11
N VAL A 283 17.21 46.12 -8.13
CA VAL A 283 16.20 45.52 -8.99
C VAL A 283 14.80 46.03 -8.65
N ALA A 284 14.48 46.06 -7.37
CA ALA A 284 13.20 46.58 -6.92
C ALA A 284 13.06 48.05 -7.27
N GLN A 285 14.16 48.79 -7.24
CA GLN A 285 14.13 50.20 -7.67
C GLN A 285 13.79 50.32 -9.16
N ASP A 286 14.42 49.50 -9.99
CA ASP A 286 14.06 49.45 -11.40
C ASP A 286 12.59 49.07 -11.62
N ILE A 287 12.10 48.11 -10.85
CA ILE A 287 10.71 47.68 -10.97
C ILE A 287 9.80 48.82 -10.58
N ALA A 288 10.12 49.45 -9.46
CA ALA A 288 9.36 50.58 -8.94
C ALA A 288 9.18 51.61 -10.04
N ALA A 289 10.26 51.95 -10.72
CA ALA A 289 10.23 52.94 -11.78
C ALA A 289 9.35 52.44 -12.91
N GLN A 290 9.40 51.15 -13.21
CA GLN A 290 8.60 50.63 -14.32
C GLN A 290 7.14 50.75 -13.94
N LEU A 291 6.85 50.54 -12.67
CA LEU A 291 5.47 50.62 -12.19
C LEU A 291 4.96 52.07 -12.25
N GLU A 292 5.85 53.02 -11.96
CA GLU A 292 5.54 54.44 -12.06
C GLU A 292 5.31 54.90 -13.51
N GLN A 293 6.19 54.54 -14.46
CA GLN A 293 6.01 54.90 -15.88
C GLN A 293 4.82 54.17 -16.54
N ASP A 294 4.78 52.83 -16.41
CA ASP A 294 3.72 51.99 -17.02
C ASP A 294 3.61 50.67 -16.25
N GLY A 295 4.49 49.71 -16.59
CA GLY A 295 4.61 48.45 -15.87
C GLY A 295 3.38 47.58 -15.91
N GLY A 296 2.59 47.73 -16.97
CA GLY A 296 1.34 47.00 -17.14
C GLY A 296 1.44 45.50 -17.15
N ASN A 297 2.60 44.97 -17.53
CA ASN A 297 2.80 43.50 -17.62
C ASN A 297 3.33 42.81 -16.35
N ILE A 298 3.54 43.59 -15.31
CA ILE A 298 4.11 43.06 -14.07
C ILE A 298 2.96 42.72 -13.14
N MET A 299 2.88 41.47 -12.68
CA MET A 299 1.90 41.11 -11.66
C MET A 299 2.54 40.79 -10.31
N GLY A 300 3.85 40.63 -10.28
CA GLY A 300 4.51 40.29 -9.01
C GLY A 300 6.02 40.35 -8.96
N VAL A 301 6.53 40.29 -7.73
CA VAL A 301 7.95 40.22 -7.52
C VAL A 301 8.30 39.17 -6.49
N MET A 302 9.56 38.75 -6.49
CA MET A 302 10.05 37.75 -5.57
C MET A 302 11.31 38.35 -4.90
N VAL A 303 11.42 38.16 -3.58
CA VAL A 303 12.51 38.73 -2.79
C VAL A 303 13.01 37.73 -1.76
N GLU A 304 14.44 37.60 -1.67
CA GLU A 304 14.79 36.56 -0.64
C GLU A 304 15.29 37.43 0.50
N SER A 305 14.62 37.19 1.60
CA SER A 305 14.60 38.08 2.77
C SER A 305 14.55 37.29 4.06
N HIS A 306 15.24 37.77 5.09
CA HIS A 306 15.26 37.09 6.39
C HIS A 306 15.39 38.13 7.49
N LEU A 307 15.43 37.66 8.73
CA LEU A 307 15.58 38.54 9.87
C LEU A 307 16.90 39.25 9.78
N VAL A 308 17.93 38.46 9.49
CA VAL A 308 19.31 38.92 9.46
C VAL A 308 19.86 38.71 8.06
N GLU A 309 20.62 39.70 7.59
CA GLU A 309 21.10 39.71 6.23
C GLU A 309 22.25 38.74 6.05
N GLY A 310 22.52 38.39 4.79
CA GLY A 310 23.68 37.62 4.42
C GLY A 310 23.42 36.12 4.36
N ARG A 311 24.50 35.36 4.56
CA ARG A 311 24.38 33.94 4.63
C ARG A 311 25.46 33.35 5.53
N GLN A 312 25.35 32.06 5.79
CA GLN A 312 26.37 31.35 6.57
C GLN A 312 26.36 29.87 6.20
N ASP A 313 27.51 29.24 6.29
CA ASP A 313 27.61 27.84 5.94
C ASP A 313 26.95 26.95 6.98
N LYS A 314 27.18 27.23 8.24
CA LYS A 314 26.56 26.48 9.33
C LYS A 314 25.52 27.35 9.98
N PRO A 315 24.44 26.73 10.50
CA PRO A 315 23.36 27.45 11.15
C PRO A 315 23.72 27.92 12.56
N GLU A 316 24.72 28.79 12.64
CA GLU A 316 25.22 29.36 13.92
C GLU A 316 24.40 30.58 14.36
N VAL A 317 24.19 31.55 13.48
CA VAL A 317 23.37 32.71 13.80
C VAL A 317 21.85 32.45 13.56
N TYR A 318 21.02 32.93 14.44
CA TYR A 318 19.57 32.85 14.31
C TYR A 318 19.10 33.79 13.19
N GLY A 319 18.15 33.32 12.40
CA GLY A 319 17.47 34.20 11.44
C GLY A 319 18.33 34.57 10.25
N LYS A 320 19.29 33.70 9.91
CA LYS A 320 20.24 33.99 8.88
C LYS A 320 20.39 32.78 7.97
N SER A 321 20.25 33.01 6.68
CA SER A 321 20.17 31.96 5.68
C SER A 321 21.40 31.09 5.63
N ILE A 322 21.19 29.80 5.37
CA ILE A 322 22.28 28.85 5.12
C ILE A 322 22.35 28.37 3.68
N THR A 323 21.49 28.95 2.84
CA THR A 323 21.52 28.78 1.39
C THR A 323 21.79 30.17 0.73
N ASP A 324 21.02 30.69 -0.16
CA ASP A 324 21.29 32.00 -0.76
C ASP A 324 21.22 33.14 0.19
N ALA A 325 22.10 34.14 0.04
CA ALA A 325 22.13 35.24 0.95
C ALA A 325 20.84 36.04 0.82
N CYS A 326 20.32 36.50 1.97
CA CYS A 326 19.14 37.32 1.99
C CYS A 326 19.38 38.77 2.44
N ILE A 327 18.45 39.66 2.09
CA ILE A 327 18.44 40.97 2.71
C ILE A 327 17.88 40.76 4.09
N GLY A 328 18.24 41.69 4.96
CA GLY A 328 17.76 41.66 6.33
C GLY A 328 16.41 42.36 6.51
N TRP A 329 15.97 42.43 7.76
CA TRP A 329 14.66 42.96 8.02
C TRP A 329 14.56 44.47 7.72
N GLY A 330 15.59 45.23 8.04
CA GLY A 330 15.61 46.65 7.74
C GLY A 330 15.43 46.92 6.25
N ALA A 331 16.29 46.31 5.47
CA ALA A 331 16.20 46.39 4.00
C ALA A 331 14.84 45.92 3.49
N THR A 332 14.26 44.94 4.17
CA THR A 332 12.96 44.42 3.75
C THR A 332 11.86 45.47 3.88
N GLU A 333 11.81 46.15 5.03
CA GLU A 333 10.83 47.21 5.28
C GLU A 333 10.89 48.30 4.21
N GLU A 334 12.12 48.66 3.88
CA GLU A 334 12.40 49.65 2.82
C GLU A 334 11.94 49.20 1.42
N LEU A 335 12.29 47.98 1.05
CA LEU A 335 11.93 47.47 -0.25
C LEU A 335 10.41 47.41 -0.38
N LEU A 336 9.74 46.98 0.67
CA LEU A 336 8.27 46.86 0.61
C LEU A 336 7.59 48.22 0.51
N ALA A 337 8.07 49.17 1.27
CA ALA A 337 7.52 50.55 1.20
C ALA A 337 7.75 51.14 -0.17
N LEU A 338 8.93 50.90 -0.72
CA LEU A 338 9.25 51.33 -2.08
C LEU A 338 8.23 50.79 -3.10
N LEU A 339 8.03 49.48 -3.08
CA LEU A 339 7.08 48.87 -4.02
C LEU A 339 5.63 49.29 -3.76
N ALA A 340 5.25 49.40 -2.49
CA ALA A 340 3.89 49.82 -2.16
C ALA A 340 3.63 51.21 -2.74
N GLY A 341 4.55 52.11 -2.49
CA GLY A 341 4.42 53.49 -2.99
C GLY A 341 4.29 53.53 -4.50
N ALA A 342 5.18 52.80 -5.15
CA ALA A 342 5.19 52.79 -6.62
C ALA A 342 3.89 52.23 -7.18
N ASN A 343 3.44 51.10 -6.65
CA ASN A 343 2.24 50.47 -7.19
C ASN A 343 0.94 51.23 -6.89
N LYS A 344 0.92 51.96 -5.79
CA LYS A 344 -0.24 52.80 -5.48
C LYS A 344 -0.57 53.77 -6.62
N LYS A 345 0.49 54.22 -7.30
CA LYS A 345 0.35 55.13 -8.42
C LYS A 345 -0.14 54.40 -9.66
N ARG A 346 0.43 53.23 -9.93
CA ARG A 346 -0.02 52.45 -11.05
C ARG A 346 -1.52 52.15 -10.94
N MET A 347 -1.97 51.81 -9.74
CA MET A 347 -3.38 51.45 -9.52
C MET A 347 -4.29 52.66 -9.68
N ALA A 348 -3.78 53.83 -9.33
CA ALA A 348 -4.57 55.05 -9.41
C ALA A 348 -4.91 55.45 -10.86
N ARG A 349 -3.98 55.24 -11.79
CA ARG A 349 -4.13 55.55 -13.25
C ARG A 349 -5.32 54.94 -14.03
N ALA A 350 -5.39 53.61 -14.08
CA ALA A 350 -6.38 52.87 -14.92
C ALA A 350 -6.70 53.53 -16.29
N ILE B 12 -7.66 18.20 -9.97
CA ILE B 12 -7.59 16.73 -10.26
C ILE B 12 -8.97 16.18 -10.70
N LYS B 13 -9.04 15.67 -11.92
CA LYS B 13 -10.29 15.05 -12.45
C LYS B 13 -10.54 13.65 -11.84
N GLU B 14 -9.51 12.80 -11.89
CA GLU B 14 -9.63 11.38 -11.53
C GLU B 14 -8.33 10.68 -11.07
N VAL B 15 -8.51 9.54 -10.40
CA VAL B 15 -7.42 8.66 -9.94
C VAL B 15 -7.79 7.22 -10.29
N LYS B 16 -6.94 6.55 -11.08
CA LYS B 16 -7.25 5.20 -11.63
C LYS B 16 -6.29 4.02 -11.21
N GLU B 17 -6.74 2.78 -11.49
CA GLU B 17 -6.21 1.53 -10.87
C GLU B 17 -4.82 1.00 -11.32
N LEU B 18 -3.76 1.45 -10.68
CA LEU B 18 -2.45 1.09 -11.23
C LEU B 18 -1.88 -0.20 -10.65
N LEU B 19 -1.50 -1.14 -11.50
CA LEU B 19 -0.86 -2.35 -11.02
C LEU B 19 0.56 -2.06 -10.64
N PRO B 20 1.02 -2.67 -9.55
CA PRO B 20 2.37 -2.45 -9.13
C PRO B 20 3.37 -3.24 -9.95
N PRO B 21 4.65 -2.84 -9.92
CA PRO B 21 5.61 -3.57 -10.70
C PRO B 21 5.61 -5.06 -10.43
N ILE B 22 5.48 -5.47 -9.18
CA ILE B 22 5.52 -6.95 -8.90
C ILE B 22 4.53 -7.76 -9.72
N ALA B 23 3.38 -7.17 -10.08
CA ALA B 23 2.41 -7.85 -10.98
C ALA B 23 3.03 -8.22 -12.32
N HIS B 24 3.71 -7.25 -12.91
CA HIS B 24 4.30 -7.46 -14.21
C HIS B 24 5.50 -8.36 -14.06
N LEU B 25 6.24 -8.20 -12.97
CA LEU B 25 7.43 -9.04 -12.72
C LEU B 25 7.05 -10.51 -12.52
N TYR B 26 5.83 -10.75 -12.03
CA TYR B 26 5.29 -12.11 -11.88
C TYR B 26 4.93 -12.79 -13.21
N GLU B 27 4.33 -12.01 -14.13
CA GLU B 27 3.94 -12.56 -15.47
C GLU B 27 5.09 -12.71 -16.40
N LEU B 28 6.08 -11.84 -16.24
CA LEU B 28 7.17 -11.69 -17.16
C LEU B 28 8.47 -11.58 -16.38
N PRO B 29 8.81 -12.62 -15.65
CA PRO B 29 10.03 -12.58 -14.91
C PRO B 29 11.21 -12.58 -15.83
N ILE B 30 12.27 -11.87 -15.45
CA ILE B 30 13.49 -11.88 -16.24
C ILE B 30 14.07 -13.30 -16.37
N SER B 31 14.37 -13.71 -17.59
CA SER B 31 14.99 -15.03 -17.84
C SER B 31 16.49 -14.97 -17.54
N LYS B 32 17.08 -16.15 -17.30
CA LYS B 32 18.53 -16.28 -17.06
C LYS B 32 19.33 -15.65 -18.20
N GLU B 33 18.88 -15.87 -19.43
CA GLU B 33 19.62 -15.42 -20.60
C GLU B 33 19.53 -13.88 -20.66
N ALA B 34 18.35 -13.34 -20.43
CA ALA B 34 18.18 -11.87 -20.37
C ALA B 34 19.01 -11.23 -19.27
N SER B 35 18.95 -11.85 -18.11
CA SER B 35 19.70 -11.36 -16.96
C SER B 35 21.20 -11.33 -17.27
N GLY B 36 21.70 -12.39 -17.89
CA GLY B 36 23.10 -12.45 -18.27
C GLY B 36 23.50 -11.38 -19.30
N LEU B 37 22.67 -11.16 -20.29
CA LEU B 37 22.94 -10.15 -21.30
C LEU B 37 22.98 -8.75 -20.69
N VAL B 38 22.03 -8.46 -19.83
CA VAL B 38 21.94 -7.14 -19.21
C VAL B 38 23.19 -6.88 -18.40
N HIS B 39 23.44 -7.79 -17.49
CA HIS B 39 24.59 -7.67 -16.58
C HIS B 39 25.89 -7.47 -17.36
N ARG B 40 26.01 -8.24 -18.41
CA ARG B 40 27.20 -8.25 -19.24
C ARG B 40 27.37 -6.94 -20.02
N THR B 41 26.27 -6.48 -20.62
CA THR B 41 26.30 -5.28 -21.46
C THR B 41 26.52 -4.04 -20.57
N ARG B 42 26.02 -4.08 -19.34
CA ARG B 42 26.30 -3.01 -18.42
C ARG B 42 27.79 -2.91 -18.15
N GLN B 43 28.45 -4.05 -17.88
CA GLN B 43 29.92 -4.08 -17.62
C GLN B 43 30.61 -3.56 -18.86
N GLU B 44 30.22 -4.08 -20.02
CA GLU B 44 30.90 -3.74 -21.27
C GLU B 44 30.86 -2.22 -21.48
N ILE B 45 29.72 -1.63 -21.18
CA ILE B 45 29.53 -0.21 -21.38
C ILE B 45 30.30 0.61 -20.31
N SER B 46 30.24 0.16 -19.08
CA SER B 46 31.09 0.71 -18.04
C SER B 46 32.53 0.77 -18.50
N ASP B 47 33.01 -0.31 -19.08
CA ASP B 47 34.40 -0.38 -19.58
C ASP B 47 34.64 0.76 -20.58
N LEU B 48 33.65 1.02 -21.44
CA LEU B 48 33.81 2.06 -22.47
C LEU B 48 33.81 3.44 -21.84
N VAL B 49 32.98 3.60 -20.84
CA VAL B 49 32.88 4.84 -20.11
C VAL B 49 34.18 5.21 -19.42
N HIS B 50 34.84 4.21 -18.88
CA HIS B 50 36.08 4.45 -18.13
C HIS B 50 37.40 4.17 -18.91
N GLY B 51 37.30 4.00 -20.23
CA GLY B 51 38.50 3.83 -21.09
C GLY B 51 39.24 2.50 -21.01
N ARG B 52 38.56 1.43 -20.57
CA ARG B 52 39.16 0.11 -20.45
C ARG B 52 39.01 -0.70 -21.74
N ASP B 53 38.14 -0.24 -22.62
CA ASP B 53 37.93 -0.87 -23.93
C ASP B 53 37.69 0.25 -24.92
N LYS B 54 38.15 0.05 -26.15
CA LYS B 54 38.11 1.10 -27.19
C LYS B 54 37.00 0.88 -28.24
N ARG B 55 36.21 -0.17 -28.07
CA ARG B 55 35.05 -0.30 -28.92
C ARG B 55 34.21 0.96 -28.80
N LEU B 56 33.35 1.13 -29.78
CA LEU B 56 32.46 2.27 -29.82
C LEU B 56 31.02 1.83 -29.49
N LEU B 57 30.44 2.42 -28.43
CA LEU B 57 29.04 2.17 -28.09
C LEU B 57 28.16 2.83 -29.13
N VAL B 58 27.18 2.09 -29.64
CA VAL B 58 26.26 2.66 -30.60
C VAL B 58 24.82 2.43 -30.11
N ILE B 59 24.20 3.51 -29.67
CA ILE B 59 22.82 3.48 -29.22
C ILE B 59 22.05 3.84 -30.46
N ILE B 60 21.28 2.90 -30.98
CA ILE B 60 20.67 3.10 -32.27
C ILE B 60 19.32 2.42 -32.36
N GLY B 61 18.38 3.13 -32.97
CA GLY B 61 17.08 2.58 -33.27
C GLY B 61 16.09 3.71 -33.32
N PRO B 62 14.81 3.38 -33.22
CA PRO B 62 13.80 4.37 -33.40
C PRO B 62 13.84 5.51 -32.39
N CYS B 63 13.38 6.67 -32.82
CA CYS B 63 13.14 7.77 -31.91
C CYS B 63 12.20 7.31 -30.80
N SER B 64 11.15 6.58 -31.16
CA SER B 64 10.21 6.04 -30.18
C SER B 64 9.60 4.76 -30.69
N ILE B 65 9.24 3.86 -29.77
CA ILE B 65 8.58 2.62 -30.12
C ILE B 65 7.09 2.84 -30.09
N HIS B 66 6.44 2.62 -31.21
CA HIS B 66 4.99 2.64 -31.25
C HIS B 66 4.40 1.34 -31.71
N ASP B 67 5.24 0.39 -32.08
CA ASP B 67 4.75 -0.88 -32.63
C ASP B 67 5.71 -2.03 -32.37
N PRO B 68 5.39 -2.88 -31.39
CA PRO B 68 6.34 -3.91 -30.96
C PRO B 68 6.77 -4.85 -32.06
N LYS B 69 5.88 -5.13 -32.99
CA LYS B 69 6.23 -6.05 -34.08
C LYS B 69 7.34 -5.44 -34.94
N ALA B 70 7.15 -4.20 -35.38
CA ALA B 70 8.20 -3.49 -36.13
C ALA B 70 9.49 -3.44 -35.30
N ALA B 71 9.37 -3.21 -34.01
CA ALA B 71 10.56 -3.13 -33.17
C ALA B 71 11.28 -4.47 -33.14
N LEU B 72 10.53 -5.56 -33.09
CA LEU B 72 11.14 -6.91 -33.11
C LEU B 72 11.84 -7.20 -34.41
N GLU B 73 11.24 -6.82 -35.53
CA GLU B 73 11.84 -7.06 -36.86
C GLU B 73 13.10 -6.22 -37.02
N TYR B 74 13.03 -4.96 -36.57
CA TYR B 74 14.19 -4.07 -36.57
C TYR B 74 15.29 -4.76 -35.79
N ALA B 75 14.96 -5.25 -34.62
CA ALA B 75 15.93 -5.89 -33.72
C ALA B 75 16.62 -7.06 -34.36
N GLU B 76 15.84 -7.88 -35.07
CA GLU B 76 16.37 -9.09 -35.69
C GLU B 76 17.39 -8.71 -36.81
N ARG B 77 17.13 -7.63 -37.55
CA ARG B 77 18.13 -7.11 -38.50
C ARG B 77 19.34 -6.54 -37.79
N LEU B 78 19.09 -5.73 -36.76
CA LEU B 78 20.19 -5.05 -36.07
C LEU B 78 21.08 -6.08 -35.42
N LEU B 79 20.48 -7.19 -34.97
CA LEU B 79 21.23 -8.24 -34.29
C LEU B 79 22.36 -8.79 -35.16
N LYS B 80 22.07 -9.04 -36.44
CA LYS B 80 23.10 -9.55 -37.37
C LYS B 80 24.30 -8.59 -37.40
N LEU B 81 24.05 -7.29 -37.41
CA LEU B 81 25.09 -6.28 -37.44
C LEU B 81 25.79 -6.15 -36.11
N ARG B 82 25.04 -6.26 -35.02
CA ARG B 82 25.64 -6.27 -33.67
C ARG B 82 26.70 -7.33 -33.59
N LYS B 83 26.37 -8.51 -34.11
CA LYS B 83 27.32 -9.63 -34.14
C LYS B 83 28.47 -9.37 -35.11
N GLN B 84 28.13 -9.00 -36.34
CA GLN B 84 29.12 -8.77 -37.37
C GLN B 84 30.17 -7.76 -36.93
N TYR B 85 29.74 -6.71 -36.25
CA TYR B 85 30.67 -5.66 -35.86
C TYR B 85 31.10 -5.69 -34.40
N GLU B 86 30.94 -6.83 -33.75
CA GLU B 86 31.10 -6.93 -32.30
C GLU B 86 32.50 -6.61 -31.79
N ASN B 87 33.51 -6.69 -32.64
CA ASN B 87 34.90 -6.42 -32.23
C ASN B 87 35.29 -4.94 -32.29
N GLU B 88 34.52 -4.18 -33.08
CA GLU B 88 34.68 -2.72 -33.26
C GLU B 88 33.57 -1.88 -32.56
N LEU B 89 32.34 -2.34 -32.66
CA LEU B 89 31.18 -1.67 -32.13
C LEU B 89 30.40 -2.48 -31.08
N LEU B 90 29.90 -1.78 -30.06
CA LEU B 90 28.95 -2.38 -29.11
C LEU B 90 27.58 -1.80 -29.44
N ILE B 91 26.79 -2.55 -30.17
CA ILE B 91 25.48 -2.08 -30.59
C ILE B 91 24.38 -2.45 -29.58
N VAL B 92 23.63 -1.45 -29.16
CA VAL B 92 22.51 -1.58 -28.25
C VAL B 92 21.31 -0.83 -28.86
N MET B 93 20.14 -1.46 -28.86
CA MET B 93 18.96 -0.86 -29.48
C MET B 93 18.28 0.23 -28.64
N ARG B 94 17.89 1.28 -29.33
CA ARG B 94 17.09 2.33 -28.74
C ARG B 94 15.69 1.79 -28.61
N VAL B 95 15.19 1.76 -27.37
CA VAL B 95 13.87 1.24 -27.09
C VAL B 95 13.22 2.24 -26.20
N TYR B 96 12.86 3.37 -26.80
CA TYR B 96 12.35 4.52 -26.03
C TYR B 96 10.79 4.53 -25.92
N PHE B 97 10.32 4.43 -24.68
CA PHE B 97 8.92 4.30 -24.36
C PHE B 97 8.31 5.61 -23.84
N GLU B 98 9.16 6.57 -23.46
CA GLU B 98 8.70 7.85 -22.89
C GLU B 98 9.35 9.03 -23.65
N LYS B 99 8.51 9.91 -24.17
CA LYS B 99 8.96 11.04 -25.00
C LYS B 99 8.59 12.38 -24.40
N PRO B 100 9.60 13.24 -24.13
CA PRO B 100 9.31 14.56 -23.63
C PRO B 100 8.92 15.43 -24.79
N ARG B 101 7.74 16.03 -24.68
CA ARG B 101 7.25 16.94 -25.67
C ARG B 101 7.63 18.36 -25.30
N THR B 102 7.87 19.16 -26.33
CA THR B 102 8.21 20.58 -26.18
C THR B 102 7.02 21.31 -25.50
N THR B 103 5.80 20.94 -25.88
CA THR B 103 4.61 21.40 -25.14
C THR B 103 3.75 20.19 -24.82
N VAL B 104 2.89 19.80 -25.76
CA VAL B 104 2.03 18.61 -25.61
C VAL B 104 2.14 17.72 -26.83
N GLY B 105 1.63 16.50 -26.69
CA GLY B 105 1.60 15.46 -27.73
C GLY B 105 1.54 14.06 -27.14
N TRP B 106 1.55 13.05 -28.00
CA TRP B 106 1.68 11.65 -27.59
C TRP B 106 3.01 11.43 -26.78
N LYS B 107 2.91 10.91 -25.55
CA LYS B 107 4.12 10.83 -24.65
C LYS B 107 4.82 9.50 -24.70
N GLY B 108 4.26 8.61 -25.54
CA GLY B 108 4.89 7.32 -25.80
C GLY B 108 3.97 6.15 -25.56
N LEU B 109 4.53 4.97 -25.76
CA LEU B 109 3.77 3.74 -25.77
C LEU B 109 3.26 3.38 -24.38
N ILE B 110 4.04 3.69 -23.34
CA ILE B 110 3.61 3.46 -21.95
C ILE B 110 2.39 4.30 -21.60
N ASN B 111 2.46 5.60 -21.90
CA ASN B 111 1.43 6.57 -21.51
C ASN B 111 0.13 6.36 -22.28
N ASP B 112 0.22 5.79 -23.48
CA ASP B 112 -0.96 5.67 -24.38
C ASP B 112 -0.70 4.68 -25.51
N PRO B 113 -0.71 3.37 -25.20
CA PRO B 113 -0.25 2.34 -26.15
C PRO B 113 -1.15 2.05 -27.34
N HIS B 114 -2.42 2.45 -27.24
CA HIS B 114 -3.36 2.26 -28.34
C HIS B 114 -3.31 3.47 -29.30
N LEU B 115 -2.67 4.53 -28.86
CA LEU B 115 -2.44 5.70 -29.69
C LEU B 115 -3.69 6.51 -29.93
N ASP B 116 -4.74 6.19 -29.22
CA ASP B 116 -6.02 6.81 -29.44
C ASP B 116 -6.47 7.73 -28.36
N GLY B 117 -5.59 8.11 -27.45
CA GLY B 117 -5.99 8.97 -26.35
C GLY B 117 -6.61 8.27 -25.15
N THR B 118 -6.39 6.98 -25.02
CA THR B 118 -7.05 6.18 -23.98
C THR B 118 -6.22 6.05 -22.72
N PHE B 119 -4.95 6.36 -22.82
CA PHE B 119 -4.09 6.32 -21.63
C PHE B 119 -4.19 5.01 -20.87
N ASP B 120 -4.13 3.90 -21.57
CA ASP B 120 -4.15 2.59 -20.95
C ASP B 120 -2.77 2.19 -20.41
N ILE B 121 -2.38 2.79 -19.29
CA ILE B 121 -1.03 2.68 -18.80
C ILE B 121 -0.66 1.30 -18.31
N ASN B 122 -1.60 0.61 -17.72
CA ASN B 122 -1.33 -0.74 -17.27
C ASN B 122 -0.88 -1.62 -18.42
N PHE B 123 -1.56 -1.46 -19.56
CA PHE B 123 -1.31 -2.23 -20.76
C PHE B 123 0.00 -1.78 -21.40
N GLY B 124 0.20 -0.47 -21.47
CA GLY B 124 1.47 0.09 -21.96
C GLY B 124 2.68 -0.44 -21.21
N LEU B 125 2.59 -0.46 -19.87
CA LEU B 125 3.67 -0.96 -19.06
C LEU B 125 3.88 -2.44 -19.32
N ARG B 126 2.79 -3.17 -19.50
CA ARG B 126 2.91 -4.58 -19.77
C ARG B 126 3.59 -4.77 -21.10
N GLN B 127 3.13 -4.05 -22.12
CA GLN B 127 3.70 -4.21 -23.46
C GLN B 127 5.20 -3.86 -23.46
N ALA B 128 5.58 -2.83 -22.72
CA ALA B 128 6.99 -2.39 -22.71
C ALA B 128 7.85 -3.44 -22.05
N ARG B 129 7.40 -3.98 -20.92
CA ARG B 129 8.14 -5.05 -20.30
C ARG B 129 8.29 -6.23 -21.26
N SER B 130 7.19 -6.60 -21.90
CA SER B 130 7.17 -7.77 -22.78
C SER B 130 8.15 -7.62 -23.93
N LEU B 131 8.10 -6.46 -24.57
CA LEU B 131 8.99 -6.18 -25.66
C LEU B 131 10.44 -6.26 -25.18
N LEU B 132 10.72 -5.65 -24.05
CA LEU B 132 12.08 -5.62 -23.55
C LEU B 132 12.56 -7.01 -23.23
N LEU B 133 11.69 -7.83 -22.67
CA LEU B 133 12.08 -9.20 -22.36
C LEU B 133 12.38 -9.98 -23.62
N SER B 134 11.56 -9.82 -24.65
CA SER B 134 11.78 -10.55 -25.90
C SER B 134 13.09 -10.09 -26.58
N LEU B 135 13.42 -8.79 -26.47
CA LEU B 135 14.63 -8.26 -27.12
C LEU B 135 15.87 -8.84 -26.47
N ASN B 136 15.89 -8.81 -25.17
CA ASN B 136 17.00 -9.41 -24.45
C ASN B 136 17.07 -10.89 -24.66
N ASN B 137 15.92 -11.56 -24.75
CA ASN B 137 15.92 -13.00 -24.98
C ASN B 137 16.55 -13.39 -26.31
N MET B 138 16.34 -12.56 -27.31
CA MET B 138 16.85 -12.85 -28.64
C MET B 138 18.32 -12.44 -28.78
N GLY B 139 18.87 -11.78 -27.76
CA GLY B 139 20.30 -11.40 -27.77
C GLY B 139 20.59 -9.92 -28.05
N MET B 140 19.51 -9.13 -28.15
CA MET B 140 19.61 -7.68 -28.36
C MET B 140 19.40 -6.88 -27.06
N PRO B 141 20.46 -6.30 -26.54
CA PRO B 141 20.30 -5.40 -25.42
C PRO B 141 19.55 -4.10 -25.78
N ALA B 142 19.05 -3.44 -24.72
CA ALA B 142 18.12 -2.34 -24.85
C ALA B 142 18.48 -1.11 -24.03
N SER B 143 18.08 0.06 -24.55
CA SER B 143 18.34 1.32 -23.92
C SER B 143 17.07 2.13 -23.94
N THR B 144 16.95 3.07 -22.97
CA THR B 144 15.77 3.92 -22.91
C THR B 144 16.05 5.24 -22.18
N GLU B 145 15.17 6.22 -22.39
CA GLU B 145 15.24 7.46 -21.66
C GLU B 145 14.37 7.27 -20.42
N PHE B 146 14.94 7.58 -19.27
CA PHE B 146 14.21 7.48 -18.00
C PHE B 146 13.67 8.86 -17.68
N LEU B 147 12.37 9.01 -17.90
CA LEU B 147 11.74 10.28 -17.84
C LEU B 147 10.90 10.40 -16.59
N ASP B 148 10.06 9.41 -16.37
CA ASP B 148 9.17 9.32 -15.17
C ASP B 148 9.99 8.81 -13.98
N MET B 149 9.58 9.10 -12.76
CA MET B 149 10.26 8.56 -11.53
C MET B 149 9.81 7.15 -11.10
N ILE B 150 8.62 6.76 -11.55
CA ILE B 150 7.94 5.58 -11.08
C ILE B 150 7.97 4.46 -12.13
N THR B 151 7.79 4.77 -13.41
CA THR B 151 7.81 3.71 -14.41
C THR B 151 9.08 2.83 -14.46
N PRO B 152 10.27 3.37 -14.23
CA PRO B 152 11.43 2.49 -14.28
C PRO B 152 11.40 1.20 -13.42
N GLN B 153 10.73 1.21 -12.29
CA GLN B 153 10.61 0.00 -11.49
C GLN B 153 10.01 -1.17 -12.27
N TYR B 154 9.28 -0.85 -13.34
CA TYR B 154 8.56 -1.85 -14.10
C TYR B 154 9.46 -2.61 -15.10
N TYR B 155 10.57 -2.02 -15.53
CA TYR B 155 11.38 -2.66 -16.56
C TYR B 155 12.88 -2.29 -16.54
N ALA B 156 13.33 -1.58 -15.53
CA ALA B 156 14.75 -1.15 -15.48
C ALA B 156 15.70 -2.34 -15.48
N ASP B 157 15.23 -3.46 -14.97
CA ASP B 157 16.02 -4.68 -14.91
C ASP B 157 16.33 -5.19 -16.32
N LEU B 158 15.59 -4.72 -17.31
CA LEU B 158 15.83 -5.15 -18.69
C LEU B 158 16.58 -4.15 -19.53
N ILE B 159 17.11 -3.11 -18.88
CA ILE B 159 17.75 -2.03 -19.57
C ILE B 159 19.26 -2.05 -19.30
N SER B 160 20.04 -1.92 -20.38
CA SER B 160 21.50 -1.98 -20.30
C SER B 160 22.15 -0.59 -20.30
N TRP B 161 21.43 0.43 -20.75
CA TRP B 161 21.94 1.77 -20.74
C TRP B 161 20.80 2.70 -20.77
N GLY B 162 20.94 3.79 -19.99
CA GLY B 162 19.89 4.77 -19.79
C GLY B 162 20.30 6.18 -20.14
N ALA B 163 19.33 6.93 -20.65
CA ALA B 163 19.53 8.33 -20.93
C ALA B 163 18.71 9.22 -20.01
N ILE B 164 19.31 10.32 -19.57
CA ILE B 164 18.52 11.44 -19.02
C ILE B 164 18.52 12.52 -20.11
N GLY B 165 17.32 12.92 -20.52
CA GLY B 165 17.17 13.87 -21.63
C GLY B 165 17.65 15.30 -21.38
N ALA B 166 17.87 16.03 -22.46
CA ALA B 166 18.33 17.41 -22.40
C ALA B 166 17.49 18.26 -21.46
N ARG B 167 16.21 17.92 -21.39
CA ARG B 167 15.21 18.71 -20.70
C ARG B 167 15.18 18.45 -19.17
N THR B 168 15.86 17.43 -18.74
CA THR B 168 15.82 16.97 -17.36
C THR B 168 17.23 16.78 -16.77
N THR B 169 18.28 16.98 -17.56
CA THR B 169 19.66 16.83 -17.07
C THR B 169 19.94 17.73 -15.85
N GLU B 170 19.35 18.91 -15.84
CA GLU B 170 19.55 19.84 -14.76
C GLU B 170 18.70 19.50 -13.52
N SER B 171 17.74 18.58 -13.64
CA SER B 171 16.72 18.32 -12.62
C SER B 171 17.29 17.40 -11.55
N GLN B 172 17.13 17.84 -10.33
CA GLN B 172 17.62 17.15 -9.19
C GLN B 172 16.96 15.78 -9.03
N VAL B 173 15.65 15.67 -9.29
CA VAL B 173 14.97 14.37 -9.12
C VAL B 173 15.46 13.34 -10.15
N HIS B 174 15.86 13.83 -11.32
CA HIS B 174 16.42 12.96 -12.34
C HIS B 174 17.82 12.57 -12.01
N ARG B 175 18.55 13.47 -11.37
CA ARG B 175 19.91 13.09 -10.91
C ARG B 175 19.81 12.08 -9.78
N GLU B 176 18.84 12.28 -8.89
CA GLU B 176 18.54 11.31 -7.84
C GLU B 176 18.23 9.96 -8.45
N LEU B 177 17.30 9.95 -9.37
CA LEU B 177 16.95 8.70 -10.06
C LEU B 177 18.18 8.01 -10.63
N ALA B 178 19.00 8.76 -11.36
CA ALA B 178 20.18 8.18 -12.02
C ALA B 178 21.12 7.56 -10.98
N SER B 179 21.19 8.23 -9.82
CA SER B 179 22.04 7.74 -8.72
C SER B 179 21.70 6.35 -8.23
N GLY B 180 20.48 5.91 -8.48
CA GLY B 180 20.03 4.60 -8.05
C GLY B 180 19.86 3.56 -9.15
N LEU B 181 20.07 3.93 -10.42
CA LEU B 181 19.97 2.98 -11.57
C LEU B 181 21.18 2.05 -11.59
N SER B 182 20.96 0.80 -11.94
CA SER B 182 22.06 -0.14 -11.95
C SER B 182 22.81 -0.17 -13.30
N CYS B 183 22.34 0.62 -14.26
CA CYS B 183 22.93 0.65 -15.59
C CYS B 183 23.69 1.96 -15.75
N PRO B 184 24.64 2.01 -16.69
CA PRO B 184 25.28 3.27 -16.98
C PRO B 184 24.26 4.27 -17.51
N VAL B 185 24.57 5.55 -17.34
CA VAL B 185 23.65 6.61 -17.67
C VAL B 185 24.34 7.77 -18.39
N GLY B 186 23.68 8.26 -19.43
CA GLY B 186 24.20 9.37 -20.22
C GLY B 186 23.36 10.60 -20.00
N PHE B 187 24.03 11.71 -19.73
CA PHE B 187 23.33 12.94 -19.49
C PHE B 187 23.58 13.85 -20.70
N LYS B 188 22.50 14.30 -21.32
CA LYS B 188 22.62 15.21 -22.41
C LYS B 188 22.96 16.61 -21.98
N ASN B 189 23.75 17.29 -22.78
CA ASN B 189 23.83 18.73 -22.63
C ASN B 189 22.44 19.38 -22.85
N GLY B 190 22.27 20.60 -22.37
CA GLY B 190 20.96 21.26 -22.38
C GLY B 190 20.49 21.73 -23.75
N THR B 191 19.21 22.06 -23.86
CA THR B 191 18.61 22.32 -25.17
C THR B 191 19.27 23.49 -25.91
N ASP B 192 19.88 24.41 -25.20
CA ASP B 192 20.61 25.48 -25.85
C ASP B 192 22.13 25.28 -25.88
N GLY B 193 22.59 24.12 -25.46
CA GLY B 193 24.03 23.77 -25.60
C GLY B 193 24.88 23.75 -24.35
N ASN B 194 24.27 24.01 -23.20
CA ASN B 194 24.97 24.10 -21.93
C ASN B 194 25.46 22.73 -21.54
N LEU B 195 26.78 22.59 -21.50
CA LEU B 195 27.47 21.34 -21.15
C LEU B 195 27.69 21.18 -19.63
N LYS B 196 27.97 22.27 -18.97
CA LYS B 196 28.22 22.28 -17.52
C LYS B 196 27.14 21.53 -16.75
N ILE B 197 25.87 21.74 -17.11
CA ILE B 197 24.78 21.03 -16.40
C ILE B 197 24.94 19.53 -16.47
N ALA B 198 25.49 19.01 -17.56
CA ALA B 198 25.68 17.56 -17.68
C ALA B 198 26.87 17.09 -16.86
N ILE B 199 27.93 17.92 -16.84
CA ILE B 199 29.08 17.63 -16.01
C ILE B 199 28.66 17.61 -14.54
N ASP B 200 27.95 18.64 -14.13
CA ASP B 200 27.37 18.74 -12.79
C ASP B 200 26.52 17.49 -12.49
N ALA B 201 25.76 17.01 -13.47
CA ALA B 201 24.84 15.90 -13.24
C ALA B 201 25.58 14.64 -12.96
N ILE B 202 26.72 14.47 -13.62
CA ILE B 202 27.55 13.28 -13.37
C ILE B 202 28.02 13.30 -11.93
N GLY B 203 28.45 14.49 -11.53
CA GLY B 203 28.96 14.72 -10.19
C GLY B 203 27.90 14.40 -9.17
N ALA B 204 26.70 14.91 -9.40
CA ALA B 204 25.56 14.64 -8.48
C ALA B 204 25.15 13.18 -8.48
N ALA B 205 25.00 12.59 -9.67
CA ALA B 205 24.48 11.24 -9.77
C ALA B 205 25.46 10.24 -9.20
N SER B 206 26.73 10.59 -9.14
CA SER B 206 27.73 9.65 -8.66
C SER B 206 27.71 9.57 -7.12
N HIS B 207 27.00 10.48 -6.47
CA HIS B 207 26.91 10.49 -4.98
C HIS B 207 25.65 9.76 -4.50
N SER B 208 25.63 9.52 -3.21
CA SER B 208 24.54 8.87 -2.55
C SER B 208 23.43 9.90 -2.35
N HIS B 209 22.20 9.49 -2.51
CA HIS B 209 21.06 10.39 -2.26
C HIS B 209 20.00 9.73 -1.38
N HIS B 210 19.22 10.56 -0.71
CA HIS B 210 17.99 10.12 -0.04
C HIS B 210 16.82 10.85 -0.62
N PHE B 211 15.81 10.10 -1.06
CA PHE B 211 14.62 10.72 -1.57
C PHE B 211 13.40 9.79 -1.46
N LEU B 212 12.22 10.33 -1.75
CA LEU B 212 11.00 9.56 -1.76
C LEU B 212 10.84 8.89 -3.10
N GLY B 213 10.60 7.58 -3.06
CA GLY B 213 10.35 6.78 -4.25
C GLY B 213 9.21 5.80 -3.99
N VAL B 214 9.01 4.90 -4.94
CA VAL B 214 7.95 3.93 -4.91
C VAL B 214 8.51 2.53 -5.08
N THR B 215 8.16 1.64 -4.16
CA THR B 215 8.71 0.26 -4.19
C THR B 215 8.13 -0.55 -5.34
N LYS B 216 8.67 -1.73 -5.52
CA LYS B 216 8.16 -2.64 -6.51
C LYS B 216 6.72 -3.08 -6.19
N ALA B 217 6.29 -2.84 -4.95
CA ALA B 217 4.95 -3.19 -4.58
C ALA B 217 3.98 -2.03 -4.70
N GLY B 218 4.45 -0.91 -5.21
CA GLY B 218 3.59 0.28 -5.46
C GLY B 218 3.27 1.09 -4.18
N HIS B 219 4.15 1.05 -3.21
CA HIS B 219 4.02 1.88 -2.00
C HIS B 219 5.16 2.89 -1.89
N SER B 220 4.87 4.08 -1.37
CA SER B 220 5.93 5.07 -1.26
C SER B 220 6.85 4.70 -0.12
N ALA B 221 8.10 5.08 -0.26
CA ALA B 221 9.13 4.77 0.71
C ALA B 221 10.29 5.76 0.59
N ILE B 222 11.15 5.77 1.59
CA ILE B 222 12.40 6.54 1.53
C ILE B 222 13.45 5.68 0.86
N VAL B 223 14.02 6.12 -0.27
CA VAL B 223 15.08 5.34 -0.90
C VAL B 223 16.42 5.99 -0.65
N HIS B 224 17.41 5.16 -0.38
CA HIS B 224 18.78 5.61 -0.11
C HIS B 224 19.65 5.00 -1.19
N THR B 225 20.20 5.80 -2.09
CA THR B 225 20.97 5.23 -3.20
C THR B 225 22.42 5.26 -2.90
N GLY B 226 23.19 4.47 -3.63
CA GLY B 226 24.65 4.35 -3.42
C GLY B 226 25.53 5.15 -4.39
N GLY B 227 24.92 5.76 -5.38
CA GLY B 227 25.64 6.51 -6.41
C GLY B 227 25.88 5.68 -7.64
N ASN B 228 25.83 6.32 -8.80
CA ASN B 228 26.11 5.63 -10.06
C ASN B 228 27.43 6.08 -10.61
N PRO B 229 28.45 5.21 -10.59
CA PRO B 229 29.79 5.63 -11.02
C PRO B 229 30.01 5.61 -12.54
N ASP B 230 28.97 5.24 -13.30
CA ASP B 230 29.13 4.99 -14.74
C ASP B 230 28.33 5.96 -15.59
N CYS B 231 28.36 7.21 -15.14
CA CYS B 231 27.71 8.27 -15.87
C CYS B 231 28.66 8.95 -16.82
N HIS B 232 28.09 9.47 -17.91
CA HIS B 232 28.84 10.22 -18.86
C HIS B 232 27.93 11.24 -19.55
N VAL B 233 28.59 12.08 -20.32
CA VAL B 233 28.02 13.20 -21.01
C VAL B 233 27.66 12.76 -22.42
N ILE B 234 26.63 13.40 -22.98
CA ILE B 234 26.24 13.19 -24.36
C ILE B 234 26.12 14.51 -25.07
N LEU B 235 26.85 14.66 -26.19
CA LEU B 235 26.85 15.92 -26.92
C LEU B 235 25.76 15.83 -27.94
N ARG B 236 24.77 16.69 -27.82
CA ARG B 236 23.59 16.57 -28.66
C ARG B 236 23.25 17.86 -29.37
N GLY B 237 24.23 18.77 -29.43
CA GLY B 237 24.01 20.03 -30.09
C GLY B 237 23.25 21.00 -29.22
N GLY B 238 23.22 22.26 -29.67
CA GLY B 238 22.41 23.29 -29.02
C GLY B 238 21.95 24.29 -30.05
N LYS B 239 22.15 25.56 -29.76
CA LYS B 239 21.93 26.61 -30.78
C LYS B 239 22.81 26.29 -32.01
N GLU B 240 23.97 25.71 -31.73
CA GLU B 240 24.86 25.21 -32.77
C GLU B 240 25.27 23.75 -32.47
N PRO B 241 25.66 23.00 -33.50
CA PRO B 241 26.18 21.66 -33.33
C PRO B 241 27.47 21.60 -32.51
N ASN B 242 27.62 20.49 -31.78
CA ASN B 242 28.77 20.28 -30.91
C ASN B 242 29.35 18.90 -31.05
N TYR B 243 29.36 18.39 -32.28
CA TYR B 243 29.93 17.07 -32.55
C TYR B 243 31.38 17.06 -33.03
N ASP B 244 31.88 18.18 -33.50
CA ASP B 244 33.21 18.15 -34.14
C ASP B 244 34.37 18.09 -33.12
N ALA B 245 35.55 17.83 -33.65
CA ALA B 245 36.80 17.62 -32.88
C ALA B 245 37.09 18.68 -31.85
N GLU B 246 36.83 19.93 -32.24
CA GLU B 246 37.06 21.09 -31.38
C GLU B 246 36.11 21.03 -30.21
N HIS B 247 34.82 20.80 -30.48
CA HIS B 247 33.82 20.76 -29.41
C HIS B 247 34.08 19.59 -28.47
N VAL B 248 34.57 18.50 -29.06
CA VAL B 248 34.93 17.30 -28.30
C VAL B 248 36.13 17.53 -27.43
N SER B 249 37.14 18.17 -27.98
CA SER B 249 38.32 18.50 -27.20
C SER B 249 37.98 19.47 -26.04
N GLU B 250 37.15 20.46 -26.32
CA GLU B 250 36.78 21.42 -25.30
C GLU B 250 35.95 20.75 -24.19
N ALA B 251 35.06 19.84 -24.60
CA ALA B 251 34.27 19.08 -23.65
C ALA B 251 35.18 18.26 -22.73
N ALA B 252 36.09 17.55 -23.35
CA ALA B 252 37.04 16.70 -22.65
C ALA B 252 37.88 17.42 -21.62
N GLU B 253 38.33 18.62 -21.96
CA GLU B 253 39.15 19.41 -21.04
C GLU B 253 38.28 19.76 -19.82
N GLN B 254 37.03 20.16 -20.06
CA GLN B 254 36.10 20.51 -18.97
C GLN B 254 35.83 19.35 -18.06
N LEU B 255 35.71 18.17 -18.66
CA LEU B 255 35.41 16.94 -17.91
C LEU B 255 36.60 16.56 -17.01
N ARG B 256 37.80 16.57 -17.58
CA ARG B 256 39.00 16.32 -16.78
C ARG B 256 39.13 17.32 -15.62
N ALA B 257 38.82 18.58 -15.91
CA ALA B 257 38.89 19.63 -14.92
C ALA B 257 37.97 19.40 -13.72
N ALA B 258 36.77 18.84 -13.95
CA ALA B 258 35.84 18.49 -12.86
C ALA B 258 36.07 17.08 -12.29
N GLY B 259 37.14 16.43 -12.72
CA GLY B 259 37.52 15.11 -12.20
C GLY B 259 36.56 13.98 -12.51
N VAL B 260 35.92 14.05 -13.67
CA VAL B 260 35.02 12.98 -14.10
C VAL B 260 35.50 12.44 -15.46
N THR B 261 34.92 11.31 -15.89
CA THR B 261 35.37 10.66 -17.13
C THR B 261 35.30 11.59 -18.35
N ASP B 262 36.41 11.64 -19.07
CA ASP B 262 36.51 12.47 -20.28
C ASP B 262 36.19 11.66 -21.56
N LYS B 263 35.45 10.57 -21.36
CA LYS B 263 34.93 9.79 -22.45
C LYS B 263 33.46 10.11 -22.61
N LEU B 264 33.08 10.43 -23.83
CA LEU B 264 31.75 10.96 -24.08
C LEU B 264 31.09 10.34 -25.31
N MET B 265 29.79 10.60 -25.41
CA MET B 265 28.95 10.11 -26.46
C MET B 265 28.51 11.29 -27.29
N ILE B 266 28.37 11.07 -28.61
CA ILE B 266 27.87 12.10 -29.53
C ILE B 266 26.59 11.65 -30.18
N ASP B 267 25.56 12.45 -30.00
CA ASP B 267 24.28 12.19 -30.67
C ASP B 267 24.36 12.73 -32.08
N CYS B 268 24.18 11.83 -33.06
CA CYS B 268 24.15 12.22 -34.48
C CYS B 268 22.85 12.90 -34.91
N SER B 269 21.81 12.80 -34.09
CA SER B 269 20.52 13.36 -34.43
C SER B 269 20.20 14.65 -33.66
N HIS B 270 18.90 14.90 -33.52
CA HIS B 270 18.42 16.07 -32.80
C HIS B 270 19.12 17.36 -33.21
N ALA B 271 19.64 18.15 -32.27
CA ALA B 271 20.19 19.47 -32.60
C ALA B 271 21.52 19.35 -33.34
N ASN B 272 22.14 18.16 -33.36
CA ASN B 272 23.38 18.01 -34.14
C ASN B 272 23.16 17.83 -35.64
N SER B 273 21.98 17.34 -35.99
CA SER B 273 21.58 17.19 -37.40
C SER B 273 20.67 18.33 -37.82
N ARG B 274 20.39 19.23 -36.88
CA ARG B 274 19.47 20.34 -37.09
C ARG B 274 18.08 19.79 -37.45
N LYS B 275 17.72 18.64 -36.89
CA LYS B 275 16.41 18.04 -37.08
C LYS B 275 16.15 17.63 -38.53
N ASP B 276 17.24 17.33 -39.24
CA ASP B 276 17.18 16.72 -40.57
C ASP B 276 17.83 15.34 -40.52
N TYR B 277 17.02 14.29 -40.62
CA TYR B 277 17.55 12.93 -40.56
C TYR B 277 18.64 12.64 -41.61
N THR B 278 18.60 13.33 -42.75
CA THR B 278 19.66 13.13 -43.79
C THR B 278 21.04 13.64 -43.39
N ARG B 279 21.10 14.40 -42.30
CA ARG B 279 22.39 14.90 -41.79
C ARG B 279 23.03 13.96 -40.78
N GLN B 280 22.29 12.97 -40.30
CA GLN B 280 22.89 12.04 -39.35
C GLN B 280 24.11 11.40 -39.97
N MET B 281 24.05 11.11 -41.26
CA MET B 281 25.20 10.52 -41.90
C MET B 281 26.40 11.47 -41.89
N GLU B 282 26.16 12.76 -42.13
CA GLU B 282 27.23 13.76 -42.10
C GLU B 282 27.94 13.75 -40.76
N VAL B 283 27.16 13.73 -39.68
CA VAL B 283 27.73 13.75 -38.35
C VAL B 283 28.58 12.51 -38.13
N ALA B 284 28.06 11.36 -38.54
CA ALA B 284 28.78 10.10 -38.42
C ALA B 284 30.05 10.13 -39.27
N GLN B 285 29.99 10.83 -40.39
CA GLN B 285 31.19 10.99 -41.26
C GLN B 285 32.27 11.82 -40.55
N ASP B 286 31.86 12.90 -39.91
CA ASP B 286 32.78 13.66 -39.10
C ASP B 286 33.37 12.84 -37.94
N ILE B 287 32.53 12.05 -37.28
CA ILE B 287 32.99 11.22 -36.17
C ILE B 287 33.98 10.20 -36.67
N ALA B 288 33.62 9.57 -37.78
CA ALA B 288 34.51 8.58 -38.44
C ALA B 288 35.90 9.14 -38.65
N ALA B 289 35.97 10.35 -39.19
CA ALA B 289 37.24 11.03 -39.44
C ALA B 289 37.96 11.31 -38.13
N GLN B 290 37.23 11.70 -37.09
CA GLN B 290 37.88 11.94 -35.79
C GLN B 290 38.47 10.63 -35.24
N LEU B 291 37.76 9.53 -35.49
CA LEU B 291 38.21 8.23 -35.00
C LEU B 291 39.46 7.77 -35.77
N GLU B 292 39.52 8.11 -37.07
CA GLU B 292 40.71 7.86 -37.89
C GLU B 292 41.93 8.69 -37.45
N GLN B 293 41.77 10.00 -37.24
CA GLN B 293 42.89 10.88 -36.81
C GLN B 293 43.34 10.58 -35.37
N ASP B 294 42.38 10.59 -34.45
CA ASP B 294 42.67 10.37 -33.04
C ASP B 294 41.38 9.87 -32.35
N GLY B 295 40.50 10.81 -31.98
CA GLY B 295 39.20 10.47 -31.40
C GLY B 295 39.24 9.71 -30.08
N GLY B 296 40.31 9.91 -29.31
CA GLY B 296 40.50 9.23 -28.03
C GLY B 296 39.43 9.43 -26.99
N ASN B 297 38.71 10.55 -27.07
CA ASN B 297 37.68 10.89 -26.05
C ASN B 297 36.27 10.43 -26.37
N ILE B 298 36.10 9.78 -27.52
CA ILE B 298 34.79 9.34 -27.96
C ILE B 298 34.59 7.91 -27.51
N MET B 299 33.55 7.64 -26.74
CA MET B 299 33.20 6.29 -26.35
C MET B 299 31.88 5.80 -27.02
N GLY B 300 31.15 6.70 -27.65
CA GLY B 300 29.92 6.27 -28.26
C GLY B 300 29.18 7.27 -29.10
N VAL B 301 28.20 6.76 -29.81
CA VAL B 301 27.33 7.58 -30.67
C VAL B 301 25.90 7.12 -30.55
N MET B 302 25.02 8.02 -30.91
CA MET B 302 23.60 7.79 -30.86
C MET B 302 23.03 8.10 -32.25
N VAL B 303 22.10 7.27 -32.72
CA VAL B 303 21.54 7.39 -34.05
C VAL B 303 20.06 7.04 -34.01
N GLU B 304 19.24 7.90 -34.62
CA GLU B 304 17.78 7.69 -34.70
C GLU B 304 17.51 7.00 -36.03
N SER B 305 17.16 5.72 -35.93
CA SER B 305 17.10 4.79 -37.07
C SER B 305 15.86 3.89 -37.01
N HIS B 306 15.30 3.56 -38.19
CA HIS B 306 14.14 2.68 -38.29
C HIS B 306 14.18 1.86 -39.60
N LEU B 307 13.19 1.00 -39.81
CA LEU B 307 13.11 0.19 -41.01
C LEU B 307 12.98 1.12 -42.21
N VAL B 308 12.09 2.09 -42.07
CA VAL B 308 11.77 3.03 -43.13
C VAL B 308 12.09 4.43 -42.68
N GLU B 309 12.66 5.21 -43.60
CA GLU B 309 13.16 6.55 -43.28
C GLU B 309 12.02 7.56 -43.14
N GLY B 310 12.31 8.66 -42.46
CA GLY B 310 11.40 9.79 -42.38
C GLY B 310 10.50 9.74 -41.15
N ARG B 311 9.36 10.39 -41.26
CA ARG B 311 8.38 10.40 -40.21
C ARG B 311 6.96 10.52 -40.77
N GLN B 312 5.97 10.35 -39.88
CA GLN B 312 4.54 10.48 -40.26
C GLN B 312 3.74 10.87 -39.00
N ASP B 313 2.70 11.67 -39.18
CA ASP B 313 1.89 12.11 -38.02
C ASP B 313 0.97 10.97 -37.52
N LYS B 314 0.44 10.15 -38.43
CA LYS B 314 -0.37 8.95 -38.06
C LYS B 314 0.43 7.68 -38.40
N PRO B 315 0.27 6.62 -37.59
CA PRO B 315 1.01 5.35 -37.77
C PRO B 315 0.48 4.50 -38.92
N GLU B 316 0.55 5.06 -40.12
CA GLU B 316 0.00 4.46 -41.35
C GLU B 316 0.97 3.45 -41.95
N VAL B 317 2.21 3.89 -42.19
CA VAL B 317 3.22 3.03 -42.78
C VAL B 317 3.94 2.23 -41.69
N TYR B 318 4.23 0.97 -42.00
CA TYR B 318 4.95 0.09 -41.07
C TYR B 318 6.39 0.51 -40.97
N GLY B 319 6.95 0.49 -39.77
CA GLY B 319 8.38 0.72 -39.59
C GLY B 319 8.85 2.13 -39.86
N LYS B 320 7.98 3.08 -39.60
CA LYS B 320 8.24 4.48 -39.88
C LYS B 320 7.82 5.34 -38.70
N SER B 321 8.75 6.16 -38.22
CA SER B 321 8.60 6.92 -36.97
C SER B 321 7.41 7.86 -37.00
N ILE B 322 6.74 7.99 -35.87
CA ILE B 322 5.69 9.00 -35.66
C ILE B 322 6.14 10.18 -34.78
N THR B 323 7.40 10.15 -34.36
CA THR B 323 8.05 11.23 -33.58
C THR B 323 9.17 11.83 -34.43
N ASP B 324 10.41 11.91 -33.95
CA ASP B 324 11.49 12.46 -34.77
C ASP B 324 11.77 11.61 -36.02
N ALA B 325 12.09 12.25 -37.16
CA ALA B 325 12.38 11.48 -38.35
C ALA B 325 13.63 10.65 -38.17
N CYS B 326 13.61 9.45 -38.73
CA CYS B 326 14.75 8.52 -38.66
C CYS B 326 15.36 8.23 -40.04
N ILE B 327 16.62 7.81 -40.04
CA ILE B 327 17.18 7.20 -41.24
C ILE B 327 16.56 5.84 -41.38
N GLY B 328 16.56 5.36 -42.61
CA GLY B 328 16.06 4.05 -42.91
C GLY B 328 17.09 2.96 -42.73
N TRP B 329 16.69 1.73 -43.05
CA TRP B 329 17.56 0.60 -42.85
C TRP B 329 18.77 0.62 -43.77
N GLY B 330 18.60 1.03 -45.02
CA GLY B 330 19.72 1.12 -45.93
C GLY B 330 20.80 2.05 -45.37
N ALA B 331 20.38 3.27 -45.09
CA ALA B 331 21.25 4.25 -44.50
C ALA B 331 21.89 3.73 -43.20
N THR B 332 21.13 2.90 -42.47
CA THR B 332 21.63 2.35 -41.20
C THR B 332 22.81 1.40 -41.41
N GLU B 333 22.69 0.49 -42.39
CA GLU B 333 23.79 -0.45 -42.72
C GLU B 333 25.05 0.29 -43.10
N GLU B 334 24.86 1.37 -43.87
CA GLU B 334 25.96 2.25 -44.30
C GLU B 334 26.64 2.97 -43.14
N LEU B 335 25.82 3.57 -42.28
CA LEU B 335 26.37 4.31 -41.15
C LEU B 335 27.17 3.37 -40.27
N LEU B 336 26.63 2.18 -40.04
CA LEU B 336 27.28 1.23 -39.13
C LEU B 336 28.58 0.71 -39.68
N ALA B 337 28.60 0.39 -40.98
CA ALA B 337 29.82 -0.02 -41.65
C ALA B 337 30.87 1.10 -41.63
N LEU B 338 30.42 2.33 -41.90
CA LEU B 338 31.31 3.49 -41.82
C LEU B 338 31.99 3.59 -40.44
N LEU B 339 31.20 3.57 -39.38
CA LEU B 339 31.77 3.64 -38.02
C LEU B 339 32.61 2.42 -37.64
N ALA B 340 32.17 1.22 -38.05
CA ALA B 340 32.97 0.00 -37.79
C ALA B 340 34.34 0.13 -38.41
N GLY B 341 34.37 0.51 -39.67
CA GLY B 341 35.64 0.66 -40.42
C GLY B 341 36.57 1.68 -39.77
N ALA B 342 36.00 2.84 -39.42
CA ALA B 342 36.78 3.88 -38.77
C ALA B 342 37.34 3.44 -37.43
N ASN B 343 36.52 2.81 -36.59
CA ASN B 343 36.96 2.42 -35.24
C ASN B 343 37.92 1.24 -35.21
N LYS B 344 37.84 0.36 -36.21
CA LYS B 344 38.80 -0.75 -36.34
C LYS B 344 40.23 -0.22 -36.40
N LYS B 345 40.40 0.96 -36.99
CA LYS B 345 41.72 1.58 -37.12
C LYS B 345 42.15 2.20 -35.82
N ARG B 346 41.23 2.90 -35.16
CA ARG B 346 41.54 3.50 -33.84
C ARG B 346 41.98 2.39 -32.87
N MET B 347 41.29 1.25 -32.89
CA MET B 347 41.63 0.16 -31.96
C MET B 347 42.96 -0.48 -32.29
N ALA B 348 43.33 -0.50 -33.56
CA ALA B 348 44.62 -1.07 -33.94
C ALA B 348 45.77 -0.19 -33.48
N ARG B 349 45.62 1.10 -33.75
CA ARG B 349 46.66 2.06 -33.51
C ARG B 349 47.06 2.22 -32.05
N ALA B 350 46.09 2.13 -31.16
CA ALA B 350 46.33 2.21 -29.72
C ALA B 350 47.61 1.52 -29.28
N LYS C 11 -23.63 -5.78 -1.86
CA LYS C 11 -23.90 -5.75 -0.38
C LYS C 11 -22.73 -5.17 0.47
N ILE C 12 -21.97 -4.25 -0.11
CA ILE C 12 -21.00 -3.42 0.63
C ILE C 12 -21.47 -1.98 0.42
N LYS C 13 -21.74 -1.27 1.52
CA LYS C 13 -22.18 0.15 1.45
C LYS C 13 -21.00 1.09 1.12
N GLU C 14 -19.91 0.94 1.87
CA GLU C 14 -18.71 1.79 1.71
C GLU C 14 -17.38 1.19 2.22
N VAL C 15 -16.31 1.87 1.83
CA VAL C 15 -14.93 1.54 2.23
C VAL C 15 -14.25 2.83 2.67
N LYS C 16 -13.78 2.89 3.91
CA LYS C 16 -13.26 4.17 4.48
C LYS C 16 -11.76 4.19 4.80
N GLU C 17 -11.24 5.42 4.97
CA GLU C 17 -9.81 5.67 5.09
C GLU C 17 -9.33 5.09 6.42
N LEU C 18 -8.37 4.19 6.42
CA LEU C 18 -7.86 3.64 7.66
C LEU C 18 -6.40 3.96 7.79
N LEU C 19 -5.99 4.53 8.92
CA LEU C 19 -4.60 4.81 9.13
C LEU C 19 -3.88 3.52 9.49
N PRO C 20 -2.66 3.36 8.97
CA PRO C 20 -1.93 2.15 9.25
C PRO C 20 -1.30 2.20 10.61
N PRO C 21 -0.98 1.04 11.17
CA PRO C 21 -0.32 1.05 12.44
C PRO C 21 0.84 2.02 12.57
N ILE C 22 1.68 2.09 11.55
CA ILE C 22 2.87 2.96 11.67
C ILE C 22 2.54 4.38 12.03
N ALA C 23 1.37 4.87 11.59
CA ALA C 23 0.93 6.22 12.03
C ALA C 23 0.84 6.36 13.54
N HIS C 24 0.21 5.38 14.17
CA HIS C 24 -0.06 5.43 15.57
C HIS C 24 1.25 5.17 16.27
N LEU C 25 2.05 4.28 15.72
CA LEU C 25 3.37 3.98 16.30
C LEU C 25 4.31 5.17 16.28
N TYR C 26 4.11 6.06 15.31
CA TYR C 26 4.90 7.29 15.23
C TYR C 26 4.53 8.32 16.28
N GLU C 27 3.23 8.47 16.55
CA GLU C 27 2.74 9.46 17.54
C GLU C 27 2.98 8.99 18.95
N LEU C 28 2.94 7.67 19.12
CA LEU C 28 2.91 7.04 20.45
C LEU C 28 3.86 5.87 20.44
N PRO C 29 5.14 6.16 20.19
CA PRO C 29 6.12 5.10 20.19
C PRO C 29 6.25 4.53 21.59
N ILE C 30 6.51 3.24 21.64
CA ILE C 30 6.72 2.58 22.90
C ILE C 30 7.94 3.16 23.60
N SER C 31 7.77 3.52 24.86
CA SER C 31 8.89 4.00 25.68
C SER C 31 9.78 2.84 26.12
N LYS C 32 11.03 3.16 26.45
CA LYS C 32 11.98 2.18 27.04
C LYS C 32 11.39 1.46 28.28
N GLU C 33 10.69 2.21 29.13
CA GLU C 33 10.15 1.67 30.36
C GLU C 33 9.02 0.70 30.02
N ALA C 34 8.15 1.11 29.10
CA ALA C 34 7.05 0.24 28.67
C ALA C 34 7.58 -1.01 28.01
N SER C 35 8.56 -0.82 27.15
CA SER C 35 9.16 -1.94 26.43
C SER C 35 9.74 -2.94 27.42
N GLY C 36 10.42 -2.44 28.43
CA GLY C 36 11.02 -3.32 29.43
C GLY C 36 9.99 -4.07 30.23
N LEU C 37 8.90 -3.41 30.58
CA LEU C 37 7.83 -4.03 31.35
C LEU C 37 7.18 -5.15 30.56
N VAL C 38 6.87 -4.88 29.32
CA VAL C 38 6.18 -5.87 28.46
C VAL C 38 7.04 -7.10 28.33
N HIS C 39 8.26 -6.89 27.87
CA HIS C 39 9.22 -7.96 27.64
C HIS C 39 9.38 -8.82 28.89
N ARG C 40 9.48 -8.15 30.02
CA ARG C 40 9.70 -8.75 31.31
C ARG C 40 8.47 -9.58 31.73
N THR C 41 7.28 -8.99 31.57
CA THR C 41 6.05 -9.62 32.00
C THR C 41 5.72 -10.81 31.12
N ARG C 42 6.07 -10.72 29.87
CA ARG C 42 5.91 -11.89 29.00
C ARG C 42 6.74 -13.05 29.47
N GLN C 43 8.03 -12.80 29.77
CA GLN C 43 8.88 -13.84 30.32
C GLN C 43 8.28 -14.37 31.61
N GLU C 44 7.88 -13.48 32.50
CA GLU C 44 7.44 -13.90 33.82
C GLU C 44 6.25 -14.84 33.67
N ILE C 45 5.39 -14.55 32.70
CA ILE C 45 4.20 -15.35 32.49
C ILE C 45 4.59 -16.67 31.84
N SER C 46 5.46 -16.60 30.87
CA SER C 46 6.00 -17.80 30.27
C SER C 46 6.48 -18.74 31.36
N ASP C 47 7.19 -18.19 32.34
CA ASP C 47 7.75 -18.96 33.46
C ASP C 47 6.61 -19.70 34.18
N LEU C 48 5.47 -19.03 34.34
CA LEU C 48 4.34 -19.65 35.04
C LEU C 48 3.75 -20.74 34.19
N VAL C 49 3.63 -20.48 32.91
CA VAL C 49 3.06 -21.42 31.98
C VAL C 49 3.83 -22.73 31.98
N HIS C 50 5.14 -22.64 32.05
CA HIS C 50 6.00 -23.82 31.96
C HIS C 50 6.56 -24.32 33.34
N GLY C 51 5.99 -23.84 34.44
CA GLY C 51 6.29 -24.37 35.78
C GLY C 51 7.63 -23.97 36.42
N ARG C 52 8.22 -22.88 35.94
CA ARG C 52 9.53 -22.41 36.44
C ARG C 52 9.39 -21.46 37.63
N ASP C 53 8.18 -20.96 37.82
CA ASP C 53 7.87 -20.06 38.91
C ASP C 53 6.44 -20.43 39.33
N LYS C 54 6.18 -20.35 40.62
CA LYS C 54 4.93 -20.83 41.18
C LYS C 54 3.98 -19.67 41.55
N ARG C 55 4.41 -18.44 41.29
CA ARG C 55 3.49 -17.33 41.45
C ARG C 55 2.24 -17.58 40.63
N LEU C 56 1.17 -16.87 40.99
CA LEU C 56 -0.11 -17.06 40.38
C LEU C 56 -0.40 -15.85 39.49
N LEU C 57 -0.60 -16.09 38.20
CA LEU C 57 -1.00 -15.03 37.31
C LEU C 57 -2.45 -14.64 37.63
N VAL C 58 -2.70 -13.35 37.74
CA VAL C 58 -4.04 -12.84 37.94
C VAL C 58 -4.38 -11.80 36.86
N ILE C 59 -5.22 -12.19 35.94
CA ILE C 59 -5.69 -11.33 34.89
C ILE C 59 -6.95 -10.75 35.41
N ILE C 60 -6.94 -9.46 35.70
CA ILE C 60 -8.05 -8.89 36.46
C ILE C 60 -8.32 -7.44 36.06
N GLY C 61 -9.58 -7.14 35.92
CA GLY C 61 -10.04 -5.80 35.59
C GLY C 61 -11.34 -5.86 34.84
N PRO C 62 -11.71 -4.76 34.22
CA PRO C 62 -13.04 -4.68 33.66
C PRO C 62 -13.30 -5.68 32.56
N CYS C 63 -14.57 -6.03 32.41
CA CYS C 63 -15.02 -6.86 31.30
C CYS C 63 -14.66 -6.17 30.01
N SER C 64 -14.88 -4.87 29.96
CA SER C 64 -14.50 -4.08 28.80
C SER C 64 -14.15 -2.66 29.21
N ILE C 65 -13.24 -2.02 28.44
CA ILE C 65 -12.90 -0.62 28.67
C ILE C 65 -13.82 0.24 27.84
N HIS C 66 -14.55 1.12 28.51
CA HIS C 66 -15.34 2.13 27.81
C HIS C 66 -15.00 3.55 28.20
N ASP C 67 -14.07 3.71 29.15
CA ASP C 67 -13.68 5.03 29.64
C ASP C 67 -12.26 5.06 30.18
N PRO C 68 -11.35 5.64 29.41
CA PRO C 68 -9.93 5.55 29.76
C PRO C 68 -9.60 6.15 31.11
N LYS C 69 -10.32 7.18 31.51
CA LYS C 69 -10.05 7.84 32.79
C LYS C 69 -10.33 6.86 33.94
N ALA C 70 -11.50 6.24 33.93
CA ALA C 70 -11.81 5.18 34.90
C ALA C 70 -10.76 4.07 34.87
N ALA C 71 -10.36 3.67 33.67
CA ALA C 71 -9.38 2.61 33.54
C ALA C 71 -8.07 3.03 34.19
N LEU C 72 -7.66 4.28 34.01
CA LEU C 72 -6.43 4.75 34.62
C LEU C 72 -6.51 4.77 36.13
N GLU C 73 -7.64 5.22 36.67
CA GLU C 73 -7.81 5.26 38.13
C GLU C 73 -7.82 3.83 38.72
N TYR C 74 -8.53 2.92 38.02
CA TYR C 74 -8.53 1.49 38.39
C TYR C 74 -7.11 0.97 38.42
N ALA C 75 -6.37 1.27 37.37
CA ALA C 75 -4.96 0.85 37.29
C ALA C 75 -4.10 1.33 38.48
N GLU C 76 -4.31 2.57 38.90
CA GLU C 76 -3.48 3.20 39.97
C GLU C 76 -3.73 2.47 41.27
N ARG C 77 -4.98 2.08 41.49
CA ARG C 77 -5.29 1.25 42.66
C ARG C 77 -4.74 -0.16 42.55
N LEU C 78 -4.92 -0.78 41.38
CA LEU C 78 -4.48 -2.14 41.20
C LEU C 78 -2.98 -2.21 41.32
N LEU C 79 -2.30 -1.16 40.87
CA LEU C 79 -0.84 -1.13 40.96
C LEU C 79 -0.31 -1.36 42.36
N LYS C 80 -0.89 -0.67 43.35
CA LYS C 80 -0.43 -0.82 44.73
C LYS C 80 -0.48 -2.27 45.14
N LEU C 81 -1.54 -2.97 44.73
CA LEU C 81 -1.72 -4.37 45.06
C LEU C 81 -0.79 -5.26 44.25
N ARG C 82 -0.57 -4.93 42.98
CA ARG C 82 0.41 -5.63 42.18
C ARG C 82 1.73 -5.66 42.90
N LYS C 83 2.11 -4.52 43.46
CA LYS C 83 3.40 -4.40 44.16
C LYS C 83 3.36 -5.18 45.48
N GLN C 84 2.34 -4.89 46.26
CA GLN C 84 2.19 -5.50 47.56
C GLN C 84 2.25 -7.02 47.47
N TYR C 85 1.62 -7.59 46.45
CA TYR C 85 1.54 -9.05 46.36
C TYR C 85 2.52 -9.66 45.37
N GLU C 86 3.55 -8.92 45.00
CA GLU C 86 4.39 -9.30 43.85
C GLU C 86 5.16 -10.61 44.03
N ASN C 87 5.35 -11.05 45.26
CA ASN C 87 6.06 -12.30 45.53
C ASN C 87 5.21 -13.56 45.40
N GLU C 88 3.90 -13.37 45.51
CA GLU C 88 2.89 -14.46 45.41
C GLU C 88 2.09 -14.42 44.09
N LEU C 89 1.73 -13.21 43.67
CA LEU C 89 0.88 -13.00 42.52
C LEU C 89 1.53 -12.14 41.48
N LEU C 90 1.26 -12.46 40.24
CA LEU C 90 1.63 -11.63 39.10
C LEU C 90 0.36 -11.01 38.56
N ILE C 91 0.10 -9.78 38.96
CA ILE C 91 -1.13 -9.09 38.60
C ILE C 91 -0.92 -8.32 37.30
N VAL C 92 -1.81 -8.60 36.33
CA VAL C 92 -1.85 -7.91 35.04
C VAL C 92 -3.26 -7.42 34.79
N MET C 93 -3.42 -6.18 34.36
CA MET C 93 -4.74 -5.63 34.13
C MET C 93 -5.44 -6.13 32.86
N ARG C 94 -6.74 -6.39 32.99
CA ARG C 94 -7.61 -6.64 31.85
C ARG C 94 -7.88 -5.33 31.17
N VAL C 95 -7.46 -5.22 29.92
CA VAL C 95 -7.70 -4.04 29.13
C VAL C 95 -8.30 -4.48 27.83
N TYR C 96 -9.57 -4.88 27.91
CA TYR C 96 -10.25 -5.47 26.74
C TYR C 96 -10.98 -4.42 25.85
N PHE C 97 -10.57 -4.33 24.59
CA PHE C 97 -11.05 -3.33 23.65
C PHE C 97 -12.00 -3.91 22.61
N GLU C 98 -12.06 -5.24 22.50
CA GLU C 98 -12.91 -5.93 21.51
C GLU C 98 -13.77 -7.01 22.20
N LYS C 99 -15.09 -6.91 22.03
CA LYS C 99 -16.05 -7.83 22.67
C LYS C 99 -16.87 -8.62 21.66
N PRO C 100 -16.82 -9.96 21.74
CA PRO C 100 -17.64 -10.77 20.87
C PRO C 100 -19.05 -10.78 21.42
N ARG C 101 -20.01 -10.44 20.55
CA ARG C 101 -21.41 -10.51 20.89
C ARG C 101 -22.03 -11.85 20.43
N THR C 102 -22.99 -12.32 21.22
CA THR C 102 -23.74 -13.55 20.92
C THR C 102 -24.53 -13.36 19.61
N THR C 103 -25.07 -12.17 19.41
CA THR C 103 -25.67 -11.81 18.12
C THR C 103 -25.04 -10.51 17.67
N VAL C 104 -25.66 -9.39 18.07
CA VAL C 104 -25.16 -8.04 17.75
C VAL C 104 -25.10 -7.20 19.02
N GLY C 105 -24.43 -6.06 18.91
CA GLY C 105 -24.28 -5.09 20.00
C GLY C 105 -23.02 -4.26 19.89
N TRP C 106 -22.75 -3.42 20.90
CA TRP C 106 -21.49 -2.67 20.99
C TRP C 106 -20.28 -3.62 21.02
N LYS C 107 -19.33 -3.45 20.09
CA LYS C 107 -18.21 -4.42 19.98
C LYS C 107 -16.95 -3.98 20.72
N GLY C 108 -17.02 -2.79 21.32
CA GLY C 108 -15.93 -2.28 22.14
C GLY C 108 -15.48 -0.89 21.74
N LEU C 109 -14.47 -0.43 22.45
CA LEU C 109 -13.98 0.95 22.35
C LEU C 109 -13.30 1.23 21.00
N ILE C 110 -12.60 0.23 20.47
CA ILE C 110 -11.98 0.36 19.18
C ILE C 110 -13.02 0.55 18.10
N ASN C 111 -14.01 -0.30 18.08
CA ASN C 111 -15.01 -0.34 16.99
C ASN C 111 -15.92 0.86 17.00
N ASP C 112 -16.09 1.47 18.16
CA ASP C 112 -17.04 2.57 18.33
C ASP C 112 -16.78 3.33 19.64
N PRO C 113 -15.72 4.13 19.68
CA PRO C 113 -15.24 4.75 20.93
C PRO C 113 -16.11 5.84 21.50
N HIS C 114 -16.97 6.47 20.71
CA HIS C 114 -17.87 7.49 21.24
C HIS C 114 -19.15 6.85 21.76
N LEU C 115 -19.35 5.58 21.42
CA LEU C 115 -20.44 4.84 21.97
C LEU C 115 -21.79 5.25 21.44
N ASP C 116 -21.81 5.89 20.29
CA ASP C 116 -23.03 6.37 19.71
C ASP C 116 -23.29 5.82 18.35
N GLY C 117 -22.65 4.73 17.99
CA GLY C 117 -22.82 4.19 16.66
C GLY C 117 -22.18 4.94 15.53
N THR C 118 -21.07 5.59 15.81
CA THR C 118 -20.34 6.37 14.80
C THR C 118 -19.18 5.58 14.19
N PHE C 119 -18.79 4.50 14.84
CA PHE C 119 -17.72 3.65 14.31
C PHE C 119 -16.48 4.45 13.92
N ASP C 120 -16.03 5.34 14.79
CA ASP C 120 -14.80 6.11 14.56
C ASP C 120 -13.55 5.30 14.90
N ILE C 121 -13.23 4.33 14.03
CA ILE C 121 -12.19 3.34 14.33
C ILE C 121 -10.78 3.89 14.39
N ASN C 122 -10.48 4.89 13.59
CA ASN C 122 -9.18 5.54 13.67
C ASN C 122 -8.92 6.12 15.07
N PHE C 123 -9.96 6.72 15.64
CA PHE C 123 -9.91 7.32 16.96
C PHE C 123 -9.84 6.26 18.05
N GLY C 124 -10.68 5.26 17.94
CA GLY C 124 -10.68 4.11 18.86
C GLY C 124 -9.31 3.49 18.93
N LEU C 125 -8.67 3.29 17.79
CA LEU C 125 -7.36 2.64 17.78
C LEU C 125 -6.32 3.53 18.41
N ARG C 126 -6.46 4.82 18.16
CA ARG C 126 -5.57 5.77 18.81
C ARG C 126 -5.77 5.74 20.32
N GLN C 127 -7.03 5.80 20.77
CA GLN C 127 -7.31 5.83 22.22
C GLN C 127 -6.77 4.58 22.88
N ALA C 128 -6.95 3.44 22.24
CA ALA C 128 -6.55 2.16 22.82
C ALA C 128 -5.02 2.16 22.95
N ARG C 129 -4.33 2.58 21.89
CA ARG C 129 -2.86 2.64 22.03
C ARG C 129 -2.44 3.53 23.18
N SER C 130 -3.06 4.70 23.25
CA SER C 130 -2.70 5.74 24.23
C SER C 130 -2.89 5.25 25.67
N LEU C 131 -4.04 4.64 25.91
CA LEU C 131 -4.33 4.05 27.19
C LEU C 131 -3.28 2.98 27.53
N LEU C 132 -2.99 2.12 26.58
CA LEU C 132 -2.07 1.02 26.84
C LEU C 132 -0.68 1.56 27.13
N LEU C 133 -0.27 2.58 26.41
CA LEU C 133 1.05 3.17 26.65
C LEU C 133 1.10 3.77 28.06
N SER C 134 0.03 4.44 28.47
CA SER C 134 0.03 5.11 29.76
C SER C 134 0.05 4.05 30.90
N LEU C 135 -0.62 2.94 30.68
CA LEU C 135 -0.69 1.90 31.69
C LEU C 135 0.69 1.32 31.90
N ASN C 136 1.32 0.95 30.81
CA ASN C 136 2.65 0.37 30.91
C ASN C 136 3.60 1.38 31.50
N ASN C 137 3.44 2.65 31.14
CA ASN C 137 4.36 3.67 31.63
C ASN C 137 4.28 3.82 33.13
N MET C 138 3.08 3.64 33.68
CA MET C 138 2.89 3.78 35.12
C MET C 138 3.30 2.50 35.87
N GLY C 139 3.63 1.42 35.14
CA GLY C 139 4.12 0.17 35.74
C GLY C 139 3.09 -0.95 35.80
N MET C 140 1.92 -0.71 35.21
CA MET C 140 0.86 -1.72 35.08
C MET C 140 0.84 -2.43 33.70
N PRO C 141 1.24 -3.71 33.65
CA PRO C 141 1.09 -4.45 32.43
C PRO C 141 -0.35 -4.72 32.08
N ALA C 142 -0.56 -5.01 30.80
CA ALA C 142 -1.90 -5.10 30.20
C ALA C 142 -2.17 -6.42 29.44
N SER C 143 -3.44 -6.81 29.41
CA SER C 143 -3.91 -7.97 28.69
C SER C 143 -5.14 -7.65 27.89
N THR C 144 -5.39 -8.42 26.83
CA THR C 144 -6.56 -8.18 26.02
C THR C 144 -6.97 -9.45 25.27
N GLU C 145 -8.19 -9.43 24.75
CA GLU C 145 -8.64 -10.47 23.86
C GLU C 145 -8.29 -10.01 22.43
N PHE C 146 -7.65 -10.89 21.68
CA PHE C 146 -7.37 -10.64 20.25
C PHE C 146 -8.46 -11.30 19.41
N LEU C 147 -9.34 -10.47 18.93
CA LEU C 147 -10.53 -10.91 18.24
C LEU C 147 -10.40 -10.69 16.73
N ASP C 148 -10.01 -9.50 16.34
CA ASP C 148 -9.79 -9.13 14.95
C ASP C 148 -8.42 -9.64 14.48
N MET C 149 -8.20 -9.83 13.19
CA MET C 149 -6.87 -10.20 12.62
C MET C 149 -5.89 -9.02 12.36
N ILE C 150 -6.45 -7.81 12.22
CA ILE C 150 -5.72 -6.67 11.79
C ILE C 150 -5.47 -5.66 12.92
N THR C 151 -6.43 -5.42 13.78
CA THR C 151 -6.18 -4.49 14.91
C THR C 151 -4.94 -4.80 15.79
N PRO C 152 -4.58 -6.06 16.01
CA PRO C 152 -3.42 -6.25 16.91
C PRO C 152 -2.14 -5.56 16.51
N GLN C 153 -1.91 -5.37 15.23
CA GLN C 153 -0.71 -4.64 14.79
C GLN C 153 -0.59 -3.24 15.42
N TYR C 154 -1.72 -2.69 15.85
CA TYR C 154 -1.75 -1.35 16.34
C TYR C 154 -1.30 -1.21 17.79
N TYR C 155 -1.36 -2.26 18.58
CA TYR C 155 -1.00 -2.17 19.98
C TYR C 155 -0.48 -3.45 20.64
N ALA C 156 -0.25 -4.49 19.87
CA ALA C 156 0.18 -5.79 20.46
C ALA C 156 1.48 -5.59 21.20
N ASP C 157 2.29 -4.64 20.74
CA ASP C 157 3.57 -4.37 21.35
C ASP C 157 3.40 -3.91 22.80
N LEU C 158 2.19 -3.48 23.18
CA LEU C 158 1.94 -3.04 24.54
C LEU C 158 1.24 -4.07 25.42
N ILE C 159 1.11 -5.28 24.91
CA ILE C 159 0.30 -6.31 25.53
C ILE C 159 1.22 -7.42 26.05
N SER C 160 0.98 -7.80 27.28
CA SER C 160 1.81 -8.81 27.97
C SER C 160 1.20 -10.19 28.01
N TRP C 161 -0.10 -10.27 27.79
CA TRP C 161 -0.77 -11.55 27.72
C TRP C 161 -2.03 -11.36 26.94
N GLY C 162 -2.34 -12.37 26.12
CA GLY C 162 -3.46 -12.34 25.20
C GLY C 162 -4.41 -13.51 25.35
N ALA C 163 -5.68 -13.25 25.07
CA ALA C 163 -6.70 -14.26 25.13
C ALA C 163 -7.28 -14.49 23.77
N ILE C 164 -7.53 -15.76 23.46
CA ILE C 164 -8.43 -16.09 22.39
C ILE C 164 -9.71 -16.57 23.05
N GLY C 165 -10.81 -15.93 22.67
CA GLY C 165 -12.11 -16.20 23.31
C GLY C 165 -12.72 -17.57 23.03
N ALA C 166 -13.62 -17.98 23.91
CA ALA C 166 -14.38 -19.22 23.76
C ALA C 166 -14.95 -19.41 22.37
N ARG C 167 -15.35 -18.30 21.73
CA ARG C 167 -16.08 -18.31 20.46
C ARG C 167 -15.20 -18.42 19.24
N THR C 168 -13.89 -18.37 19.46
CA THR C 168 -12.91 -18.37 18.39
C THR C 168 -11.75 -19.33 18.63
N THR C 169 -11.72 -20.01 19.79
CA THR C 169 -10.65 -20.97 20.09
C THR C 169 -10.49 -22.05 19.01
N GLU C 170 -11.62 -22.45 18.45
CA GLU C 170 -11.66 -23.47 17.43
C GLU C 170 -11.28 -22.94 16.03
N SER C 171 -11.21 -21.62 15.87
CA SER C 171 -11.01 -21.02 14.56
C SER C 171 -9.55 -21.06 14.16
N GLN C 172 -9.33 -21.52 12.95
CA GLN C 172 -7.99 -21.65 12.42
C GLN C 172 -7.28 -20.30 12.26
N VAL C 173 -8.00 -19.26 11.86
CA VAL C 173 -7.36 -17.94 11.68
C VAL C 173 -6.92 -17.33 13.01
N HIS C 174 -7.65 -17.66 14.08
CA HIS C 174 -7.25 -17.23 15.41
C HIS C 174 -6.08 -18.04 15.94
N ARG C 175 -6.02 -19.31 15.56
CA ARG C 175 -4.85 -20.09 15.94
C ARG C 175 -3.62 -19.60 15.17
N GLU C 176 -3.80 -19.31 13.89
CA GLU C 176 -2.74 -18.68 13.12
C GLU C 176 -2.23 -17.40 13.77
N LEU C 177 -3.16 -16.52 14.06
CA LEU C 177 -2.83 -15.26 14.74
C LEU C 177 -2.02 -15.50 16.02
N ALA C 178 -2.48 -16.43 16.84
CA ALA C 178 -1.79 -16.70 18.10
C ALA C 178 -0.38 -17.18 17.87
N SER C 179 -0.21 -18.01 16.83
CA SER C 179 1.10 -18.54 16.44
C SER C 179 2.15 -17.47 16.17
N GLY C 180 1.71 -16.26 15.85
CA GLY C 180 2.64 -15.17 15.59
C GLY C 180 2.75 -14.08 16.67
N LEU C 181 1.93 -14.16 17.70
CA LEU C 181 1.96 -13.15 18.79
C LEU C 181 3.22 -13.34 19.66
N SER C 182 3.77 -12.25 20.13
CA SER C 182 5.00 -12.33 20.91
C SER C 182 4.73 -12.48 22.41
N CYS C 183 3.44 -12.48 22.79
CA CYS C 183 3.03 -12.65 24.17
C CYS C 183 2.45 -14.05 24.38
N PRO C 184 2.45 -14.53 25.62
CA PRO C 184 1.73 -15.76 25.90
C PRO C 184 0.26 -15.60 25.62
N VAL C 185 -0.40 -16.72 25.36
CA VAL C 185 -1.77 -16.71 24.94
C VAL C 185 -2.58 -17.80 25.62
N GLY C 186 -3.78 -17.43 26.07
CA GLY C 186 -4.69 -18.35 26.69
C GLY C 186 -5.88 -18.65 25.82
N PHE C 187 -6.17 -19.92 25.65
CA PHE C 187 -7.27 -20.35 24.82
C PHE C 187 -8.38 -20.86 25.73
N LYS C 188 -9.55 -20.27 25.61
CA LYS C 188 -10.69 -20.71 26.42
C LYS C 188 -11.32 -21.95 25.91
N ASN C 189 -11.79 -22.79 26.82
CA ASN C 189 -12.64 -23.89 26.40
C ASN C 189 -13.92 -23.31 25.76
N GLY C 190 -14.64 -24.14 25.02
CA GLY C 190 -15.76 -23.67 24.20
C GLY C 190 -16.98 -23.34 24.99
N THR C 191 -17.91 -22.63 24.37
CA THR C 191 -19.08 -22.10 25.10
C THR C 191 -19.94 -23.17 25.78
N ASP C 192 -19.89 -24.40 25.27
CA ASP C 192 -20.59 -25.49 25.90
C ASP C 192 -19.68 -26.40 26.74
N GLY C 193 -18.41 -26.03 26.90
CA GLY C 193 -17.51 -26.75 27.84
C GLY C 193 -16.48 -27.65 27.20
N ASN C 194 -16.43 -27.66 25.87
CA ASN C 194 -15.47 -28.48 25.14
C ASN C 194 -14.03 -27.97 25.37
N LEU C 195 -13.24 -28.79 26.06
CA LEU C 195 -11.85 -28.50 26.40
C LEU C 195 -10.90 -28.88 25.27
N LYS C 196 -11.20 -29.98 24.59
CA LYS C 196 -10.35 -30.49 23.50
C LYS C 196 -10.01 -29.40 22.46
N ILE C 197 -10.96 -28.60 22.07
CA ILE C 197 -10.68 -27.52 21.13
C ILE C 197 -9.59 -26.56 21.61
N ALA C 198 -9.47 -26.36 22.91
CA ALA C 198 -8.41 -25.51 23.43
C ALA C 198 -7.08 -26.23 23.43
N ILE C 199 -7.11 -27.52 23.77
CA ILE C 199 -5.88 -28.31 23.75
C ILE C 199 -5.36 -28.38 22.30
N ASP C 200 -6.24 -28.66 21.38
CA ASP C 200 -5.92 -28.62 19.93
C ASP C 200 -5.32 -27.28 19.53
N ALA C 201 -5.85 -26.20 20.09
CA ALA C 201 -5.41 -24.86 19.70
C ALA C 201 -4.01 -24.59 20.10
N ILE C 202 -3.64 -25.08 21.25
CA ILE C 202 -2.25 -24.94 21.72
C ILE C 202 -1.34 -25.64 20.77
N GLY C 203 -1.75 -26.83 20.40
CA GLY C 203 -0.99 -27.67 19.49
C GLY C 203 -0.78 -26.94 18.19
N ALA C 204 -1.86 -26.38 17.66
CA ALA C 204 -1.79 -25.64 16.41
C ALA C 204 -0.96 -24.38 16.54
N ALA C 205 -1.22 -23.61 17.60
CA ALA C 205 -0.59 -22.29 17.71
C ALA C 205 0.88 -22.42 17.97
N SER C 206 1.32 -23.55 18.49
CA SER C 206 2.73 -23.76 18.77
C SER C 206 3.54 -24.03 17.51
N HIS C 207 2.87 -24.32 16.40
CA HIS C 207 3.55 -24.62 15.13
C HIS C 207 3.65 -23.38 14.27
N SER C 208 4.45 -23.51 13.24
CA SER C 208 4.70 -22.48 12.25
C SER C 208 3.52 -22.45 11.28
N HIS C 209 3.08 -21.28 10.91
CA HIS C 209 1.99 -21.16 9.92
C HIS C 209 2.37 -20.17 8.85
N HIS C 210 1.76 -20.34 7.69
CA HIS C 210 1.79 -19.34 6.62
C HIS C 210 0.38 -18.88 6.37
N PHE C 211 0.18 -17.58 6.38
CA PHE C 211 -1.13 -17.04 6.05
C PHE C 211 -1.04 -15.58 5.58
N LEU C 212 -2.15 -15.05 5.09
CA LEU C 212 -2.22 -13.70 4.65
C LEU C 212 -2.50 -12.82 5.85
N GLY C 213 -1.68 -11.80 6.00
CA GLY C 213 -1.87 -10.80 7.04
C GLY C 213 -1.64 -9.41 6.51
N VAL C 214 -1.67 -8.46 7.42
CA VAL C 214 -1.43 -7.07 7.11
C VAL C 214 -0.22 -6.57 7.84
N THR C 215 0.69 -5.92 7.14
CA THR C 215 1.88 -5.30 7.74
C THR C 215 1.56 -4.06 8.57
N LYS C 216 2.57 -3.56 9.25
CA LYS C 216 2.42 -2.35 10.07
C LYS C 216 2.21 -1.12 9.17
N ALA C 217 2.46 -1.30 7.89
CA ALA C 217 2.22 -0.22 6.94
C ALA C 217 0.83 -0.29 6.28
N GLY C 218 0.02 -1.27 6.69
CA GLY C 218 -1.36 -1.40 6.18
C GLY C 218 -1.44 -2.04 4.79
N HIS C 219 -0.47 -2.86 4.44
CA HIS C 219 -0.50 -3.63 3.17
C HIS C 219 -0.58 -5.12 3.43
N SER C 220 -1.29 -5.83 2.57
CA SER C 220 -1.37 -7.29 2.77
C SER C 220 -0.06 -7.93 2.34
N ALA C 221 0.24 -9.03 3.00
CA ALA C 221 1.48 -9.76 2.83
C ALA C 221 1.33 -11.21 3.29
N ILE C 222 2.26 -12.06 2.90
CA ILE C 222 2.29 -13.42 3.36
C ILE C 222 3.07 -13.43 4.65
N VAL C 223 2.47 -13.85 5.76
CA VAL C 223 3.22 -13.91 7.00
C VAL C 223 3.58 -15.34 7.33
N HIS C 224 4.82 -15.54 7.75
CA HIS C 224 5.33 -16.84 8.12
C HIS C 224 5.66 -16.78 9.62
N THR C 225 4.88 -17.46 10.45
CA THR C 225 5.11 -17.38 11.90
C THR C 225 5.99 -18.50 12.39
N GLY C 226 6.58 -18.31 13.56
CA GLY C 226 7.49 -19.29 14.14
C GLY C 226 6.87 -20.22 15.15
N GLY C 227 5.63 -19.95 15.54
CA GLY C 227 4.94 -20.72 16.57
C GLY C 227 5.03 -20.02 17.92
N ASN C 228 3.98 -20.13 18.71
CA ASN C 228 3.96 -19.56 20.04
C ASN C 228 4.08 -20.62 21.10
N PRO C 229 5.21 -20.70 21.79
CA PRO C 229 5.43 -21.84 22.69
C PRO C 229 4.84 -21.59 24.07
N ASP C 230 4.16 -20.46 24.26
CA ASP C 230 3.69 -20.08 25.55
C ASP C 230 2.18 -20.00 25.63
N CYS C 231 1.52 -20.95 24.97
CA CYS C 231 0.07 -21.05 25.02
C CYS C 231 -0.39 -21.96 26.14
N HIS C 232 -1.57 -21.67 26.66
CA HIS C 232 -2.19 -22.49 27.69
C HIS C 232 -3.70 -22.34 27.60
N VAL C 233 -4.33 -23.21 28.37
CA VAL C 233 -5.77 -23.42 28.37
C VAL C 233 -6.35 -22.56 29.49
N ILE C 234 -7.60 -22.13 29.30
CA ILE C 234 -8.35 -21.39 30.31
C ILE C 234 -9.70 -22.04 30.55
N LEU C 235 -9.97 -22.42 31.78
CA LEU C 235 -11.20 -23.11 32.11
C LEU C 235 -12.22 -22.05 32.47
N ARG C 236 -13.29 -21.98 31.69
CA ARG C 236 -14.23 -20.88 31.83
C ARG C 236 -15.64 -21.36 31.95
N GLY C 237 -15.80 -22.63 32.25
CA GLY C 237 -17.14 -23.17 32.43
C GLY C 237 -17.82 -23.44 31.10
N GLY C 238 -18.90 -24.19 31.16
CA GLY C 238 -19.69 -24.50 29.97
C GLY C 238 -21.15 -24.63 30.36
N LYS C 239 -21.78 -25.71 29.92
CA LYS C 239 -23.09 -26.10 30.43
C LYS C 239 -22.97 -26.31 31.95
N GLU C 240 -21.80 -26.77 32.41
CA GLU C 240 -21.49 -26.80 33.83
C GLU C 240 -20.15 -26.15 34.14
N PRO C 241 -19.99 -25.68 35.40
CA PRO C 241 -18.71 -25.13 35.80
C PRO C 241 -17.60 -26.14 35.76
N ASN C 242 -16.37 -25.63 35.55
CA ASN C 242 -15.19 -26.46 35.46
C ASN C 242 -14.03 -25.91 36.20
N TYR C 243 -14.28 -25.27 37.33
CA TYR C 243 -13.20 -24.71 38.13
C TYR C 243 -12.66 -25.60 39.26
N ASP C 244 -13.40 -26.63 39.63
CA ASP C 244 -12.99 -27.37 40.87
C ASP C 244 -11.83 -28.37 40.59
N ALA C 245 -11.28 -28.89 41.67
CA ALA C 245 -10.10 -29.79 41.68
C ALA C 245 -10.19 -30.94 40.69
N GLU C 246 -11.38 -31.53 40.64
CA GLU C 246 -11.62 -32.68 39.79
C GLU C 246 -11.53 -32.27 38.34
N HIS C 247 -12.18 -31.16 37.99
CA HIS C 247 -12.15 -30.69 36.61
C HIS C 247 -10.72 -30.32 36.21
N VAL C 248 -9.98 -29.79 37.18
CA VAL C 248 -8.61 -29.37 36.99
C VAL C 248 -7.71 -30.56 36.79
N SER C 249 -7.91 -31.58 37.60
CA SER C 249 -7.15 -32.81 37.45
C SER C 249 -7.41 -33.53 36.10
N GLU C 250 -8.66 -33.57 35.70
CA GLU C 250 -9.04 -34.16 34.42
C GLU C 250 -8.47 -33.34 33.24
N ALA C 251 -8.53 -32.03 33.35
CA ALA C 251 -7.95 -31.18 32.32
C ALA C 251 -6.45 -31.46 32.17
N ALA C 252 -5.78 -31.48 33.30
CA ALA C 252 -4.34 -31.71 33.37
C ALA C 252 -3.93 -33.04 32.73
N GLU C 253 -4.71 -34.09 32.96
CA GLU C 253 -4.40 -35.39 32.40
C GLU C 253 -4.50 -35.31 30.88
N GLN C 254 -5.55 -34.63 30.40
CA GLN C 254 -5.77 -34.47 28.93
C GLN C 254 -4.66 -33.65 28.27
N LEU C 255 -4.18 -32.65 28.99
CA LEU C 255 -3.06 -31.83 28.53
C LEU C 255 -1.74 -32.63 28.43
N ARG C 256 -1.39 -33.34 29.49
CA ARG C 256 -0.20 -34.20 29.44
C ARG C 256 -0.29 -35.19 28.30
N ALA C 257 -1.49 -35.76 28.12
CA ALA C 257 -1.74 -36.73 27.05
C ALA C 257 -1.45 -36.20 25.64
N ALA C 258 -1.79 -34.93 25.39
CA ALA C 258 -1.49 -34.30 24.10
C ALA C 258 -0.11 -33.63 24.07
N GLY C 259 0.68 -33.85 25.12
CA GLY C 259 2.09 -33.38 25.16
C GLY C 259 2.25 -31.86 25.21
N VAL C 260 1.32 -31.19 25.88
CA VAL C 260 1.42 -29.73 26.06
C VAL C 260 1.34 -29.41 27.54
N THR C 261 1.58 -28.15 27.89
CA THR C 261 1.70 -27.78 29.29
C THR C 261 0.44 -28.09 30.07
N ASP C 262 0.62 -28.71 31.22
CA ASP C 262 -0.50 -29.07 32.11
C ASP C 262 -0.74 -27.99 33.17
N LYS C 263 -0.27 -26.78 32.88
CA LYS C 263 -0.49 -25.64 33.74
C LYS C 263 -1.58 -24.81 33.07
N LEU C 264 -2.60 -24.49 33.83
CA LEU C 264 -3.78 -23.84 33.28
C LEU C 264 -4.27 -22.65 34.08
N MET C 265 -5.14 -21.88 33.47
CA MET C 265 -5.80 -20.73 34.08
C MET C 265 -7.27 -21.07 34.32
N ILE C 266 -7.83 -20.54 35.42
CA ILE C 266 -9.26 -20.66 35.70
C ILE C 266 -9.97 -19.30 35.71
N ASP C 267 -11.00 -19.16 34.90
CA ASP C 267 -11.76 -17.93 34.83
C ASP C 267 -12.79 -18.00 35.93
N CYS C 268 -12.74 -17.05 36.86
CA CYS C 268 -13.72 -16.97 37.95
C CYS C 268 -15.06 -16.47 37.49
N SER C 269 -15.13 -15.89 36.31
CA SER C 269 -16.36 -15.24 35.83
C SER C 269 -17.04 -16.06 34.71
N HIS C 270 -17.81 -15.35 33.88
CA HIS C 270 -18.51 -15.96 32.77
C HIS C 270 -19.29 -17.22 33.19
N ALA C 271 -19.10 -18.33 32.50
CA ALA C 271 -19.92 -19.55 32.76
C ALA C 271 -19.55 -20.23 34.08
N ASN C 272 -18.42 -19.86 34.68
CA ASN C 272 -18.05 -20.45 35.98
C ASN C 272 -18.82 -19.81 37.15
N SER C 273 -19.21 -18.55 36.96
CA SER C 273 -19.98 -17.81 37.96
C SER C 273 -21.45 -17.72 37.58
N ARG C 274 -21.79 -18.24 36.40
CA ARG C 274 -23.18 -18.43 36.02
C ARG C 274 -24.06 -17.20 36.13
N LYS C 275 -23.56 -16.04 35.77
CA LYS C 275 -24.46 -14.89 35.80
C LYS C 275 -24.67 -14.12 37.07
N ASP C 276 -23.95 -14.43 38.11
CA ASP C 276 -23.92 -13.61 39.27
C ASP C 276 -22.47 -13.31 39.51
N TYR C 277 -22.11 -12.05 39.44
CA TYR C 277 -20.75 -11.67 39.60
C TYR C 277 -20.23 -11.91 40.95
N THR C 278 -21.09 -11.96 41.94
CA THR C 278 -20.68 -12.21 43.30
C THR C 278 -20.01 -13.58 43.40
N ARG C 279 -20.42 -14.49 42.53
CA ARG C 279 -19.97 -15.85 42.59
C ARG C 279 -18.50 -15.92 42.36
N GLN C 280 -17.98 -14.88 41.74
CA GLN C 280 -16.55 -14.87 41.45
C GLN C 280 -15.80 -15.14 42.75
N MET C 281 -16.26 -14.60 43.86
CA MET C 281 -15.58 -14.84 45.12
C MET C 281 -15.62 -16.31 45.51
N GLU C 282 -16.77 -16.96 45.33
CA GLU C 282 -16.88 -18.39 45.61
C GLU C 282 -15.85 -19.18 44.81
N VAL C 283 -15.73 -18.88 43.51
CA VAL C 283 -14.80 -19.60 42.65
C VAL C 283 -13.36 -19.39 43.15
N ALA C 284 -13.04 -18.16 43.51
CA ALA C 284 -11.71 -17.84 44.06
C ALA C 284 -11.48 -18.56 45.40
N GLN C 285 -12.53 -18.74 46.18
CA GLN C 285 -12.42 -19.48 47.43
C GLN C 285 -12.06 -20.90 47.15
N ASP C 286 -12.73 -21.50 46.17
CA ASP C 286 -12.43 -22.87 45.81
C ASP C 286 -11.02 -22.99 45.30
N ILE C 287 -10.57 -22.02 44.52
CA ILE C 287 -9.21 -22.04 44.00
C ILE C 287 -8.20 -21.92 45.13
N ALA C 288 -8.46 -20.99 46.03
CA ALA C 288 -7.63 -20.80 47.23
C ALA C 288 -7.41 -22.10 47.98
N ALA C 289 -8.50 -22.84 48.19
CA ALA C 289 -8.43 -24.12 48.88
C ALA C 289 -7.61 -25.09 48.08
N GLN C 290 -7.76 -25.08 46.76
CA GLN C 290 -6.98 -26.00 45.95
C GLN C 290 -5.49 -25.68 46.07
N LEU C 291 -5.19 -24.39 46.14
CA LEU C 291 -3.80 -23.94 46.23
C LEU C 291 -3.21 -24.31 47.59
N GLU C 292 -4.04 -24.26 48.64
CA GLU C 292 -3.64 -24.74 49.98
C GLU C 292 -3.39 -26.26 50.04
N GLN C 293 -4.31 -27.08 49.52
CA GLN C 293 -4.13 -28.57 49.51
C GLN C 293 -3.01 -29.02 48.58
N ASP C 294 -3.06 -28.55 47.33
CA ASP C 294 -2.06 -28.95 46.30
C ASP C 294 -2.04 -27.88 45.20
N GLY C 295 -2.97 -27.98 44.26
CA GLY C 295 -3.15 -26.97 43.21
C GLY C 295 -1.97 -26.78 42.27
N GLY C 296 -1.19 -27.84 42.10
CA GLY C 296 0.02 -27.83 41.29
C GLY C 296 -0.17 -27.43 39.84
N ASN C 297 -1.36 -27.66 39.29
CA ASN C 297 -1.64 -27.44 37.87
C ASN C 297 -2.22 -26.07 37.53
N ILE C 298 -2.39 -25.25 38.55
CA ILE C 298 -2.98 -23.94 38.36
C ILE C 298 -1.88 -22.91 38.21
N MET C 299 -1.88 -22.16 37.11
CA MET C 299 -0.90 -21.12 36.91
C MET C 299 -1.51 -19.75 36.91
N GLY C 300 -2.85 -19.69 36.89
CA GLY C 300 -3.50 -18.39 36.91
C GLY C 300 -5.00 -18.36 37.05
N VAL C 301 -5.49 -17.14 37.28
CA VAL C 301 -6.89 -16.93 37.36
C VAL C 301 -7.28 -15.68 36.64
N MET C 302 -8.56 -15.58 36.32
CA MET C 302 -9.11 -14.43 35.63
C MET C 302 -10.31 -13.92 36.43
N VAL C 303 -10.42 -12.61 36.58
CA VAL C 303 -11.44 -11.98 37.40
C VAL C 303 -11.97 -10.70 36.69
N GLU C 304 -13.26 -10.57 36.62
CA GLU C 304 -13.89 -9.42 36.05
C GLU C 304 -14.25 -8.42 37.14
N SER C 305 -13.56 -7.31 37.14
CA SER C 305 -13.45 -6.41 38.30
C SER C 305 -13.40 -4.95 37.85
N HIS C 306 -14.02 -4.08 38.63
CA HIS C 306 -14.08 -2.62 38.33
C HIS C 306 -14.14 -1.82 39.63
N LEU C 307 -14.17 -0.49 39.50
CA LEU C 307 -14.24 0.40 40.64
C LEU C 307 -15.52 0.14 41.36
N VAL C 308 -16.58 0.05 40.58
CA VAL C 308 -17.94 -0.12 41.11
C VAL C 308 -18.53 -1.41 40.58
N GLU C 309 -19.23 -2.10 41.47
CA GLU C 309 -19.76 -3.44 41.16
C GLU C 309 -20.98 -3.36 40.28
N GLY C 310 -21.27 -4.47 39.62
CA GLY C 310 -22.49 -4.61 38.83
C GLY C 310 -22.32 -4.24 37.36
N ARG C 311 -23.42 -3.86 36.73
CA ARG C 311 -23.40 -3.43 35.35
C ARG C 311 -24.47 -2.38 35.08
N GLN C 312 -24.44 -1.79 33.90
CA GLN C 312 -25.46 -0.83 33.48
C GLN C 312 -25.56 -0.80 31.95
N ASP C 313 -26.74 -0.55 31.43
CA ASP C 313 -26.97 -0.52 29.99
C ASP C 313 -26.35 0.72 29.34
N LYS C 314 -26.50 1.87 29.97
CA LYS C 314 -25.91 3.13 29.50
C LYS C 314 -24.74 3.50 30.44
N PRO C 315 -23.69 4.14 29.91
CA PRO C 315 -22.51 4.53 30.70
C PRO C 315 -22.74 5.75 31.58
N GLU C 316 -23.68 5.61 32.52
CA GLU C 316 -24.15 6.70 33.41
C GLU C 316 -23.29 6.85 34.65
N VAL C 317 -23.08 5.75 35.36
CA VAL C 317 -22.23 5.75 36.55
C VAL C 317 -20.75 5.55 36.15
N TYR C 318 -19.88 6.27 36.83
CA TYR C 318 -18.44 6.14 36.65
C TYR C 318 -17.93 4.82 37.18
N GLY C 319 -17.04 4.18 36.45
CA GLY C 319 -16.35 3.00 36.97
C GLY C 319 -17.23 1.77 37.10
N LYS C 320 -18.26 1.68 36.24
CA LYS C 320 -19.24 0.59 36.31
C LYS C 320 -19.44 0.03 34.91
N SER C 321 -19.30 -1.28 34.80
CA SER C 321 -19.28 -1.99 33.51
C SER C 321 -20.55 -1.79 32.71
N ILE C 322 -20.40 -1.69 31.38
CA ILE C 322 -21.55 -1.66 30.45
C ILE C 322 -21.68 -2.96 29.65
N THR C 323 -20.81 -3.93 29.95
CA THR C 323 -20.88 -5.30 29.41
C THR C 323 -21.13 -6.29 30.58
N ASP C 324 -20.35 -7.36 30.77
CA ASP C 324 -20.64 -8.28 31.90
C ASP C 324 -20.53 -7.53 33.21
N ALA C 325 -21.28 -7.98 34.21
CA ALA C 325 -21.19 -7.38 35.54
C ALA C 325 -19.85 -7.73 36.19
N CYS C 326 -19.28 -6.76 36.91
CA CYS C 326 -18.01 -6.97 37.62
C CYS C 326 -18.17 -6.89 39.15
N ILE C 327 -17.22 -7.49 39.88
CA ILE C 327 -17.10 -7.20 41.30
C ILE C 327 -16.50 -5.81 41.44
N GLY C 328 -16.76 -5.20 42.58
CA GLY C 328 -16.30 -3.85 42.87
C GLY C 328 -14.92 -3.87 43.47
N TRP C 329 -14.44 -2.68 43.82
CA TRP C 329 -13.09 -2.56 44.32
C TRP C 329 -12.92 -3.22 45.70
N GLY C 330 -13.91 -3.09 46.56
CA GLY C 330 -13.84 -3.74 47.87
C GLY C 330 -13.64 -5.23 47.74
N ALA C 331 -14.58 -5.83 47.04
CA ALA C 331 -14.52 -7.27 46.75
C ALA C 331 -13.18 -7.64 46.11
N THR C 332 -12.64 -6.74 45.27
CA THR C 332 -11.39 -7.01 44.58
C THR C 332 -10.21 -7.13 45.53
N GLU C 333 -10.10 -6.19 46.47
CA GLU C 333 -9.05 -6.23 47.52
C GLU C 333 -9.08 -7.53 48.30
N GLU C 334 -10.30 -7.94 48.65
CA GLU C 334 -10.57 -9.20 49.36
C GLU C 334 -10.13 -10.43 48.53
N LEU C 335 -10.57 -10.48 47.30
CA LEU C 335 -10.26 -11.63 46.44
C LEU C 335 -8.75 -11.75 46.27
N LEU C 336 -8.08 -10.62 46.07
CA LEU C 336 -6.64 -10.65 45.88
C LEU C 336 -5.88 -11.07 47.12
N ALA C 337 -6.29 -10.55 48.29
CA ALA C 337 -5.68 -10.97 49.54
C ALA C 337 -5.88 -12.46 49.79
N LEU C 338 -7.09 -12.92 49.52
CA LEU C 338 -7.41 -14.33 49.64
C LEU C 338 -6.43 -15.17 48.80
N LEU C 339 -6.31 -14.84 47.51
CA LEU C 339 -5.41 -15.61 46.64
C LEU C 339 -3.94 -15.44 46.99
N ALA C 340 -3.53 -14.24 47.37
CA ALA C 340 -2.15 -14.04 47.79
C ALA C 340 -1.81 -14.94 48.98
N GLY C 341 -2.67 -14.92 50.00
CA GLY C 341 -2.44 -15.73 51.21
C GLY C 341 -2.35 -17.21 50.86
N ALA C 342 -3.28 -17.68 50.04
CA ALA C 342 -3.31 -19.10 49.68
C ALA C 342 -2.05 -19.50 48.91
N ASN C 343 -1.66 -18.71 47.94
CA ASN C 343 -0.51 -19.07 47.11
C ASN C 343 0.83 -18.96 47.82
N LYS C 344 0.92 -18.06 48.80
CA LYS C 344 2.14 -17.96 49.59
C LYS C 344 2.50 -19.31 50.21
N LYS C 345 1.48 -20.07 50.55
CA LYS C 345 1.68 -21.38 51.20
C LYS C 345 2.09 -22.39 50.16
N ARG C 346 1.44 -22.36 49.00
CA ARG C 346 1.81 -23.27 47.92
C ARG C 346 3.27 -23.07 47.54
N MET C 347 3.70 -21.83 47.47
CA MET C 347 5.08 -21.55 47.08
C MET C 347 6.08 -22.00 48.14
N ALA C 348 5.66 -21.93 49.41
CA ALA C 348 6.54 -22.28 50.50
C ALA C 348 6.88 -23.78 50.53
N ARG C 349 5.92 -24.64 50.16
CA ARG C 349 6.06 -26.13 50.14
C ARG C 349 7.23 -26.67 49.32
N ALA C 350 7.30 -26.28 48.05
CA ALA C 350 8.50 -26.48 47.23
C ALA C 350 9.17 -27.86 47.40
N ASP D 9 7.13 -8.76 15.67
CA ASP D 9 8.10 -9.45 14.77
C ASP D 9 9.27 -10.09 15.55
N ILE D 10 8.91 -10.88 16.56
CA ILE D 10 9.87 -11.66 17.39
C ILE D 10 9.74 -13.15 17.03
N LYS D 11 8.49 -13.64 17.08
CA LYS D 11 8.09 -15.01 16.74
C LYS D 11 7.39 -14.93 15.40
N ILE D 12 7.92 -14.06 14.55
CA ILE D 12 7.63 -14.02 13.12
C ILE D 12 8.96 -14.30 12.41
N LYS D 13 8.99 -15.36 11.61
CA LYS D 13 10.20 -15.74 10.85
C LYS D 13 10.43 -14.81 9.65
N GLU D 14 9.39 -14.60 8.86
CA GLU D 14 9.45 -13.76 7.65
C GLU D 14 8.10 -13.19 7.15
N VAL D 15 8.24 -12.24 6.24
CA VAL D 15 7.13 -11.57 5.56
C VAL D 15 7.46 -11.55 4.09
N LYS D 16 6.59 -12.15 3.26
CA LYS D 16 6.86 -12.29 1.81
C LYS D 16 5.88 -11.56 0.87
N GLU D 17 6.31 -11.41 -0.40
CA GLU D 17 5.65 -10.50 -1.34
C GLU D 17 4.30 -11.10 -1.70
N LEU D 18 3.21 -10.37 -1.54
CA LEU D 18 1.90 -10.86 -1.93
C LEU D 18 1.27 -9.99 -2.98
N LEU D 19 0.87 -10.59 -4.08
CA LEU D 19 0.25 -9.82 -5.14
C LEU D 19 -1.17 -9.49 -4.72
N PRO D 20 -1.62 -8.28 -5.04
CA PRO D 20 -2.95 -7.90 -4.69
C PRO D 20 -3.99 -8.50 -5.60
N PRO D 21 -5.23 -8.53 -5.15
CA PRO D 21 -6.27 -9.10 -6.02
C PRO D 21 -6.31 -8.49 -7.41
N ILE D 22 -6.13 -7.18 -7.51
CA ILE D 22 -6.19 -6.54 -8.84
C ILE D 22 -5.26 -7.16 -9.86
N ALA D 23 -4.10 -7.67 -9.41
CA ALA D 23 -3.19 -8.39 -10.34
C ALA D 23 -3.86 -9.61 -10.99
N HIS D 24 -4.54 -10.37 -10.18
CA HIS D 24 -5.17 -11.57 -10.66
C HIS D 24 -6.37 -11.17 -11.48
N LEU D 25 -7.10 -10.16 -11.02
CA LEU D 25 -8.29 -9.69 -11.74
C LEU D 25 -7.95 -9.13 -13.12
N TYR D 26 -6.73 -8.63 -13.28
CA TYR D 26 -6.22 -8.15 -14.60
C TYR D 26 -5.91 -9.27 -15.59
N GLU D 27 -5.33 -10.37 -15.08
CA GLU D 27 -5.00 -11.53 -15.92
C GLU D 27 -6.18 -12.37 -16.25
N LEU D 28 -7.13 -12.39 -15.34
CA LEU D 28 -8.25 -13.34 -15.42
C LEU D 28 -9.55 -12.62 -15.10
N PRO D 29 -9.92 -11.64 -15.91
CA PRO D 29 -11.09 -10.86 -15.59
C PRO D 29 -12.30 -11.73 -15.83
N ILE D 30 -13.33 -11.50 -15.04
CA ILE D 30 -14.54 -12.26 -15.14
C ILE D 30 -15.17 -12.02 -16.49
N SER D 31 -15.52 -13.10 -17.17
CA SER D 31 -16.15 -13.00 -18.44
C SER D 31 -17.65 -12.66 -18.25
N LYS D 32 -18.25 -12.09 -19.30
CA LYS D 32 -19.67 -11.82 -19.32
C LYS D 32 -20.51 -13.08 -18.98
N GLU D 33 -20.11 -14.23 -19.53
CA GLU D 33 -20.87 -15.48 -19.35
C GLU D 33 -20.77 -15.91 -17.91
N ALA D 34 -19.57 -15.82 -17.35
CA ALA D 34 -19.34 -16.15 -15.93
C ALA D 34 -20.12 -15.21 -15.00
N SER D 35 -20.04 -13.93 -15.30
CA SER D 35 -20.75 -12.92 -14.54
C SER D 35 -22.25 -13.18 -14.52
N GLY D 36 -22.79 -13.50 -15.68
CA GLY D 36 -24.22 -13.85 -15.78
C GLY D 36 -24.63 -15.11 -15.00
N LEU D 37 -23.81 -16.14 -15.05
CA LEU D 37 -24.09 -17.35 -14.33
C LEU D 37 -24.10 -17.08 -12.83
N VAL D 38 -23.09 -16.37 -12.37
CA VAL D 38 -22.94 -16.11 -10.92
C VAL D 38 -24.13 -15.36 -10.41
N HIS D 39 -24.39 -14.22 -11.04
CA HIS D 39 -25.52 -13.35 -10.69
C HIS D 39 -26.83 -14.16 -10.66
N ARG D 40 -27.01 -14.96 -11.68
CA ARG D 40 -28.23 -15.75 -11.86
C ARG D 40 -28.37 -16.85 -10.75
N THR D 41 -27.28 -17.58 -10.50
CA THR D 41 -27.28 -18.64 -9.52
C THR D 41 -27.49 -18.07 -8.09
N ARG D 42 -26.95 -16.88 -7.85
CA ARG D 42 -27.15 -16.25 -6.54
C ARG D 42 -28.61 -15.95 -6.32
N GLN D 43 -29.28 -15.40 -7.33
CA GLN D 43 -30.74 -15.15 -7.27
C GLN D 43 -31.46 -16.46 -7.06
N GLU D 44 -31.14 -17.47 -7.88
CA GLU D 44 -31.85 -18.74 -7.82
C GLU D 44 -31.76 -19.33 -6.39
N ILE D 45 -30.60 -19.17 -5.76
CA ILE D 45 -30.38 -19.72 -4.44
C ILE D 45 -31.13 -18.93 -3.40
N SER D 46 -31.02 -17.62 -3.53
CA SER D 46 -31.80 -16.71 -2.68
C SER D 46 -33.25 -17.14 -2.67
N ASP D 47 -33.78 -17.43 -3.85
CA ASP D 47 -35.19 -17.88 -3.98
C ASP D 47 -35.43 -19.14 -3.15
N LEU D 48 -34.46 -20.06 -3.13
CA LEU D 48 -34.62 -21.28 -2.36
C LEU D 48 -34.58 -20.97 -0.86
N VAL D 49 -33.70 -20.09 -0.49
CA VAL D 49 -33.53 -19.72 0.91
C VAL D 49 -34.81 -19.13 1.49
N HIS D 50 -35.48 -18.32 0.68
CA HIS D 50 -36.68 -17.63 1.13
C HIS D 50 -38.00 -18.29 0.70
N GLY D 51 -37.94 -19.53 0.22
CA GLY D 51 -39.16 -20.30 -0.11
C GLY D 51 -39.95 -19.88 -1.34
N ARG D 52 -39.31 -19.20 -2.28
CA ARG D 52 -39.95 -18.74 -3.51
C ARG D 52 -39.87 -19.77 -4.63
N ASP D 53 -38.99 -20.75 -4.47
CA ASP D 53 -38.84 -21.86 -5.40
C ASP D 53 -38.57 -23.10 -4.55
N LYS D 54 -39.06 -24.23 -5.01
CA LYS D 54 -39.02 -25.47 -4.22
C LYS D 54 -37.94 -26.43 -4.72
N ARG D 55 -37.20 -26.04 -5.74
CA ARG D 55 -36.10 -26.86 -6.15
C ARG D 55 -35.16 -27.06 -4.95
N LEU D 56 -34.31 -28.06 -5.04
CA LEU D 56 -33.42 -28.44 -3.97
C LEU D 56 -32.00 -28.05 -4.35
N LEU D 57 -31.39 -27.19 -3.55
CA LEU D 57 -29.97 -26.83 -3.76
C LEU D 57 -29.09 -28.02 -3.41
N VAL D 58 -28.19 -28.37 -4.30
CA VAL D 58 -27.27 -29.46 -4.03
C VAL D 58 -25.83 -28.97 -4.16
N ILE D 59 -25.17 -28.81 -3.03
CA ILE D 59 -23.77 -28.39 -2.99
C ILE D 59 -22.99 -29.70 -2.97
N ILE D 60 -22.26 -29.99 -4.04
CA ILE D 60 -21.69 -31.31 -4.19
C ILE D 60 -20.38 -31.29 -4.96
N GLY D 61 -19.46 -32.09 -4.47
CA GLY D 61 -18.16 -32.25 -5.06
C GLY D 61 -17.13 -32.57 -4.01
N PRO D 62 -15.87 -32.46 -4.37
CA PRO D 62 -14.82 -32.84 -3.47
C PRO D 62 -14.79 -32.10 -2.13
N CYS D 63 -14.31 -32.80 -1.12
CA CYS D 63 -14.05 -32.20 0.16
C CYS D 63 -13.06 -31.02 -0.02
N SER D 64 -12.04 -31.22 -0.85
CA SER D 64 -11.10 -30.16 -1.16
C SER D 64 -10.57 -30.33 -2.57
N ILE D 65 -10.24 -29.22 -3.23
CA ILE D 65 -9.61 -29.27 -4.52
C ILE D 65 -8.09 -29.35 -4.31
N HIS D 66 -7.48 -30.42 -4.82
CA HIS D 66 -6.02 -30.49 -4.85
C HIS D 66 -5.45 -30.62 -6.27
N ASP D 67 -6.34 -30.72 -7.26
CA ASP D 67 -5.92 -30.89 -8.64
C ASP D 67 -6.93 -30.33 -9.59
N PRO D 68 -6.66 -29.17 -10.13
CA PRO D 68 -7.57 -28.55 -11.08
C PRO D 68 -8.02 -29.40 -12.26
N LYS D 69 -7.16 -30.24 -12.79
CA LYS D 69 -7.58 -31.05 -13.95
C LYS D 69 -8.67 -32.05 -13.57
N ALA D 70 -8.46 -32.78 -12.48
CA ALA D 70 -9.52 -33.61 -11.93
C ALA D 70 -10.80 -32.82 -11.64
N ALA D 71 -10.66 -31.63 -11.09
CA ALA D 71 -11.84 -30.79 -10.79
C ALA D 71 -12.59 -30.41 -12.07
N LEU D 72 -11.87 -30.10 -13.13
CA LEU D 72 -12.51 -29.81 -14.39
C LEU D 72 -13.24 -31.02 -14.94
N GLU D 73 -12.62 -32.21 -14.89
CA GLU D 73 -13.25 -33.40 -15.43
C GLU D 73 -14.53 -33.71 -14.62
N TYR D 74 -14.42 -33.57 -13.31
CA TYR D 74 -15.56 -33.80 -12.43
C TYR D 74 -16.66 -32.88 -12.83
N ALA D 75 -16.30 -31.61 -12.98
CA ALA D 75 -17.28 -30.60 -13.39
C ALA D 75 -18.05 -30.95 -14.66
N GLU D 76 -17.33 -31.47 -15.65
CA GLU D 76 -17.95 -31.75 -16.93
C GLU D 76 -18.97 -32.85 -16.78
N ARG D 77 -18.68 -33.85 -15.97
CA ARG D 77 -19.66 -34.89 -15.69
C ARG D 77 -20.85 -34.34 -14.92
N LEU D 78 -20.56 -33.56 -13.89
CA LEU D 78 -21.61 -33.03 -13.03
C LEU D 78 -22.52 -32.11 -13.84
N LEU D 79 -21.94 -31.38 -14.79
CA LEU D 79 -22.70 -30.46 -15.62
C LEU D 79 -23.87 -31.16 -16.32
N LYS D 80 -23.62 -32.33 -16.89
CA LYS D 80 -24.69 -33.06 -17.58
C LYS D 80 -25.86 -33.28 -16.64
N LEU D 81 -25.54 -33.62 -15.40
CA LEU D 81 -26.56 -33.90 -14.41
C LEU D 81 -27.20 -32.61 -13.90
N ARG D 82 -26.42 -31.54 -13.78
CA ARG D 82 -26.98 -30.24 -13.45
C ARG D 82 -28.09 -29.86 -14.45
N LYS D 83 -27.81 -30.10 -15.72
CA LYS D 83 -28.76 -29.79 -16.78
C LYS D 83 -29.97 -30.76 -16.75
N GLN D 84 -29.66 -32.03 -16.67
CA GLN D 84 -30.68 -33.04 -16.67
C GLN D 84 -31.69 -32.81 -15.54
N TYR D 85 -31.20 -32.45 -14.37
CA TYR D 85 -32.07 -32.35 -13.21
C TYR D 85 -32.48 -30.92 -12.88
N GLU D 86 -32.36 -30.03 -13.86
CA GLU D 86 -32.48 -28.60 -13.58
C GLU D 86 -33.86 -28.16 -13.09
N ASN D 87 -34.89 -28.94 -13.36
CA ASN D 87 -36.25 -28.59 -12.93
C ASN D 87 -36.58 -28.98 -11.48
N GLU D 88 -35.79 -29.92 -10.95
CA GLU D 88 -35.91 -30.42 -9.57
C GLU D 88 -34.75 -29.99 -8.64
N LEU D 89 -33.53 -30.02 -9.18
CA LEU D 89 -32.32 -29.72 -8.42
C LEU D 89 -31.54 -28.54 -8.98
N LEU D 90 -31.00 -27.74 -8.08
CA LEU D 90 -30.04 -26.71 -8.45
C LEU D 90 -28.67 -27.21 -8.00
N ILE D 91 -27.93 -27.75 -8.94
CA ILE D 91 -26.62 -28.29 -8.64
C ILE D 91 -25.51 -27.26 -8.80
N VAL D 92 -24.71 -27.13 -7.75
CA VAL D 92 -23.56 -26.25 -7.69
C VAL D 92 -22.35 -27.02 -7.18
N MET D 93 -21.22 -26.89 -7.83
CA MET D 93 -20.05 -27.64 -7.44
C MET D 93 -19.32 -27.13 -6.19
N ARG D 94 -18.87 -28.08 -5.36
CA ARG D 94 -18.01 -27.79 -4.22
C ARG D 94 -16.63 -27.54 -4.74
N VAL D 95 -16.13 -26.33 -4.51
CA VAL D 95 -14.81 -25.95 -5.00
C VAL D 95 -14.04 -25.34 -3.84
N TYR D 96 -13.73 -26.18 -2.87
CA TYR D 96 -13.18 -25.72 -1.61
C TYR D 96 -11.63 -25.63 -1.62
N PHE D 97 -11.13 -24.43 -1.44
CA PHE D 97 -9.71 -24.12 -1.51
C PHE D 97 -9.05 -23.99 -0.14
N GLU D 98 -9.85 -23.85 0.94
CA GLU D 98 -9.33 -23.61 2.30
C GLU D 98 -9.97 -24.60 3.28
N LYS D 99 -9.12 -25.35 3.95
CA LYS D 99 -9.56 -26.39 4.89
C LYS D 99 -9.11 -26.12 6.31
N PRO D 100 -10.06 -26.00 7.23
CA PRO D 100 -9.73 -25.90 8.62
C PRO D 100 -9.34 -27.26 9.18
N ARG D 101 -8.16 -27.33 9.77
CA ARG D 101 -7.71 -28.56 10.40
C ARG D 101 -8.03 -28.55 11.87
N THR D 102 -8.27 -29.75 12.41
CA THR D 102 -8.50 -29.94 13.85
C THR D 102 -7.27 -29.46 14.65
N THR D 103 -6.08 -29.75 14.16
CA THR D 103 -4.83 -29.19 14.74
C THR D 103 -4.04 -28.57 13.63
N VAL D 104 -3.21 -29.41 13.00
CA VAL D 104 -2.43 -29.01 11.84
C VAL D 104 -2.62 -29.98 10.67
N GLY D 105 -2.16 -29.54 9.51
CA GLY D 105 -2.18 -30.33 8.26
C GLY D 105 -2.17 -29.38 7.05
N TRP D 106 -2.25 -29.96 5.86
CA TRP D 106 -2.43 -29.19 4.63
C TRP D 106 -3.72 -28.34 4.65
N LYS D 107 -3.58 -27.02 4.46
CA LYS D 107 -4.76 -26.12 4.64
C LYS D 107 -5.48 -25.83 3.36
N GLY D 108 -5.01 -26.48 2.27
CA GLY D 108 -5.67 -26.39 0.96
C GLY D 108 -4.78 -25.89 -0.16
N LEU D 109 -5.40 -25.76 -1.32
CA LEU D 109 -4.67 -25.47 -2.53
C LEU D 109 -4.11 -24.04 -2.54
N ILE D 110 -4.85 -23.10 -1.95
CA ILE D 110 -4.40 -21.71 -1.87
C ILE D 110 -3.15 -21.57 -1.02
N ASN D 111 -3.18 -22.19 0.14
CA ASN D 111 -2.12 -22.07 1.11
C ASN D 111 -0.85 -22.78 0.68
N ASP D 112 -0.99 -23.83 -0.14
CA ASP D 112 0.15 -24.69 -0.49
C ASP D 112 -0.19 -25.53 -1.70
N PRO D 113 -0.26 -24.91 -2.88
CA PRO D 113 -0.71 -25.58 -4.08
C PRO D 113 0.17 -26.68 -4.63
N HIS D 114 1.45 -26.71 -4.30
CA HIS D 114 2.34 -27.77 -4.79
C HIS D 114 2.34 -28.97 -3.84
N LEU D 115 1.62 -28.84 -2.77
CA LEU D 115 1.34 -29.91 -1.86
C LEU D 115 2.59 -30.43 -1.25
N ASP D 116 3.57 -29.57 -1.10
CA ASP D 116 4.86 -29.99 -0.62
C ASP D 116 5.48 -29.14 0.46
N GLY D 117 4.69 -28.38 1.16
CA GLY D 117 5.22 -27.45 2.11
C GLY D 117 5.93 -26.22 1.62
N THR D 118 5.59 -25.74 0.45
CA THR D 118 6.27 -24.55 -0.10
C THR D 118 5.47 -23.29 0.10
N PHE D 119 4.20 -23.44 0.42
CA PHE D 119 3.35 -22.28 0.66
C PHE D 119 3.46 -21.21 -0.42
N ASP D 120 3.36 -21.62 -1.67
CA ASP D 120 3.36 -20.69 -2.80
C ASP D 120 1.98 -20.06 -3.00
N ILE D 121 1.63 -19.11 -2.13
CA ILE D 121 0.31 -18.58 -2.08
C ILE D 121 -0.08 -17.75 -3.29
N ASN D 122 0.85 -17.02 -3.86
CA ASN D 122 0.57 -16.26 -5.05
C ASN D 122 0.09 -17.16 -6.18
N PHE D 123 0.74 -18.32 -6.31
CA PHE D 123 0.41 -19.32 -7.31
C PHE D 123 -0.92 -20.01 -7.00
N GLY D 124 -1.10 -20.42 -5.74
CA GLY D 124 -2.36 -20.97 -5.28
C GLY D 124 -3.55 -20.07 -5.59
N LEU D 125 -3.41 -18.77 -5.29
CA LEU D 125 -4.51 -17.83 -5.54
C LEU D 125 -4.74 -17.70 -7.00
N ARG D 126 -3.67 -17.69 -7.77
CA ARG D 126 -3.85 -17.67 -9.23
C ARG D 126 -4.58 -18.93 -9.71
N GLN D 127 -4.15 -20.08 -9.23
CA GLN D 127 -4.76 -21.33 -9.68
C GLN D 127 -6.24 -21.39 -9.32
N ALA D 128 -6.58 -20.92 -8.13
CA ALA D 128 -7.94 -20.94 -7.67
C ALA D 128 -8.80 -20.02 -8.52
N ARG D 129 -8.32 -18.81 -8.81
CA ARG D 129 -9.08 -17.94 -9.67
C ARG D 129 -9.28 -18.55 -11.03
N SER D 130 -8.23 -19.14 -11.57
CA SER D 130 -8.29 -19.74 -12.92
C SER D 130 -9.28 -20.88 -13.01
N LEU D 131 -9.22 -21.77 -12.06
CA LEU D 131 -10.14 -22.89 -12.01
C LEU D 131 -11.59 -22.35 -11.93
N LEU D 132 -11.81 -21.41 -11.04
CA LEU D 132 -13.15 -20.87 -10.86
C LEU D 132 -13.65 -20.21 -12.13
N LEU D 133 -12.78 -19.47 -12.81
CA LEU D 133 -13.20 -18.84 -14.03
C LEU D 133 -13.56 -19.88 -15.10
N SER D 134 -12.77 -20.94 -15.21
CA SER D 134 -13.05 -21.98 -16.20
C SER D 134 -14.35 -22.71 -15.87
N LEU D 135 -14.62 -22.91 -14.59
CA LEU D 135 -15.85 -23.63 -14.19
C LEU D 135 -17.09 -22.85 -14.59
N ASN D 136 -17.08 -21.57 -14.25
CA ASN D 136 -18.21 -20.72 -14.56
C ASN D 136 -18.32 -20.57 -16.05
N ASN D 137 -17.20 -20.51 -16.75
CA ASN D 137 -17.24 -20.40 -18.20
C ASN D 137 -17.92 -21.58 -18.84
N MET D 138 -17.72 -22.77 -18.28
CA MET D 138 -18.26 -23.99 -18.89
C MET D 138 -19.71 -24.19 -18.49
N GLY D 139 -20.21 -23.36 -17.57
CA GLY D 139 -21.61 -23.40 -17.15
C GLY D 139 -21.87 -24.03 -15.77
N MET D 140 -20.79 -24.34 -15.07
CA MET D 140 -20.87 -24.90 -13.73
C MET D 140 -20.60 -23.86 -12.65
N PRO D 141 -21.61 -23.50 -11.89
CA PRO D 141 -21.39 -22.60 -10.78
C PRO D 141 -20.64 -23.25 -9.63
N ALA D 142 -20.07 -22.40 -8.79
CA ALA D 142 -19.10 -22.81 -7.79
C ALA D 142 -19.41 -22.33 -6.36
N SER D 143 -19.01 -23.16 -5.38
CA SER D 143 -19.18 -22.86 -3.98
C SER D 143 -17.88 -23.09 -3.25
N THR D 144 -17.70 -22.38 -2.13
CA THR D 144 -16.53 -22.59 -1.32
C THR D 144 -16.80 -22.27 0.16
N GLU D 145 -15.88 -22.70 1.02
CA GLU D 145 -15.86 -22.26 2.40
C GLU D 145 -14.96 -21.03 2.46
N PHE D 146 -15.50 -19.95 3.03
CA PHE D 146 -14.73 -18.73 3.24
C PHE D 146 -14.15 -18.82 4.64
N LEU D 147 -12.87 -19.09 4.69
CA LEU D 147 -12.19 -19.30 5.93
C LEU D 147 -11.31 -18.11 6.31
N ASP D 148 -10.48 -17.66 5.36
CA ASP D 148 -9.55 -16.52 5.57
C ASP D 148 -10.34 -15.24 5.41
N MET D 149 -9.88 -14.13 6.00
CA MET D 149 -10.53 -12.80 5.80
C MET D 149 -10.11 -12.04 4.51
N ILE D 150 -8.96 -12.41 3.97
CA ILE D 150 -8.32 -11.69 2.92
C ILE D 150 -8.42 -12.38 1.57
N THR D 151 -8.26 -13.70 1.54
CA THR D 151 -8.35 -14.40 0.25
C THR D 151 -9.62 -14.17 -0.55
N PRO D 152 -10.77 -13.97 0.10
CA PRO D 152 -11.99 -13.84 -0.75
C PRO D 152 -11.99 -12.73 -1.77
N GLN D 153 -11.27 -11.65 -1.51
CA GLN D 153 -11.16 -10.60 -2.51
C GLN D 153 -10.60 -11.08 -3.83
N TYR D 154 -9.91 -12.23 -3.81
CA TYR D 154 -9.27 -12.74 -5.01
C TYR D 154 -10.19 -13.52 -5.96
N TYR D 155 -11.30 -14.02 -5.47
CA TYR D 155 -12.18 -14.83 -6.29
C TYR D 155 -13.66 -14.86 -5.90
N ALA D 156 -14.09 -14.04 -4.95
CA ALA D 156 -15.48 -14.10 -4.46
C ALA D 156 -16.46 -13.79 -5.56
N ASP D 157 -16.00 -13.01 -6.53
CA ASP D 157 -16.82 -12.65 -7.68
C ASP D 157 -17.17 -13.87 -8.53
N LEU D 158 -16.44 -14.97 -8.34
CA LEU D 158 -16.74 -16.19 -9.08
C LEU D 158 -17.51 -17.24 -8.29
N ILE D 159 -17.96 -16.88 -7.10
CA ILE D 159 -18.59 -17.80 -6.18
C ILE D 159 -20.09 -17.49 -6.09
N SER D 160 -20.89 -18.55 -6.22
CA SER D 160 -22.38 -18.45 -6.19
C SER D 160 -22.97 -18.76 -4.83
N TRP D 161 -22.22 -19.42 -3.97
CA TRP D 161 -22.70 -19.79 -2.65
C TRP D 161 -21.50 -20.10 -1.79
N GLY D 162 -21.59 -19.65 -0.55
CA GLY D 162 -20.50 -19.70 0.38
C GLY D 162 -20.88 -20.38 1.67
N ALA D 163 -19.91 -21.04 2.28
CA ALA D 163 -20.09 -21.68 3.57
C ALA D 163 -19.22 -21.02 4.62
N ILE D 164 -19.75 -20.89 5.83
CA ILE D 164 -18.93 -20.65 7.01
C ILE D 164 -18.94 -21.92 7.82
N GLY D 165 -17.74 -22.46 8.09
CA GLY D 165 -17.56 -23.78 8.69
C GLY D 165 -18.02 -23.89 10.15
N ALA D 166 -18.25 -25.12 10.57
CA ALA D 166 -18.62 -25.40 11.97
C ALA D 166 -17.70 -24.76 13.00
N ARG D 167 -16.42 -24.65 12.65
CA ARG D 167 -15.42 -24.18 13.59
C ARG D 167 -15.35 -22.63 13.70
N THR D 168 -16.07 -21.95 12.82
CA THR D 168 -16.02 -20.49 12.68
C THR D 168 -17.39 -19.82 12.68
N THR D 169 -18.46 -20.60 12.68
CA THR D 169 -19.81 -20.04 12.70
C THR D 169 -20.03 -19.10 13.89
N GLU D 170 -19.40 -19.42 15.03
CA GLU D 170 -19.50 -18.60 16.24
C GLU D 170 -18.60 -17.37 16.20
N SER D 171 -17.69 -17.31 15.23
CA SER D 171 -16.71 -16.25 15.16
C SER D 171 -17.31 -14.98 14.59
N GLN D 172 -17.12 -13.90 15.33
CA GLN D 172 -17.59 -12.59 14.92
C GLN D 172 -16.99 -12.12 13.59
N VAL D 173 -15.70 -12.39 13.35
CA VAL D 173 -15.07 -11.87 12.11
C VAL D 173 -15.58 -12.60 10.87
N HIS D 174 -15.98 -13.85 11.08
CA HIS D 174 -16.61 -14.61 10.01
C HIS D 174 -18.06 -14.15 9.77
N ARG D 175 -18.75 -13.77 10.82
CA ARG D 175 -20.06 -13.20 10.65
C ARG D 175 -19.97 -11.86 9.93
N GLU D 176 -19.01 -11.05 10.32
CA GLU D 176 -18.75 -9.80 9.63
C GLU D 176 -18.52 -10.11 8.15
N LEU D 177 -17.58 -10.99 7.87
CA LEU D 177 -17.24 -11.34 6.50
C LEU D 177 -18.49 -11.69 5.72
N ALA D 178 -19.32 -12.55 6.30
CA ALA D 178 -20.53 -13.01 5.61
C ALA D 178 -21.47 -11.86 5.30
N SER D 179 -21.53 -10.91 6.22
CA SER D 179 -22.37 -9.71 6.07
C SER D 179 -22.06 -8.87 4.83
N GLY D 180 -20.86 -9.00 4.29
CA GLY D 180 -20.46 -8.27 3.10
C GLY D 180 -20.31 -9.06 1.83
N LEU D 181 -20.47 -10.37 1.90
CA LEU D 181 -20.41 -11.23 0.68
C LEU D 181 -21.67 -11.02 -0.19
N SER D 182 -21.51 -11.11 -1.50
CA SER D 182 -22.63 -10.86 -2.42
C SER D 182 -23.41 -12.12 -2.76
N CYS D 183 -22.93 -13.25 -2.26
CA CYS D 183 -23.55 -14.51 -2.48
C CYS D 183 -24.28 -14.97 -1.21
N PRO D 184 -25.25 -15.88 -1.37
CA PRO D 184 -25.83 -16.47 -0.18
C PRO D 184 -24.81 -17.24 0.62
N VAL D 185 -25.10 -17.42 1.90
CA VAL D 185 -24.18 -18.04 2.81
C VAL D 185 -24.86 -19.01 3.76
N GLY D 186 -24.24 -20.17 3.93
CA GLY D 186 -24.68 -21.16 4.89
C GLY D 186 -23.79 -21.21 6.10
N PHE D 187 -24.39 -21.22 7.28
CA PHE D 187 -23.65 -21.36 8.52
C PHE D 187 -23.86 -22.71 9.14
N LYS D 188 -22.79 -23.45 9.36
CA LYS D 188 -22.92 -24.77 9.98
C LYS D 188 -23.14 -24.75 11.47
N ASN D 189 -23.93 -25.70 11.97
CA ASN D 189 -24.00 -25.86 13.41
C ASN D 189 -22.62 -26.27 13.94
N GLY D 190 -22.40 -26.12 15.24
CA GLY D 190 -21.06 -26.30 15.84
C GLY D 190 -20.62 -27.73 15.93
N THR D 191 -19.33 -27.96 16.18
CA THR D 191 -18.78 -29.31 16.08
C THR D 191 -19.39 -30.28 17.06
N ASP D 192 -19.95 -29.78 18.15
CA ASP D 192 -20.64 -30.65 19.06
C ASP D 192 -22.17 -30.65 18.89
N GLY D 193 -22.68 -29.94 17.88
CA GLY D 193 -24.12 -29.98 17.56
C GLY D 193 -24.92 -28.73 17.90
N ASN D 194 -24.25 -27.70 18.41
CA ASN D 194 -24.92 -26.47 18.80
C ASN D 194 -25.45 -25.75 17.56
N LEU D 195 -26.78 -25.69 17.47
CA LEU D 195 -27.49 -25.02 16.40
C LEU D 195 -27.67 -23.53 16.64
N LYS D 196 -27.88 -23.14 17.90
CA LYS D 196 -28.09 -21.72 18.25
C LYS D 196 -27.04 -20.81 17.64
N ILE D 197 -25.77 -21.21 17.71
CA ILE D 197 -24.71 -20.36 17.18
C ILE D 197 -24.90 -20.06 15.70
N ALA D 198 -25.50 -20.99 14.95
CA ALA D 198 -25.76 -20.75 13.51
C ALA D 198 -26.97 -19.82 13.32
N ILE D 199 -27.98 -19.98 14.18
CA ILE D 199 -29.13 -19.10 14.13
C ILE D 199 -28.70 -17.69 14.47
N ASP D 200 -27.92 -17.57 15.54
CA ASP D 200 -27.30 -16.28 15.91
C ASP D 200 -26.51 -15.68 14.75
N ALA D 201 -25.77 -16.52 14.03
CA ALA D 201 -24.90 -16.06 12.94
C ALA D 201 -25.68 -15.46 11.78
N ILE D 202 -26.82 -16.05 11.48
CA ILE D 202 -27.71 -15.47 10.47
C ILE D 202 -28.16 -14.09 10.88
N GLY D 203 -28.56 -14.01 12.15
CA GLY D 203 -29.01 -12.76 12.73
C GLY D 203 -27.94 -11.71 12.56
N ALA D 204 -26.73 -12.06 12.95
CA ALA D 204 -25.61 -11.13 12.91
C ALA D 204 -25.27 -10.76 11.50
N ALA D 205 -25.15 -11.77 10.63
CA ALA D 205 -24.68 -11.52 9.28
C ALA D 205 -25.68 -10.73 8.47
N SER D 206 -26.93 -10.75 8.86
CA SER D 206 -27.96 -10.02 8.12
C SER D 206 -27.92 -8.53 8.40
N HIS D 207 -27.19 -8.12 9.43
CA HIS D 207 -27.09 -6.70 9.80
C HIS D 207 -25.85 -6.07 9.15
N SER D 208 -25.80 -4.76 9.24
CA SER D 208 -24.68 -3.97 8.78
C SER D 208 -23.52 -4.05 9.79
N HIS D 209 -22.28 -4.13 9.31
CA HIS D 209 -21.10 -4.14 10.20
C HIS D 209 -20.04 -3.21 9.72
N HIS D 210 -19.19 -2.81 10.64
CA HIS D 210 -17.99 -2.06 10.33
C HIS D 210 -16.82 -2.85 10.85
N PHE D 211 -15.85 -3.09 9.98
CA PHE D 211 -14.66 -3.78 10.39
C PHE D 211 -13.50 -3.50 9.46
N LEU D 212 -12.33 -3.93 9.89
CA LEU D 212 -11.15 -3.75 9.11
C LEU D 212 -11.06 -4.87 8.10
N GLY D 213 -10.83 -4.49 6.84
CA GLY D 213 -10.61 -5.43 5.75
C GLY D 213 -9.50 -4.94 4.83
N VAL D 214 -9.30 -5.68 3.75
CA VAL D 214 -8.26 -5.36 2.76
C VAL D 214 -8.87 -5.13 1.42
N THR D 215 -8.52 -4.02 0.77
CA THR D 215 -9.10 -3.69 -0.54
C THR D 215 -8.55 -4.61 -1.64
N LYS D 216 -9.11 -4.47 -2.84
CA LYS D 216 -8.65 -5.23 -4.00
C LYS D 216 -7.23 -4.84 -4.39
N ALA D 217 -6.78 -3.70 -3.89
CA ALA D 217 -5.43 -3.26 -4.15
C ALA D 217 -4.41 -3.69 -3.09
N GLY D 218 -4.87 -4.46 -2.11
CA GLY D 218 -3.99 -5.00 -1.05
C GLY D 218 -3.63 -3.99 0.05
N HIS D 219 -4.49 -3.01 0.29
CA HIS D 219 -4.34 -2.11 1.39
C HIS D 219 -5.44 -2.29 2.43
N SER D 220 -5.12 -2.06 3.70
CA SER D 220 -6.18 -2.17 4.72
C SER D 220 -7.08 -0.95 4.63
N ALA D 221 -8.34 -1.19 5.01
CA ALA D 221 -9.38 -0.17 5.00
C ALA D 221 -10.51 -0.54 5.95
N ILE D 222 -11.36 0.43 6.22
CA ILE D 222 -12.54 0.21 7.05
C ILE D 222 -13.60 -0.19 6.06
N VAL D 223 -14.21 -1.35 6.24
CA VAL D 223 -15.30 -1.74 5.36
C VAL D 223 -16.61 -1.61 6.11
N HIS D 224 -17.61 -1.09 5.42
CA HIS D 224 -18.95 -0.93 5.99
C HIS D 224 -19.84 -1.82 5.15
N THR D 225 -20.37 -2.89 5.73
CA THR D 225 -21.22 -3.80 4.95
C THR D 225 -22.68 -3.48 5.12
N GLY D 226 -23.48 -3.98 4.19
CA GLY D 226 -24.93 -3.71 4.19
C GLY D 226 -25.79 -4.83 4.74
N GLY D 227 -25.16 -5.96 5.06
CA GLY D 227 -25.89 -7.13 5.58
C GLY D 227 -26.18 -8.09 4.47
N ASN D 228 -26.15 -9.37 4.80
CA ASN D 228 -26.44 -10.40 3.84
C ASN D 228 -27.80 -10.99 4.17
N PRO D 229 -28.81 -10.74 3.32
CA PRO D 229 -30.15 -11.22 3.68
C PRO D 229 -30.42 -12.66 3.28
N ASP D 230 -29.42 -13.30 2.73
CA ASP D 230 -29.59 -14.63 2.18
C ASP D 230 -28.78 -15.68 2.89
N CYS D 231 -28.72 -15.57 4.20
CA CYS D 231 -28.08 -16.59 5.02
C CYS D 231 -29.04 -17.68 5.50
N HIS D 232 -28.50 -18.85 5.75
CA HIS D 232 -29.25 -19.95 6.28
C HIS D 232 -28.33 -20.91 7.01
N VAL D 233 -28.98 -21.85 7.67
CA VAL D 233 -28.37 -22.77 8.56
C VAL D 233 -28.08 -24.02 7.80
N ILE D 234 -27.03 -24.74 8.22
CA ILE D 234 -26.69 -26.06 7.67
C ILE D 234 -26.57 -27.08 8.80
N LEU D 235 -27.35 -28.15 8.74
CA LEU D 235 -27.27 -29.19 9.75
C LEU D 235 -26.19 -30.17 9.36
N ARG D 236 -25.16 -30.30 10.18
CA ARG D 236 -24.04 -31.15 9.81
C ARG D 236 -23.67 -32.15 10.86
N GLY D 237 -24.58 -32.39 11.78
CA GLY D 237 -24.33 -33.35 12.84
C GLY D 237 -23.47 -32.79 13.97
N GLY D 238 -23.42 -33.52 15.08
CA GLY D 238 -22.58 -33.16 16.20
C GLY D 238 -22.05 -34.39 16.90
N LYS D 239 -22.18 -34.43 18.21
CA LYS D 239 -21.94 -35.68 18.96
C LYS D 239 -22.84 -36.78 18.36
N GLU D 240 -24.03 -36.37 17.91
CA GLU D 240 -24.93 -37.27 17.18
C GLU D 240 -25.45 -36.57 15.91
N PRO D 241 -25.90 -37.38 14.95
CA PRO D 241 -26.48 -36.84 13.73
C PRO D 241 -27.74 -36.01 13.94
N ASN D 242 -27.96 -35.05 13.06
CA ASN D 242 -29.10 -34.13 13.11
C ASN D 242 -29.77 -33.91 11.75
N TYR D 243 -29.82 -34.97 10.94
CA TYR D 243 -30.45 -34.87 9.62
C TYR D 243 -31.91 -35.31 9.55
N ASP D 244 -32.38 -36.03 10.57
CA ASP D 244 -33.74 -36.61 10.44
C ASP D 244 -34.86 -35.59 10.69
N ALA D 245 -36.07 -36.01 10.33
CA ALA D 245 -37.27 -35.17 10.35
C ALA D 245 -37.43 -34.41 11.65
N GLU D 246 -37.15 -35.11 12.74
CA GLU D 246 -37.35 -34.57 14.08
C GLU D 246 -36.38 -33.44 14.29
N HIS D 247 -35.13 -33.69 13.95
CA HIS D 247 -34.09 -32.67 14.13
C HIS D 247 -34.36 -31.47 13.22
N VAL D 248 -34.92 -31.73 12.07
CA VAL D 248 -35.31 -30.70 11.12
C VAL D 248 -36.47 -29.88 11.65
N SER D 249 -37.48 -30.55 12.18
CA SER D 249 -38.64 -29.86 12.71
C SER D 249 -38.23 -28.98 13.91
N GLU D 250 -37.37 -29.50 14.78
CA GLU D 250 -36.89 -28.75 15.97
C GLU D 250 -36.02 -27.55 15.55
N ALA D 251 -35.21 -27.74 14.51
CA ALA D 251 -34.43 -26.64 13.94
C ALA D 251 -35.35 -25.54 13.42
N ALA D 252 -36.31 -25.95 12.62
CA ALA D 252 -37.25 -25.03 12.00
C ALA D 252 -38.00 -24.19 13.03
N GLU D 253 -38.42 -24.81 14.14
CA GLU D 253 -39.21 -24.05 15.17
C GLU D 253 -38.29 -23.00 15.76
N GLN D 254 -37.03 -23.37 16.02
CA GLN D 254 -36.04 -22.43 16.58
C GLN D 254 -35.76 -21.27 15.63
N LEU D 255 -35.70 -21.58 14.34
CA LEU D 255 -35.47 -20.54 13.33
C LEU D 255 -36.66 -19.55 13.25
N ARG D 256 -37.89 -20.05 13.19
CA ARG D 256 -39.07 -19.19 13.18
C ARG D 256 -39.10 -18.30 14.42
N ALA D 257 -38.73 -18.90 15.54
CA ALA D 257 -38.69 -18.20 16.80
C ALA D 257 -37.73 -17.00 16.82
N ALA D 258 -36.58 -17.12 16.16
CA ALA D 258 -35.63 -16.01 16.05
C ALA D 258 -35.91 -15.11 14.83
N GLY D 259 -37.00 -15.38 14.12
CA GLY D 259 -37.46 -14.53 13.01
C GLY D 259 -36.58 -14.58 11.77
N VAL D 260 -35.98 -15.73 11.53
CA VAL D 260 -35.13 -15.90 10.36
C VAL D 260 -35.63 -17.08 9.57
N THR D 261 -35.11 -17.24 8.35
CA THR D 261 -35.66 -18.23 7.43
C THR D 261 -35.62 -19.63 8.03
N ASP D 262 -36.74 -20.33 7.93
CA ASP D 262 -36.85 -21.69 8.44
C ASP D 262 -36.58 -22.72 7.34
N LYS D 263 -35.87 -22.27 6.30
CA LYS D 263 -35.44 -23.15 5.24
C LYS D 263 -33.98 -23.44 5.46
N LEU D 264 -33.64 -24.71 5.46
CA LEU D 264 -32.29 -25.11 5.84
C LEU D 264 -31.66 -26.16 4.92
N MET D 265 -30.36 -26.35 5.07
CA MET D 265 -29.58 -27.27 4.31
C MET D 265 -29.13 -28.39 5.25
N ILE D 266 -29.05 -29.61 4.71
CA ILE D 266 -28.54 -30.75 5.47
C ILE D 266 -27.30 -31.32 4.83
N ASP D 267 -26.22 -31.41 5.60
CA ASP D 267 -24.98 -31.97 5.10
C ASP D 267 -25.08 -33.47 5.28
N CYS D 268 -24.94 -34.19 4.18
CA CYS D 268 -24.92 -35.65 4.20
C CYS D 268 -23.64 -36.24 4.74
N SER D 269 -22.58 -35.44 4.84
CA SER D 269 -21.27 -35.93 5.23
C SER D 269 -20.85 -35.49 6.64
N HIS D 270 -19.54 -35.42 6.86
CA HIS D 270 -18.97 -35.02 8.13
C HIS D 270 -19.59 -35.75 9.32
N ALA D 271 -20.07 -35.03 10.33
CA ALA D 271 -20.61 -35.66 11.52
C ALA D 271 -21.98 -36.32 11.28
N ASN D 272 -22.67 -36.03 10.18
CA ASN D 272 -23.90 -36.74 9.88
C ASN D 272 -23.69 -38.16 9.34
N SER D 273 -22.52 -38.39 8.75
CA SER D 273 -22.17 -39.70 8.21
C SER D 273 -21.15 -40.37 9.11
N ARG D 274 -20.77 -39.67 10.18
CA ARG D 274 -19.75 -40.16 11.14
C ARG D 274 -18.42 -40.37 10.41
N LYS D 275 -18.19 -39.56 9.39
CA LYS D 275 -16.95 -39.58 8.61
C LYS D 275 -16.77 -40.89 7.81
N ASP D 276 -17.88 -41.57 7.58
CA ASP D 276 -17.92 -42.76 6.76
C ASP D 276 -18.63 -42.36 5.47
N TYR D 277 -17.87 -42.23 4.39
CA TYR D 277 -18.46 -41.83 3.14
C TYR D 277 -19.59 -42.76 2.66
N THR D 278 -19.56 -44.03 3.04
CA THR D 278 -20.66 -44.98 2.64
C THR D 278 -22.02 -44.70 3.29
N ARG D 279 -22.02 -43.84 4.31
CA ARG D 279 -23.28 -43.42 4.95
C ARG D 279 -23.93 -42.21 4.29
N GLN D 280 -23.21 -41.50 3.43
CA GLN D 280 -23.81 -40.33 2.81
C GLN D 280 -25.08 -40.78 2.13
N MET D 281 -25.06 -41.96 1.51
CA MET D 281 -26.25 -42.40 0.80
C MET D 281 -27.43 -42.59 1.75
N GLU D 282 -27.16 -43.16 2.93
CA GLU D 282 -28.20 -43.36 3.95
C GLU D 282 -28.86 -42.04 4.33
N VAL D 283 -28.05 -41.01 4.56
CA VAL D 283 -28.59 -39.70 4.91
C VAL D 283 -29.46 -39.13 3.78
N ALA D 284 -28.99 -39.26 2.55
CA ALA D 284 -29.77 -38.82 1.38
C ALA D 284 -31.07 -39.61 1.26
N GLN D 285 -31.02 -40.88 1.62
CA GLN D 285 -32.23 -41.71 1.60
C GLN D 285 -33.25 -41.19 2.61
N ASP D 286 -32.78 -40.86 3.80
CA ASP D 286 -33.65 -40.26 4.79
C ASP D 286 -34.23 -38.95 4.29
N ILE D 287 -33.40 -38.14 3.65
CA ILE D 287 -33.85 -36.83 3.15
C ILE D 287 -34.89 -37.02 2.08
N ALA D 288 -34.59 -37.93 1.17
CA ALA D 288 -35.53 -38.29 0.09
C ALA D 288 -36.91 -38.61 0.63
N ALA D 289 -36.94 -39.44 1.69
CA ALA D 289 -38.19 -39.82 2.31
C ALA D 289 -38.86 -38.60 2.91
N GLN D 290 -38.09 -37.71 3.53
CA GLN D 290 -38.70 -36.50 4.12
C GLN D 290 -39.30 -35.63 3.03
N LEU D 291 -38.66 -35.59 1.87
CA LEU D 291 -39.15 -34.80 0.74
C LEU D 291 -40.43 -35.40 0.16
N GLU D 292 -40.50 -36.73 0.16
CA GLU D 292 -41.73 -37.45 -0.23
C GLU D 292 -42.90 -37.22 0.71
N GLN D 293 -42.69 -37.36 2.02
CA GLN D 293 -43.79 -37.14 3.00
C GLN D 293 -44.21 -35.67 3.13
N ASP D 294 -43.23 -34.79 3.30
CA ASP D 294 -43.48 -33.35 3.45
C ASP D 294 -42.19 -32.59 3.09
N GLY D 295 -41.26 -32.49 4.05
CA GLY D 295 -39.94 -31.89 3.82
C GLY D 295 -39.96 -30.43 3.41
N GLY D 296 -41.02 -29.72 3.83
CA GLY D 296 -41.18 -28.30 3.52
C GLY D 296 -40.04 -27.37 3.93
N ASN D 297 -39.30 -27.73 4.98
CA ASN D 297 -38.24 -26.86 5.53
C ASN D 297 -36.83 -27.07 4.94
N ILE D 298 -36.72 -28.01 4.02
CA ILE D 298 -35.43 -28.36 3.45
C ILE D 298 -35.29 -27.56 2.16
N MET D 299 -34.24 -26.76 2.06
CA MET D 299 -33.93 -26.06 0.80
C MET D 299 -32.67 -26.60 0.12
N GLY D 300 -31.91 -27.44 0.81
CA GLY D 300 -30.72 -28.00 0.17
C GLY D 300 -30.00 -29.10 0.90
N VAL D 301 -29.07 -29.70 0.18
CA VAL D 301 -28.19 -30.73 0.75
C VAL D 301 -26.76 -30.53 0.32
N MET D 302 -25.86 -31.14 1.07
CA MET D 302 -24.43 -31.05 0.83
C MET D 302 -23.87 -32.47 0.78
N VAL D 303 -23.03 -32.74 -0.23
CA VAL D 303 -22.49 -34.07 -0.48
C VAL D 303 -21.01 -33.97 -0.79
N GLU D 304 -20.20 -34.79 -0.13
CA GLU D 304 -18.77 -34.84 -0.42
C GLU D 304 -18.53 -35.98 -1.44
N SER D 305 -18.22 -35.57 -2.68
CA SER D 305 -18.23 -36.43 -3.87
C SER D 305 -17.02 -36.17 -4.77
N HIS D 306 -16.48 -37.22 -5.39
CA HIS D 306 -15.33 -37.14 -6.30
C HIS D 306 -15.43 -38.21 -7.39
N LEU D 307 -14.46 -38.21 -8.29
CA LEU D 307 -14.43 -39.18 -9.40
C LEU D 307 -14.28 -40.56 -8.84
N VAL D 308 -13.37 -40.67 -7.90
CA VAL D 308 -13.04 -41.92 -7.25
C VAL D 308 -13.33 -41.82 -5.75
N GLU D 309 -13.89 -42.89 -5.21
CA GLU D 309 -14.32 -42.92 -3.81
C GLU D 309 -13.14 -43.07 -2.86
N GLY D 310 -13.37 -42.69 -1.61
CA GLY D 310 -12.46 -42.93 -0.54
C GLY D 310 -11.55 -41.74 -0.26
N ARG D 311 -10.39 -42.03 0.30
CA ARG D 311 -9.40 -41.03 0.52
C ARG D 311 -7.99 -41.61 0.43
N GLN D 312 -7.01 -40.72 0.44
CA GLN D 312 -5.58 -41.14 0.46
C GLN D 312 -4.73 -40.06 1.11
N ASP D 313 -3.65 -40.45 1.76
CA ASP D 313 -2.79 -39.50 2.46
C ASP D 313 -1.96 -38.68 1.47
N LYS D 314 -1.43 -39.34 0.46
CA LYS D 314 -0.70 -38.68 -0.60
C LYS D 314 -1.50 -38.68 -1.90
N PRO D 315 -1.33 -37.64 -2.76
CA PRO D 315 -2.08 -37.47 -4.00
C PRO D 315 -1.60 -38.35 -5.15
N GLU D 316 -1.70 -39.65 -4.93
CA GLU D 316 -1.20 -40.68 -5.83
C GLU D 316 -2.22 -40.96 -6.93
N VAL D 317 -3.45 -41.28 -6.53
CA VAL D 317 -4.49 -41.63 -7.46
C VAL D 317 -5.18 -40.37 -7.91
N TYR D 318 -5.50 -40.32 -9.18
CA TYR D 318 -6.25 -39.22 -9.75
C TYR D 318 -7.70 -39.24 -9.26
N GLY D 319 -8.24 -38.07 -8.94
CA GLY D 319 -9.66 -37.94 -8.69
C GLY D 319 -10.12 -38.50 -7.36
N LYS D 320 -9.19 -38.54 -6.41
CA LYS D 320 -9.41 -39.18 -5.13
C LYS D 320 -8.94 -38.24 -4.02
N SER D 321 -9.84 -37.99 -3.07
CA SER D 321 -9.62 -37.00 -2.03
C SER D 321 -8.40 -37.28 -1.20
N ILE D 322 -7.72 -36.20 -0.83
CA ILE D 322 -6.63 -36.28 0.17
C ILE D 322 -7.03 -35.66 1.56
N THR D 323 -8.29 -35.27 1.68
CA THR D 323 -8.88 -34.81 2.95
C THR D 323 -10.04 -35.76 3.33
N ASP D 324 -11.27 -35.30 3.58
CA ASP D 324 -12.32 -36.28 3.96
C ASP D 324 -12.54 -37.25 2.83
N ALA D 325 -12.98 -38.45 3.15
CA ALA D 325 -13.31 -39.42 2.12
C ALA D 325 -14.57 -39.01 1.39
N CYS D 326 -14.61 -39.26 0.09
CA CYS D 326 -15.79 -38.95 -0.74
C CYS D 326 -16.45 -40.19 -1.32
N ILE D 327 -17.71 -40.07 -1.69
CA ILE D 327 -18.32 -41.08 -2.54
C ILE D 327 -17.79 -40.85 -3.94
N GLY D 328 -17.85 -41.92 -4.70
CA GLY D 328 -17.36 -41.92 -6.06
C GLY D 328 -18.44 -41.50 -7.04
N TRP D 329 -18.07 -41.52 -8.32
CA TRP D 329 -18.95 -41.00 -9.32
C TRP D 329 -20.23 -41.87 -9.48
N GLY D 330 -20.08 -43.18 -9.42
CA GLY D 330 -21.22 -44.08 -9.50
C GLY D 330 -22.25 -43.77 -8.42
N ALA D 331 -21.80 -43.79 -7.17
CA ALA D 331 -22.62 -43.45 -6.04
C ALA D 331 -23.22 -42.03 -6.21
N THR D 332 -22.46 -41.12 -6.84
CA THR D 332 -22.97 -39.76 -7.06
C THR D 332 -24.17 -39.70 -7.97
N GLU D 333 -24.10 -40.40 -9.09
CA GLU D 333 -25.22 -40.47 -10.04
C GLU D 333 -26.49 -40.99 -9.42
N GLU D 334 -26.33 -42.03 -8.62
CA GLU D 334 -27.41 -42.64 -7.85
C GLU D 334 -28.01 -41.67 -6.78
N LEU D 335 -27.16 -41.02 -6.01
CA LEU D 335 -27.63 -40.09 -4.99
C LEU D 335 -28.41 -38.92 -5.64
N LEU D 336 -27.90 -38.42 -6.75
CA LEU D 336 -28.58 -37.30 -7.45
C LEU D 336 -29.90 -37.69 -8.05
N ALA D 337 -29.97 -38.87 -8.66
CA ALA D 337 -31.24 -39.36 -9.20
C ALA D 337 -32.25 -39.56 -8.07
N LEU D 338 -31.78 -40.14 -6.97
CA LEU D 338 -32.63 -40.36 -5.79
C LEU D 338 -33.26 -39.04 -5.34
N LEU D 339 -32.44 -38.03 -5.12
CA LEU D 339 -32.95 -36.72 -4.71
C LEU D 339 -33.80 -36.02 -5.77
N ALA D 340 -33.44 -36.14 -7.03
CA ALA D 340 -34.22 -35.54 -8.06
C ALA D 340 -35.63 -36.14 -8.03
N GLY D 341 -35.68 -37.46 -8.02
CA GLY D 341 -36.96 -38.15 -8.05
C GLY D 341 -37.82 -37.70 -6.87
N ALA D 342 -37.22 -37.70 -5.69
CA ALA D 342 -37.95 -37.37 -4.49
C ALA D 342 -38.50 -35.96 -4.55
N ASN D 343 -37.67 -35.02 -4.97
CA ASN D 343 -38.09 -33.62 -5.00
C ASN D 343 -39.09 -33.27 -6.11
N LYS D 344 -39.05 -34.00 -7.21
CA LYS D 344 -40.05 -33.83 -8.26
C LYS D 344 -41.47 -34.00 -7.72
N LYS D 345 -41.61 -34.88 -6.72
CA LYS D 345 -42.91 -35.15 -6.11
C LYS D 345 -43.27 -34.03 -5.15
N ARG D 346 -42.30 -33.57 -4.36
CA ARG D 346 -42.57 -32.45 -3.46
C ARG D 346 -43.04 -31.24 -4.27
N MET D 347 -42.48 -31.03 -5.42
CA MET D 347 -42.81 -29.87 -6.15
C MET D 347 -44.15 -30.05 -6.81
N ALA D 348 -44.58 -31.28 -6.99
CA ALA D 348 -45.91 -31.60 -7.50
C ALA D 348 -47.05 -31.28 -6.55
N ARG D 349 -46.83 -31.51 -5.28
CA ARG D 349 -47.80 -31.26 -4.26
C ARG D 349 -48.05 -29.78 -4.16
N ALA D 350 -47.19 -28.99 -4.77
CA ALA D 350 -47.42 -27.59 -4.92
C ALA D 350 -47.76 -27.26 -6.36
MN MN E . 17.42 30.86 -3.46
S SO4 F . 23.82 25.88 -4.88
O1 SO4 F . 23.76 26.67 -3.62
O2 SO4 F . 22.45 25.52 -5.29
O3 SO4 F . 24.43 26.67 -5.99
O4 SO4 F . 24.64 24.66 -4.63
S SO4 G . 16.04 29.55 -9.12
O1 SO4 G . 15.45 29.55 -7.74
O2 SO4 G . 15.28 28.40 -9.69
O3 SO4 G . 15.91 30.89 -9.69
O4 SO4 G . 17.52 29.22 -9.04
MN MN H . 14.04 11.82 -30.81
S SO4 I . 17.28 15.41 -27.24
O1 SO4 I . 17.20 15.23 -25.78
O2 SO4 I . 15.92 15.51 -27.81
O3 SO4 I . 18.04 16.65 -27.55
O4 SO4 I . 17.97 14.25 -27.85
MN MN J . -16.74 -10.52 30.13
S SO4 K . -24.33 -10.47 24.56
O1 SO4 K . -25.07 -9.81 25.66
O2 SO4 K . -25.14 -11.57 24.02
O3 SO4 K . -24.10 -9.53 23.44
O4 SO4 K . -23.03 -10.99 25.06
S SO4 L . -15.84 -16.06 27.78
O1 SO4 L . -17.16 -16.73 27.75
O2 SO4 L . -15.19 -16.21 26.47
O3 SO4 L . -16.02 -14.62 28.08
O4 SO4 L . -15.00 -16.68 28.82
MN MN M . -14.83 -32.07 4.35
S SO4 N . -8.45 -32.97 10.19
O1 SO4 N . -9.40 -32.92 11.32
O2 SO4 N . -9.26 -33.40 9.04
O3 SO4 N . -7.85 -31.64 9.95
O4 SO4 N . -7.32 -33.90 10.46
S SO4 O . -17.72 -28.98 8.70
O1 SO4 O . -19.04 -28.36 8.48
O2 SO4 O . -17.11 -29.33 7.39
O3 SO4 O . -16.83 -28.02 9.41
O4 SO4 O . -17.87 -30.20 9.52
#